data_3NVQ
#
_entry.id   3NVQ
#
_cell.length_a   99.645
_cell.length_b   126.078
_cell.length_c   236.419
_cell.angle_alpha   90.00
_cell.angle_beta   90.00
_cell.angle_gamma   90.00
#
_symmetry.space_group_name_H-M   'P 21 21 21'
#
loop_
_entity.id
_entity.type
_entity.pdbx_description
1 polymer Semaphorin-7A
2 polymer Plexin-C1
3 non-polymer 2-acetamido-2-deoxy-beta-D-glucopyranose
4 non-polymer 2-acetamido-2-deoxy-alpha-D-glucopyranose
5 water water
#
loop_
_entity_poly.entity_id
_entity_poly.type
_entity_poly.pdbx_seq_one_letter_code
_entity_poly.pdbx_strand_id
1 'polypeptide(L)'
;QGHLRSGPRIFAVWKGHVGQDRVDFGQTEPHTVLFHEPGSSSVWVGGRGKVYLFDFPEGKNASVRTVNIGSTKGSCLDKR
DCENYITLLERRSEGLLACGTNARHPSCWNLVNGTVVPLGEMRGYAPFSPDENSLVLFEGDEVYSTIRKQEYNGKIPRFR
RIRGESELYTSDTVMQNPQFIKATIVHQDQAYDDKIYYFFREDNPDKNPEAPLNVSRVAQLCRGDQGGESSLSVSKWNTF
LKAMLVCSDAATNKNFNRLQDVFLLPDPSGQWRDTRVYGVFSNPWNYSAVCVYSLGDIDKVFRTSSLKGYHSSLPNPRPG
KCLPDQQPIPTETFQVADRHPEVAQRVEPMGPLKTPLFHSKYHYQKVAVHRMQASHGETFHVLYLTTDRGTIHKVVEPGE
QEHSFAFNIMEIQPFRRAAAIQTMSLDAERRKLYVSSQWEVSQVPLDLCEVYGGGCHGCLMSRDPYCGWDQGRCISIYSS
ERSVLQSINPAEPHKECPNPKPDKAPLQKVSLAPNSRYYLSCPMESRHATYSWRHKENVEQSCEPGHQSPNCILFIENLT
AQQYGHYFCEAQEGSYFREAQHWQLLPEDG
;
A,E
2 'polypeptide(L)'
;ADEPVWRSEQAIGAIAASQEDGVFVASGSCLDQLDYSLEHSLSRLYRDQAGNCTEPVSLAPPARPRPGSSFSKLLLPYRE
GAAGLGGLLLTGWTFDRGACEVRPLGNLSRNSLRNGTEVVSCHPQGSTAGVVYRAGRNNRWYLAVAATYVLPEPETASRC
NPAASDHDTAIALKDTEGRSLATQELGRLKLCEGAGSLHFVDAFLWNGSIYFPYYPYNYTSGAATGWPSMARIAQSTEVL
FQGQASLDCGHGHPDGRRLLLSSSLVEALDVWAGVFSAAAGEGQERRSPTTTALCLFRMSEIQARAKRVSWDFKTAESHC
KEGDQPERVQPIASSTLIHSDLTSVYGTVVMNRTVLFLGTGDGQLLKVILGENLTSNCPEVIYEIKEETPVFYKLVPDPV
KNIYIYLTAGKEVRRIRVANCNKHKSCSECLTATDPHCGWCHSLQRCTFQGDCVHSENLENWLDISSGAKKCPGAP
;
B,F
#
loop_
_chem_comp.id
_chem_comp.type
_chem_comp.name
_chem_comp.formula
NAG D-saccharide, beta linking 2-acetamido-2-deoxy-beta-D-glucopyranose 'C8 H15 N O6'
NDG D-saccharide, alpha linking 2-acetamido-2-deoxy-alpha-D-glucopyranose 'C8 H15 N O6'
#
# COMPACT_ATOMS: atom_id res chain seq x y z
N GLY A 2 27.52 15.16 2.17
CA GLY A 2 28.32 15.12 0.91
C GLY A 2 28.80 16.49 0.48
N HIS A 3 28.74 16.75 -0.82
CA HIS A 3 29.17 18.04 -1.38
C HIS A 3 28.18 18.52 -2.45
N LEU A 4 27.88 19.81 -2.44
CA LEU A 4 26.97 20.38 -3.42
C LEU A 4 27.73 20.91 -4.63
N ARG A 5 28.31 19.98 -5.37
CA ARG A 5 29.05 20.28 -6.58
C ARG A 5 28.11 19.90 -7.72
N SER A 6 26.84 19.72 -7.36
CA SER A 6 25.81 19.35 -8.31
C SER A 6 25.34 20.56 -9.11
N GLY A 7 25.81 21.75 -8.73
CA GLY A 7 25.45 22.96 -9.44
C GLY A 7 26.55 23.23 -10.46
N PRO A 8 26.24 23.83 -11.63
CA PRO A 8 27.30 24.10 -12.62
C PRO A 8 28.44 24.91 -12.03
N ARG A 9 29.66 24.45 -12.26
CA ARG A 9 30.83 25.17 -11.75
C ARG A 9 31.12 26.36 -12.65
N ILE A 10 30.75 26.25 -13.91
CA ILE A 10 30.98 27.31 -14.89
C ILE A 10 29.80 27.57 -15.82
N PHE A 11 29.44 28.84 -15.96
CA PHE A 11 28.38 29.19 -16.87
C PHE A 11 29.12 29.58 -18.14
N ALA A 12 29.31 28.59 -19.00
CA ALA A 12 30.03 28.77 -20.26
C ALA A 12 29.51 29.88 -21.15
N VAL A 13 30.43 30.51 -21.86
CA VAL A 13 30.12 31.56 -22.82
C VAL A 13 30.69 30.95 -24.08
N TRP A 14 29.82 30.61 -25.02
CA TRP A 14 30.24 29.96 -26.25
C TRP A 14 30.56 30.89 -27.41
N LYS A 15 31.86 31.03 -27.69
CA LYS A 15 32.31 31.85 -28.81
C LYS A 15 32.74 30.82 -29.84
N GLY A 16 31.81 30.36 -30.66
CA GLY A 16 32.16 29.36 -31.66
C GLY A 16 32.70 29.92 -32.96
N HIS A 17 32.20 29.39 -34.06
CA HIS A 17 32.60 29.83 -35.40
C HIS A 17 31.35 30.25 -36.15
N VAL A 18 31.15 31.55 -36.27
CA VAL A 18 29.99 32.13 -36.95
C VAL A 18 29.54 31.41 -38.22
N GLY A 19 28.27 31.01 -38.24
CA GLY A 19 27.72 30.34 -39.40
C GLY A 19 27.99 28.84 -39.47
N GLN A 20 28.75 28.33 -38.52
CA GLN A 20 29.08 26.90 -38.48
C GLN A 20 28.36 26.11 -37.40
N ASP A 21 28.01 26.78 -36.32
CA ASP A 21 27.39 26.11 -35.18
C ASP A 21 25.89 25.92 -35.11
N ARG A 22 25.12 26.88 -35.61
CA ARG A 22 23.68 26.74 -35.53
C ARG A 22 22.94 27.51 -36.62
N VAL A 23 21.83 26.93 -37.08
CA VAL A 23 21.03 27.55 -38.14
C VAL A 23 19.57 27.69 -37.74
N ASP A 24 18.99 28.84 -38.07
CA ASP A 24 17.59 29.11 -37.77
C ASP A 24 16.65 28.56 -38.82
N PHE A 25 15.38 28.39 -38.44
CA PHE A 25 14.36 27.95 -39.38
C PHE A 25 13.97 29.28 -40.00
N GLY A 26 13.22 29.24 -41.08
CA GLY A 26 12.80 30.50 -41.67
C GLY A 26 11.77 31.14 -40.76
N GLN A 27 10.94 30.30 -40.15
CA GLN A 27 9.87 30.74 -39.26
C GLN A 27 9.91 30.02 -37.92
N THR A 28 8.84 30.18 -37.14
CA THR A 28 8.76 29.54 -35.83
C THR A 28 7.99 28.22 -35.89
N GLU A 29 8.60 27.15 -35.40
CA GLU A 29 8.01 25.82 -35.41
C GLU A 29 7.70 25.28 -34.01
N PRO A 30 6.44 25.34 -33.59
CA PRO A 30 6.05 24.87 -32.26
C PRO A 30 6.13 23.35 -32.07
N HIS A 31 5.84 22.59 -33.14
CA HIS A 31 5.87 21.14 -33.06
C HIS A 31 6.88 20.53 -34.03
N THR A 32 7.98 20.02 -33.46
CA THR A 32 9.06 19.44 -34.26
C THR A 32 9.57 18.07 -33.83
N VAL A 33 10.26 17.41 -34.76
CA VAL A 33 10.85 16.11 -34.57
C VAL A 33 12.21 16.21 -35.19
N LEU A 34 13.21 15.58 -34.58
CA LEU A 34 14.54 15.65 -35.14
C LEU A 34 15.13 14.28 -35.40
N PHE A 35 15.61 14.09 -36.63
CA PHE A 35 16.23 12.84 -37.01
C PHE A 35 17.68 13.09 -37.39
N HIS A 36 18.55 12.21 -36.92
CA HIS A 36 19.95 12.31 -37.24
C HIS A 36 20.71 11.03 -36.96
N GLU A 37 21.32 10.49 -38.00
CA GLU A 37 22.10 9.28 -37.87
C GLU A 37 23.51 9.66 -37.48
N PRO A 38 24.04 9.01 -36.43
CA PRO A 38 25.41 9.32 -35.99
C PRO A 38 26.44 9.30 -37.13
N GLY A 39 27.32 10.29 -37.12
CA GLY A 39 28.35 10.38 -38.13
C GLY A 39 27.98 11.25 -39.31
N SER A 40 26.68 11.36 -39.59
CA SER A 40 26.22 12.15 -40.73
C SER A 40 26.39 13.65 -40.51
N SER A 41 26.39 14.39 -41.61
CA SER A 41 26.50 15.84 -41.52
C SER A 41 25.10 16.41 -41.74
N SER A 42 24.14 15.52 -41.95
CA SER A 42 22.77 15.92 -42.17
C SER A 42 21.89 15.77 -40.93
N VAL A 43 21.00 16.75 -40.76
CA VAL A 43 20.08 16.73 -39.64
C VAL A 43 18.70 17.04 -40.21
N TRP A 44 17.79 16.10 -40.02
CA TRP A 44 16.44 16.27 -40.53
C TRP A 44 15.47 16.69 -39.42
N VAL A 45 14.65 17.69 -39.73
CA VAL A 45 13.67 18.20 -38.77
C VAL A 45 12.26 18.36 -39.34
N GLY A 46 11.33 17.53 -38.86
CA GLY A 46 9.96 17.63 -39.33
C GLY A 46 9.25 18.82 -38.70
N GLY A 47 8.53 19.58 -39.51
CA GLY A 47 7.83 20.74 -39.01
C GLY A 47 6.44 20.93 -39.61
N ARG A 48 6.01 22.17 -39.71
CA ARG A 48 4.70 22.48 -40.24
C ARG A 48 4.66 22.52 -41.78
N GLY A 49 4.11 21.47 -42.38
CA GLY A 49 4.01 21.42 -43.83
C GLY A 49 5.31 21.18 -44.57
N LYS A 50 6.36 20.79 -43.85
CA LYS A 50 7.63 20.55 -44.49
C LYS A 50 8.59 19.82 -43.58
N VAL A 51 9.75 19.50 -44.13
CA VAL A 51 10.82 18.83 -43.40
C VAL A 51 12.06 19.62 -43.75
N TYR A 52 12.86 19.92 -42.73
CA TYR A 52 14.08 20.68 -42.92
C TYR A 52 15.28 19.75 -43.09
N LEU A 53 16.19 20.14 -43.97
CA LEU A 53 17.39 19.36 -44.19
C LEU A 53 18.57 20.27 -43.87
N PHE A 54 19.14 20.05 -42.69
CA PHE A 54 20.28 20.81 -42.22
C PHE A 54 21.53 20.09 -42.60
N ASP A 55 22.57 20.88 -42.90
CA ASP A 55 23.88 20.33 -43.23
C ASP A 55 24.88 20.99 -42.30
N PHE A 56 25.61 20.16 -41.55
CA PHE A 56 26.61 20.64 -40.62
C PHE A 56 27.98 20.06 -40.94
N PRO A 57 28.56 20.46 -42.09
CA PRO A 57 29.88 20.01 -42.58
C PRO A 57 31.00 20.41 -41.62
N GLU A 58 31.71 19.42 -41.10
CA GLU A 58 32.78 19.66 -40.15
C GLU A 58 33.75 20.74 -40.60
N GLY A 59 34.05 21.67 -39.70
CA GLY A 59 34.97 22.75 -40.02
C GLY A 59 34.48 23.71 -41.07
N LYS A 60 33.21 23.57 -41.49
CA LYS A 60 32.66 24.47 -42.50
C LYS A 60 31.26 24.96 -42.15
N ASN A 61 30.89 26.11 -42.71
CA ASN A 61 29.58 26.71 -42.49
C ASN A 61 28.44 25.73 -42.71
N ALA A 62 27.40 25.85 -41.88
CA ALA A 62 26.24 24.97 -41.97
C ALA A 62 25.12 25.71 -42.68
N SER A 63 24.11 24.96 -43.14
CA SER A 63 22.99 25.56 -43.88
C SER A 63 21.71 24.75 -43.81
N VAL A 64 20.64 25.34 -44.34
CA VAL A 64 19.33 24.72 -44.37
C VAL A 64 18.82 24.45 -45.78
N ARG A 65 17.77 23.66 -45.85
CA ARG A 65 17.12 23.29 -47.09
C ARG A 65 15.73 22.85 -46.66
N THR A 66 14.71 23.41 -47.28
CA THR A 66 13.33 23.06 -46.93
C THR A 66 12.65 22.23 -48.01
N VAL A 67 12.00 21.16 -47.59
CA VAL A 67 11.29 20.28 -48.50
C VAL A 67 9.81 20.25 -48.15
N ASN A 68 9.06 21.20 -48.71
CA ASN A 68 7.64 21.26 -48.43
C ASN A 68 6.89 19.98 -48.74
N ILE A 69 6.10 19.54 -47.76
CA ILE A 69 5.27 18.34 -47.88
C ILE A 69 3.92 18.86 -47.44
N GLY A 70 3.50 19.96 -48.06
CA GLY A 70 2.23 20.60 -47.74
C GLY A 70 1.05 19.67 -47.54
N SER A 71 0.04 20.19 -46.85
CA SER A 71 -1.18 19.45 -46.57
C SER A 71 -1.97 19.25 -47.85
N THR A 72 -1.26 19.33 -48.98
CA THR A 72 -1.89 19.16 -50.29
C THR A 72 -2.40 17.73 -50.52
N LYS A 73 -3.46 17.38 -49.80
CA LYS A 73 -4.10 16.08 -49.92
C LYS A 73 -5.53 16.24 -49.43
N GLY A 74 -6.07 17.44 -49.65
CA GLY A 74 -7.43 17.76 -49.24
C GLY A 74 -7.46 18.98 -48.34
N SER A 75 -7.28 20.16 -48.93
CA SER A 75 -7.29 21.41 -48.17
C SER A 75 -8.67 21.66 -47.56
N CYS A 76 -8.69 22.10 -46.31
CA CYS A 76 -9.94 22.37 -45.59
C CYS A 76 -10.67 23.64 -45.96
N LEU A 77 -11.99 23.55 -45.99
CA LEU A 77 -12.84 24.71 -46.22
C LEU A 77 -12.93 25.21 -44.78
N ASP A 78 -13.12 26.50 -44.58
CA ASP A 78 -13.17 27.04 -43.22
C ASP A 78 -11.80 26.72 -42.62
N LYS A 79 -10.79 27.47 -43.08
CA LYS A 79 -9.40 27.30 -42.65
C LYS A 79 -9.20 27.62 -41.16
N ARG A 80 -8.57 26.69 -40.45
CA ARG A 80 -8.31 26.86 -39.02
C ARG A 80 -6.92 26.33 -38.66
N ASP A 81 -6.81 25.01 -38.65
CA ASP A 81 -5.56 24.34 -38.32
C ASP A 81 -5.49 23.00 -39.04
N CYS A 82 -5.41 23.07 -40.37
CA CYS A 82 -5.33 21.88 -41.20
C CYS A 82 -3.95 21.73 -41.81
N GLU A 83 -2.94 21.87 -40.96
CA GLU A 83 -1.56 21.77 -41.38
C GLU A 83 -1.15 20.30 -41.43
N ASN A 84 0.02 20.04 -42.00
CA ASN A 84 0.53 18.68 -42.09
C ASN A 84 1.81 18.64 -41.28
N TYR A 85 1.66 18.57 -39.97
CA TYR A 85 2.79 18.51 -39.07
C TYR A 85 3.51 17.17 -39.21
N ILE A 86 4.79 17.24 -39.55
CA ILE A 86 5.59 16.03 -39.70
C ILE A 86 6.01 15.64 -38.29
N THR A 87 5.52 14.51 -37.83
CA THR A 87 5.79 14.05 -36.49
C THR A 87 6.68 12.81 -36.43
N LEU A 88 7.04 12.28 -37.60
CA LEU A 88 7.87 11.08 -37.65
C LEU A 88 8.87 11.10 -38.82
N LEU A 89 10.10 10.71 -38.52
CA LEU A 89 11.21 10.66 -39.49
C LEU A 89 12.00 9.41 -39.21
N GLU A 90 11.94 8.46 -40.11
CA GLU A 90 12.65 7.21 -39.92
C GLU A 90 13.22 6.81 -41.26
N ARG A 91 14.48 6.42 -41.30
CA ARG A 91 15.02 6.01 -42.58
C ARG A 91 14.96 4.49 -42.70
N ARG A 92 14.45 4.03 -43.82
CA ARG A 92 14.31 2.61 -44.10
C ARG A 92 15.16 2.31 -45.33
N SER A 93 15.16 1.06 -45.76
CA SER A 93 15.92 0.66 -46.95
C SER A 93 15.32 1.37 -48.16
N GLU A 94 14.01 1.61 -48.13
CA GLU A 94 13.33 2.28 -49.23
C GLU A 94 13.64 3.78 -49.27
N GLY A 95 14.13 4.32 -48.16
CA GLY A 95 14.45 5.74 -48.09
C GLY A 95 13.99 6.34 -46.78
N LEU A 96 13.95 7.68 -46.70
CA LEU A 96 13.54 8.35 -45.49
C LEU A 96 12.03 8.42 -45.34
N LEU A 97 11.51 7.75 -44.32
CA LEU A 97 10.07 7.75 -44.08
C LEU A 97 9.68 9.00 -43.29
N ALA A 98 8.65 9.68 -43.77
CA ALA A 98 8.17 10.88 -43.10
C ALA A 98 6.65 10.79 -42.99
N CYS A 99 6.13 10.82 -41.77
CA CYS A 99 4.69 10.74 -41.57
C CYS A 99 4.16 11.98 -40.89
N GLY A 100 2.96 12.40 -41.27
CA GLY A 100 2.40 13.61 -40.68
C GLY A 100 0.92 13.58 -40.39
N THR A 101 0.46 14.62 -39.72
CA THR A 101 -0.95 14.74 -39.35
C THR A 101 -1.86 14.89 -40.56
N ASN A 102 -1.37 15.58 -41.59
CA ASN A 102 -2.10 15.79 -42.83
C ASN A 102 -3.57 16.17 -42.64
N ALA A 103 -3.80 17.31 -42.00
CA ALA A 103 -5.16 17.79 -41.75
C ALA A 103 -6.04 16.69 -41.14
N ARG A 104 -5.61 16.15 -40.01
CA ARG A 104 -6.33 15.09 -39.33
C ARG A 104 -6.58 13.86 -40.22
N HIS A 105 -5.59 13.53 -41.05
CA HIS A 105 -5.66 12.38 -41.95
C HIS A 105 -4.27 11.74 -42.04
N PRO A 106 -3.77 11.18 -40.92
CA PRO A 106 -2.47 10.52 -40.76
C PRO A 106 -1.94 9.80 -41.98
N SER A 107 -0.83 10.31 -42.52
CA SER A 107 -0.26 9.72 -43.72
C SER A 107 1.28 9.79 -43.73
N CYS A 108 1.89 9.03 -44.62
CA CYS A 108 3.35 9.02 -44.73
C CYS A 108 3.82 9.26 -46.16
N TRP A 109 5.06 9.71 -46.28
CA TRP A 109 5.69 9.97 -47.56
C TRP A 109 7.08 9.36 -47.52
N ASN A 110 7.64 9.09 -48.69
CA ASN A 110 8.97 8.51 -48.77
C ASN A 110 9.84 9.47 -49.53
N LEU A 111 10.99 9.81 -48.95
CA LEU A 111 11.94 10.72 -49.58
C LEU A 111 13.17 9.91 -49.94
N VAL A 112 13.33 9.61 -51.23
CA VAL A 112 14.44 8.80 -51.68
C VAL A 112 15.54 9.62 -52.35
N ASN A 113 15.27 10.11 -53.55
CA ASN A 113 16.28 10.88 -54.26
C ASN A 113 15.75 12.23 -54.69
N GLY A 114 15.55 13.10 -53.71
CA GLY A 114 15.04 14.44 -53.98
C GLY A 114 13.58 14.34 -54.40
N THR A 115 12.98 13.19 -54.12
CA THR A 115 11.60 12.95 -54.47
C THR A 115 10.71 12.80 -53.24
N VAL A 116 9.43 13.13 -53.40
CA VAL A 116 8.47 13.03 -52.31
C VAL A 116 7.31 12.13 -52.74
N VAL A 117 7.49 10.83 -52.55
CA VAL A 117 6.49 9.84 -52.90
C VAL A 117 5.53 9.57 -51.75
N PRO A 118 4.23 9.87 -51.93
CA PRO A 118 3.24 9.64 -50.88
C PRO A 118 2.84 8.18 -50.78
N LEU A 119 2.66 7.71 -49.55
CA LEU A 119 2.25 6.33 -49.32
C LEU A 119 0.79 6.30 -48.88
N GLY A 120 0.19 7.48 -48.81
CA GLY A 120 -1.20 7.61 -48.41
C GLY A 120 -1.46 7.52 -46.91
N GLU A 121 -2.74 7.35 -46.55
CA GLU A 121 -3.13 7.25 -45.15
C GLU A 121 -2.59 6.01 -44.46
N MET A 122 -1.92 6.23 -43.34
CA MET A 122 -1.35 5.15 -42.55
C MET A 122 -1.59 5.43 -41.09
N ARG A 123 -2.72 4.96 -40.60
CA ARG A 123 -3.11 5.16 -39.22
C ARG A 123 -2.16 4.49 -38.24
N GLY A 124 -1.87 5.20 -37.15
CA GLY A 124 -0.98 4.69 -36.13
C GLY A 124 0.44 5.21 -36.32
N TYR A 125 0.74 5.75 -37.49
CA TYR A 125 2.06 6.26 -37.80
C TYR A 125 2.21 7.72 -37.43
N ALA A 126 1.09 8.40 -37.23
CA ALA A 126 1.10 9.80 -36.90
C ALA A 126 -0.19 10.13 -36.18
N PRO A 127 -0.16 11.12 -35.27
CA PRO A 127 -1.37 11.49 -34.53
C PRO A 127 -2.24 12.40 -35.39
N PHE A 128 -3.41 12.77 -34.88
CA PHE A 128 -4.30 13.66 -35.61
C PHE A 128 -3.93 15.09 -35.26
N SER A 129 -3.33 15.28 -34.10
CA SER A 129 -2.92 16.59 -33.63
C SER A 129 -1.48 16.50 -33.14
N PRO A 130 -0.66 17.51 -33.47
CA PRO A 130 0.74 17.55 -33.06
C PRO A 130 1.02 17.49 -31.56
N ASP A 131 0.13 18.04 -30.75
CA ASP A 131 0.35 18.05 -29.31
C ASP A 131 0.02 16.74 -28.59
N GLU A 132 -0.22 15.67 -29.35
CA GLU A 132 -0.53 14.37 -28.74
C GLU A 132 0.69 13.55 -28.33
N ASN A 133 0.54 12.82 -27.21
CA ASN A 133 1.56 11.95 -26.63
C ASN A 133 1.79 10.73 -27.53
N SER A 134 2.70 10.87 -28.50
CA SER A 134 2.95 9.79 -29.45
C SER A 134 4.21 8.95 -29.21
N LEU A 135 4.24 7.76 -29.80
CA LEU A 135 5.36 6.84 -29.65
C LEU A 135 5.29 5.71 -30.69
N VAL A 136 6.27 5.65 -31.60
CA VAL A 136 6.30 4.57 -32.59
C VAL A 136 7.71 3.99 -32.59
N LEU A 137 7.80 2.67 -32.62
CA LEU A 137 9.09 1.97 -32.62
C LEU A 137 9.20 1.04 -33.84
N PHE A 138 10.39 1.00 -34.42
CA PHE A 138 10.70 0.16 -35.58
C PHE A 138 11.68 -0.93 -35.25
N GLU A 139 11.41 -2.15 -35.71
CA GLU A 139 12.30 -3.29 -35.51
C GLU A 139 12.01 -4.29 -36.61
N GLY A 140 12.97 -4.47 -37.52
CA GLY A 140 12.76 -5.40 -38.63
C GLY A 140 11.61 -4.87 -39.47
N ASP A 141 10.62 -5.71 -39.74
CA ASP A 141 9.46 -5.29 -40.51
C ASP A 141 8.24 -5.17 -39.61
N GLU A 142 8.50 -4.86 -38.34
CA GLU A 142 7.44 -4.71 -37.36
C GLU A 142 7.42 -3.27 -36.86
N VAL A 143 6.23 -2.69 -36.76
CA VAL A 143 6.15 -1.34 -36.22
C VAL A 143 5.21 -1.38 -35.04
N TYR A 144 5.57 -0.64 -33.98
CA TYR A 144 4.75 -0.58 -32.79
C TYR A 144 4.36 0.87 -32.59
N SER A 145 3.18 1.09 -32.03
CA SER A 145 2.73 2.46 -31.85
C SER A 145 1.74 2.64 -30.71
N THR A 146 1.73 3.84 -30.15
CA THR A 146 0.83 4.19 -29.06
C THR A 146 -0.22 5.17 -29.59
N ILE A 147 -0.17 5.42 -30.90
CA ILE A 147 -1.08 6.35 -31.57
C ILE A 147 -2.39 5.69 -32.00
N ARG A 148 -3.53 6.26 -31.62
CA ARG A 148 -4.82 5.69 -32.01
C ARG A 148 -4.93 5.68 -33.53
N LYS A 149 -5.60 4.66 -34.05
CA LYS A 149 -5.78 4.51 -35.48
C LYS A 149 -7.01 5.26 -36.01
N GLN A 150 -7.87 5.71 -35.11
CA GLN A 150 -9.06 6.45 -35.51
C GLN A 150 -9.35 7.57 -34.53
N GLU A 151 -9.85 8.69 -35.05
CA GLU A 151 -10.13 9.87 -34.21
C GLU A 151 -11.30 9.73 -33.24
N TYR A 152 -12.29 8.92 -33.60
CA TYR A 152 -13.45 8.74 -32.73
C TYR A 152 -13.19 7.57 -31.79
N ASN A 153 -11.91 7.30 -31.54
CA ASN A 153 -11.51 6.20 -30.69
C ASN A 153 -11.75 6.54 -29.21
N GLY A 154 -11.80 5.51 -28.39
CA GLY A 154 -12.02 5.71 -26.97
C GLY A 154 -10.96 6.51 -26.26
N LYS A 155 -11.13 6.61 -24.94
CA LYS A 155 -10.21 7.34 -24.10
C LYS A 155 -9.18 6.41 -23.49
N ILE A 156 -8.89 5.30 -24.17
CA ILE A 156 -7.92 4.33 -23.67
C ILE A 156 -6.67 4.20 -24.54
N PRO A 157 -5.55 4.76 -24.09
CA PRO A 157 -4.31 4.65 -24.89
C PRO A 157 -3.82 3.21 -24.88
N ARG A 158 -3.27 2.76 -26.01
CA ARG A 158 -2.77 1.40 -26.06
C ARG A 158 -1.42 1.29 -26.73
N PHE A 159 -0.71 0.20 -26.42
CA PHE A 159 0.57 -0.08 -27.05
C PHE A 159 0.22 -1.18 -28.05
N ARG A 160 0.30 -0.86 -29.32
CA ARG A 160 -0.05 -1.82 -30.36
C ARG A 160 1.06 -2.16 -31.31
N ARG A 161 0.99 -3.36 -31.87
CA ARG A 161 1.92 -3.80 -32.91
C ARG A 161 1.06 -3.46 -34.13
N ILE A 162 1.50 -2.47 -34.89
CA ILE A 162 0.78 -2.02 -36.07
C ILE A 162 1.14 -2.80 -37.34
N ARG A 163 2.34 -3.36 -37.37
CA ARG A 163 2.80 -4.09 -38.53
C ARG A 163 3.56 -5.33 -38.07
N GLY A 164 3.15 -6.49 -38.57
CA GLY A 164 3.80 -7.74 -38.21
C GLY A 164 2.90 -8.90 -38.57
N GLU A 165 3.15 -10.07 -37.99
CA GLU A 165 2.34 -11.25 -38.28
C GLU A 165 0.86 -10.96 -38.04
N SER A 166 0.56 -10.39 -36.89
CA SER A 166 -0.82 -10.04 -36.53
C SER A 166 -0.81 -8.79 -35.65
N GLU A 167 -1.95 -8.13 -35.56
CA GLU A 167 -2.06 -6.94 -34.73
C GLU A 167 -2.33 -7.32 -33.27
N LEU A 168 -1.56 -6.75 -32.36
CA LEU A 168 -1.80 -7.01 -30.93
C LEU A 168 -1.98 -5.67 -30.24
N TYR A 169 -2.88 -5.63 -29.26
CA TYR A 169 -3.13 -4.40 -28.52
C TYR A 169 -3.18 -4.78 -27.05
N THR A 170 -2.83 -3.84 -26.19
CA THR A 170 -2.85 -4.07 -24.74
C THR A 170 -4.30 -3.95 -24.28
N SER A 171 -4.67 -4.74 -23.28
CA SER A 171 -6.02 -4.73 -22.75
C SER A 171 -6.41 -3.48 -21.92
N ASP A 172 -7.67 -3.39 -21.56
CA ASP A 172 -8.20 -2.26 -20.79
C ASP A 172 -7.68 -2.21 -19.36
N THR A 173 -7.24 -3.35 -18.86
CA THR A 173 -6.80 -3.42 -17.49
C THR A 173 -5.33 -3.10 -17.17
N VAL A 174 -4.44 -3.13 -18.15
CA VAL A 174 -3.04 -2.93 -17.84
C VAL A 174 -2.50 -1.52 -17.58
N MET A 175 -3.19 -0.49 -18.01
CA MET A 175 -2.68 0.84 -17.74
C MET A 175 -3.80 1.82 -17.40
N GLN A 176 -3.49 2.82 -16.59
CA GLN A 176 -4.49 3.80 -16.22
C GLN A 176 -3.99 5.20 -16.61
N ASN A 177 -4.46 5.69 -17.76
CA ASN A 177 -4.08 7.00 -18.29
C ASN A 177 -2.56 7.13 -18.42
N PRO A 178 -1.96 6.26 -19.24
CA PRO A 178 -0.50 6.26 -19.45
C PRO A 178 0.04 7.38 -20.30
N GLN A 179 1.26 7.81 -19.98
CA GLN A 179 1.95 8.82 -20.74
C GLN A 179 3.28 8.19 -21.10
N PHE A 180 3.38 7.78 -22.35
CA PHE A 180 4.57 7.08 -22.86
C PHE A 180 5.79 7.95 -23.00
N ILE A 181 6.95 7.40 -22.65
CA ILE A 181 8.22 8.12 -22.70
C ILE A 181 9.14 7.52 -23.75
N LYS A 182 9.38 6.20 -23.67
CA LYS A 182 10.27 5.57 -24.62
C LYS A 182 10.15 4.06 -24.67
N ALA A 183 10.47 3.50 -25.81
CA ALA A 183 10.40 2.05 -25.96
C ALA A 183 11.64 1.48 -26.64
N THR A 184 11.94 0.22 -26.33
CA THR A 184 13.09 -0.43 -26.92
C THR A 184 12.97 -1.95 -26.96
N ILE A 185 13.64 -2.53 -27.95
CA ILE A 185 13.66 -3.97 -28.11
C ILE A 185 14.86 -4.42 -27.28
N VAL A 186 14.72 -5.55 -26.58
CA VAL A 186 15.83 -6.06 -25.82
C VAL A 186 16.06 -7.53 -26.19
N HIS A 187 17.22 -7.77 -26.81
CA HIS A 187 17.59 -9.11 -27.26
C HIS A 187 18.22 -9.88 -26.11
N GLN A 188 17.51 -10.89 -25.61
CA GLN A 188 18.07 -11.68 -24.51
C GLN A 188 18.86 -12.89 -25.05
N ASP A 189 19.03 -13.93 -24.24
CA ASP A 189 19.80 -15.11 -24.65
C ASP A 189 19.30 -15.87 -25.89
N GLN A 190 18.02 -16.23 -25.90
CA GLN A 190 17.43 -16.95 -27.03
C GLN A 190 16.54 -15.96 -27.76
N ALA A 191 16.47 -16.08 -29.08
CA ALA A 191 15.66 -15.18 -29.89
C ALA A 191 14.20 -15.12 -29.46
N TYR A 192 13.60 -16.26 -29.13
CA TYR A 192 12.20 -16.26 -28.71
C TYR A 192 11.95 -15.65 -27.34
N ASP A 193 13.01 -15.21 -26.67
CA ASP A 193 12.86 -14.57 -25.36
C ASP A 193 12.97 -13.06 -25.49
N ASP A 194 13.16 -12.60 -26.72
CA ASP A 194 13.28 -11.18 -26.97
C ASP A 194 12.12 -10.44 -26.32
N LYS A 195 12.43 -9.27 -25.78
CA LYS A 195 11.43 -8.48 -25.09
C LYS A 195 11.33 -7.09 -25.64
N ILE A 196 10.17 -6.49 -25.43
CA ILE A 196 9.96 -5.10 -25.78
C ILE A 196 9.74 -4.47 -24.39
N TYR A 197 10.51 -3.42 -24.09
CA TYR A 197 10.36 -2.72 -22.84
C TYR A 197 9.97 -1.31 -23.20
N TYR A 198 9.09 -0.72 -22.41
CA TYR A 198 8.75 0.66 -22.64
C TYR A 198 8.48 1.35 -21.32
N PHE A 199 8.79 2.64 -21.28
CA PHE A 199 8.64 3.42 -20.07
C PHE A 199 7.52 4.43 -20.14
N PHE A 200 6.90 4.69 -19.01
CA PHE A 200 5.79 5.63 -18.97
C PHE A 200 5.36 6.01 -17.57
N ARG A 201 4.48 7.00 -17.50
CA ARG A 201 3.91 7.45 -16.24
C ARG A 201 2.43 7.11 -16.34
N GLU A 202 1.80 6.85 -15.20
CA GLU A 202 0.37 6.57 -15.18
C GLU A 202 -0.20 6.93 -13.81
N ASP A 203 -1.52 6.80 -13.65
CA ASP A 203 -2.14 7.13 -12.38
C ASP A 203 -1.67 6.12 -11.33
N ASN A 204 -1.58 6.58 -10.08
CA ASN A 204 -1.18 5.73 -8.98
C ASN A 204 -2.39 4.88 -8.55
N PRO A 205 -2.22 3.55 -8.52
CA PRO A 205 -3.37 2.73 -8.09
C PRO A 205 -3.75 3.05 -6.64
N ASP A 206 -2.76 3.50 -5.88
CA ASP A 206 -2.97 3.87 -4.47
C ASP A 206 -3.75 5.19 -4.46
N LYS A 207 -4.98 5.18 -3.94
CA LYS A 207 -5.80 6.39 -3.90
C LYS A 207 -5.79 7.15 -2.58
N ASN A 208 -4.98 6.72 -1.63
CA ASN A 208 -4.93 7.42 -0.36
C ASN A 208 -4.52 8.87 -0.56
N PRO A 209 -5.08 9.78 0.24
CA PRO A 209 -4.76 11.21 0.14
C PRO A 209 -3.28 11.58 0.22
N GLU A 210 -2.47 10.81 0.91
CA GLU A 210 -1.06 11.15 0.98
C GLU A 210 -0.24 10.59 -0.18
N ALA A 211 -0.87 9.73 -0.99
CA ALA A 211 -0.18 9.15 -2.12
C ALA A 211 -0.02 10.14 -3.26
N PRO A 212 1.10 10.07 -3.98
CA PRO A 212 1.30 10.97 -5.11
C PRO A 212 0.39 10.49 -6.24
N LEU A 213 -0.12 11.44 -7.02
CA LEU A 213 -1.05 11.16 -8.12
C LEU A 213 -0.59 10.23 -9.26
N ASN A 214 0.65 10.35 -9.69
CA ASN A 214 1.12 9.49 -10.77
C ASN A 214 2.33 8.73 -10.34
N VAL A 215 2.63 7.66 -11.06
CA VAL A 215 3.80 6.85 -10.74
C VAL A 215 4.55 6.51 -12.02
N SER A 216 5.81 6.12 -11.91
CA SER A 216 6.66 5.80 -13.05
C SER A 216 6.78 4.31 -13.27
N ARG A 217 6.74 3.90 -14.54
CA ARG A 217 6.75 2.49 -14.85
C ARG A 217 7.62 2.08 -15.98
N VAL A 218 7.92 0.77 -15.99
CA VAL A 218 8.61 0.12 -17.09
C VAL A 218 7.72 -1.09 -17.36
N ALA A 219 7.43 -1.37 -18.62
CA ALA A 219 6.61 -2.53 -18.98
C ALA A 219 7.40 -3.45 -19.91
N GLN A 220 7.00 -4.71 -19.92
CA GLN A 220 7.66 -5.68 -20.78
C GLN A 220 6.62 -6.48 -21.56
N LEU A 221 6.96 -6.81 -22.79
CA LEU A 221 6.13 -7.63 -23.67
C LEU A 221 7.11 -8.57 -24.39
N CYS A 222 6.64 -9.76 -24.73
CA CYS A 222 7.49 -10.71 -25.46
C CYS A 222 7.31 -10.35 -26.92
N ARG A 223 8.42 -10.08 -27.59
CA ARG A 223 8.40 -9.73 -29.00
C ARG A 223 7.67 -10.82 -29.78
N GLY A 224 7.90 -12.08 -29.41
CA GLY A 224 7.28 -13.18 -30.10
C GLY A 224 5.89 -13.60 -29.61
N ASP A 225 5.22 -12.70 -28.90
CA ASP A 225 3.86 -12.96 -28.39
C ASP A 225 2.94 -13.31 -29.55
N GLN A 226 2.27 -14.45 -29.43
CA GLN A 226 1.34 -14.92 -30.47
C GLN A 226 -0.05 -14.34 -30.28
N GLY A 227 -0.48 -14.27 -29.02
CA GLY A 227 -1.79 -13.77 -28.69
C GLY A 227 -2.33 -14.79 -27.72
N GLY A 228 -3.61 -14.74 -27.40
CA GLY A 228 -4.14 -15.71 -26.47
C GLY A 228 -4.76 -16.94 -27.13
N GLU A 229 -5.36 -17.79 -26.29
CA GLU A 229 -6.01 -19.02 -26.72
C GLU A 229 -7.51 -18.87 -27.05
N SER A 230 -8.19 -17.92 -26.42
CA SER A 230 -9.61 -17.74 -26.66
C SER A 230 -9.91 -16.70 -27.73
N SER A 231 -11.13 -16.73 -28.26
CA SER A 231 -11.56 -15.79 -29.30
C SER A 231 -11.41 -14.34 -28.86
N LEU A 232 -11.62 -14.07 -27.57
CA LEU A 232 -11.47 -12.70 -27.06
C LEU A 232 -10.01 -12.28 -26.82
N SER A 233 -9.13 -13.23 -26.54
CA SER A 233 -7.75 -12.88 -26.23
C SER A 233 -6.73 -13.12 -27.33
N VAL A 234 -7.18 -13.59 -28.49
CA VAL A 234 -6.28 -13.86 -29.60
C VAL A 234 -5.45 -12.65 -30.01
N SER A 235 -6.12 -11.53 -30.17
CA SER A 235 -5.49 -10.30 -30.60
C SER A 235 -4.87 -9.43 -29.50
N LYS A 236 -4.92 -9.90 -28.26
CA LYS A 236 -4.32 -9.13 -27.19
C LYS A 236 -2.92 -9.59 -26.85
N TRP A 237 -2.12 -8.67 -26.30
CA TRP A 237 -0.78 -8.99 -25.83
C TRP A 237 -1.07 -9.88 -24.64
N ASN A 238 -0.40 -11.02 -24.53
CA ASN A 238 -0.66 -11.93 -23.42
C ASN A 238 0.51 -12.07 -22.48
N THR A 239 1.54 -11.25 -22.73
CA THR A 239 2.76 -11.30 -21.94
C THR A 239 3.14 -9.98 -21.25
N PHE A 240 2.18 -9.08 -21.08
CA PHE A 240 2.37 -7.79 -20.44
C PHE A 240 2.56 -7.90 -18.96
N LEU A 241 3.52 -7.14 -18.44
CA LEU A 241 3.81 -7.09 -17.03
C LEU A 241 4.36 -5.66 -16.84
N LYS A 242 4.09 -5.04 -15.70
CA LYS A 242 4.63 -3.68 -15.48
C LYS A 242 5.20 -3.59 -14.09
N ALA A 243 6.18 -2.72 -13.91
CA ALA A 243 6.80 -2.55 -12.58
C ALA A 243 7.05 -1.09 -12.31
N MET A 244 6.93 -0.70 -11.04
CA MET A 244 7.19 0.67 -10.66
C MET A 244 8.70 0.91 -10.60
N LEU A 245 9.11 2.01 -11.18
CA LEU A 245 10.51 2.42 -11.23
C LEU A 245 10.74 3.38 -10.05
N VAL A 246 11.63 3.02 -9.14
CA VAL A 246 11.87 3.86 -8.01
C VAL A 246 13.22 4.56 -8.03
N CYS A 247 13.19 5.88 -7.79
CA CYS A 247 14.36 6.72 -7.75
C CYS A 247 14.23 7.60 -6.49
N SER A 248 14.83 7.13 -5.39
CA SER A 248 14.77 7.83 -4.12
C SER A 248 16.16 7.85 -3.48
N ASP A 249 16.49 8.89 -2.74
CA ASP A 249 17.80 8.98 -2.09
C ASP A 249 17.77 8.26 -0.74
N ALA A 250 18.80 7.45 -0.47
CA ALA A 250 18.86 6.71 0.79
C ALA A 250 19.12 7.60 2.00
N ALA A 251 20.22 8.37 1.92
CA ALA A 251 20.61 9.27 3.01
C ALA A 251 19.42 10.05 3.51
N THR A 252 18.87 10.88 2.64
CA THR A 252 17.70 11.67 2.95
C THR A 252 16.21 11.42 2.95
N ASN A 253 15.75 10.39 2.27
CA ASN A 253 14.30 10.15 2.26
C ASN A 253 13.62 10.86 1.06
N LYS A 254 14.44 11.48 0.21
CA LYS A 254 13.95 12.24 -0.94
C LYS A 254 13.54 11.40 -2.16
N ASN A 255 12.27 11.54 -2.52
CA ASN A 255 11.70 10.79 -3.62
C ASN A 255 11.46 11.66 -4.84
N PHE A 256 11.74 11.10 -6.00
CA PHE A 256 11.55 11.75 -7.30
C PHE A 256 10.71 10.73 -8.08
N ASN A 257 9.39 10.90 -8.05
CA ASN A 257 8.44 9.96 -8.64
C ASN A 257 8.02 10.17 -10.09
N ARG A 258 8.43 11.28 -10.67
CA ARG A 258 8.01 11.61 -12.04
C ARG A 258 9.07 11.46 -13.13
N LEU A 259 9.02 10.31 -13.80
CA LEU A 259 9.95 10.00 -14.87
C LEU A 259 9.75 10.95 -16.03
N GLN A 260 10.84 11.60 -16.43
CA GLN A 260 10.84 12.57 -17.50
C GLN A 260 11.42 12.08 -18.83
N ASP A 261 12.51 11.31 -18.75
CA ASP A 261 13.15 10.84 -19.96
C ASP A 261 14.06 9.65 -19.64
N VAL A 262 14.26 8.79 -20.63
CA VAL A 262 15.11 7.63 -20.46
C VAL A 262 16.17 7.58 -21.57
N PHE A 263 17.36 7.11 -21.24
CA PHE A 263 18.44 6.96 -22.23
C PHE A 263 19.12 5.61 -21.97
N LEU A 264 19.27 4.85 -23.05
CA LEU A 264 19.90 3.52 -22.98
C LEU A 264 21.34 3.55 -23.45
N LEU A 265 22.20 2.89 -22.70
CA LEU A 265 23.63 2.85 -23.02
C LEU A 265 24.12 1.41 -22.93
N PRO A 266 24.29 0.75 -24.08
CA PRO A 266 24.78 -0.65 -24.09
C PRO A 266 26.19 -0.78 -23.50
N ASP A 267 26.49 -1.89 -22.86
CA ASP A 267 27.82 -2.08 -22.27
C ASP A 267 28.85 -2.44 -23.35
N PRO A 268 30.13 -2.12 -23.09
CA PRO A 268 31.17 -2.45 -24.08
C PRO A 268 31.29 -3.97 -24.23
N SER A 269 30.85 -4.68 -23.19
CA SER A 269 30.90 -6.13 -23.15
C SER A 269 29.91 -6.81 -24.08
N GLY A 270 28.94 -6.06 -24.59
CA GLY A 270 27.97 -6.66 -25.48
C GLY A 270 26.92 -7.46 -24.72
N GLN A 271 27.03 -7.50 -23.40
CA GLN A 271 26.07 -8.24 -22.57
C GLN A 271 24.78 -7.44 -22.34
N TRP A 272 23.68 -7.87 -22.93
CA TRP A 272 22.40 -7.15 -22.77
C TRP A 272 22.13 -6.85 -21.28
N ARG A 273 22.36 -7.86 -20.44
CA ARG A 273 22.16 -7.71 -19.02
C ARG A 273 22.92 -6.53 -18.43
N ASP A 274 23.94 -6.06 -19.14
CA ASP A 274 24.73 -4.92 -18.64
C ASP A 274 24.28 -3.59 -19.22
N THR A 275 23.29 -3.62 -20.10
CA THR A 275 22.82 -2.36 -20.65
C THR A 275 22.26 -1.47 -19.54
N ARG A 276 22.70 -0.22 -19.55
CA ARG A 276 22.28 0.74 -18.56
C ARG A 276 21.09 1.57 -19.02
N VAL A 277 20.15 1.78 -18.10
CA VAL A 277 18.98 2.61 -18.38
C VAL A 277 19.07 3.83 -17.46
N TYR A 278 19.27 4.99 -18.07
CA TYR A 278 19.38 6.24 -17.32
C TYR A 278 18.05 6.96 -17.32
N GLY A 279 17.46 7.13 -16.14
CA GLY A 279 16.20 7.84 -16.06
C GLY A 279 16.33 9.17 -15.32
N VAL A 280 15.66 10.21 -15.82
CA VAL A 280 15.67 11.50 -15.14
C VAL A 280 14.30 11.64 -14.50
N PHE A 281 14.30 11.97 -13.21
CA PHE A 281 13.06 12.09 -12.44
C PHE A 281 12.90 13.42 -11.69
N SER A 282 11.68 13.92 -11.65
CA SER A 282 11.43 15.14 -10.89
C SER A 282 10.36 14.86 -9.84
N ASN A 283 9.99 15.88 -9.08
CA ASN A 283 9.00 15.72 -8.03
C ASN A 283 8.10 16.94 -8.05
N PRO A 284 7.15 17.02 -7.09
CA PRO A 284 6.22 18.15 -7.03
C PRO A 284 6.86 19.54 -7.03
N TRP A 285 8.10 19.63 -6.55
CA TRP A 285 8.82 20.90 -6.49
C TRP A 285 9.69 21.17 -7.73
N ASN A 286 9.60 20.27 -8.71
CA ASN A 286 10.39 20.38 -9.92
C ASN A 286 11.89 20.24 -9.65
N TYR A 287 12.23 19.47 -8.63
CA TYR A 287 13.62 19.18 -8.33
C TYR A 287 13.87 17.86 -9.05
N SER A 288 15.12 17.58 -9.38
CA SER A 288 15.45 16.41 -10.16
C SER A 288 16.57 15.49 -9.71
N ALA A 289 16.50 14.27 -10.21
CA ALA A 289 17.51 13.26 -9.90
C ALA A 289 17.67 12.31 -11.07
N VAL A 290 18.86 11.74 -11.20
CA VAL A 290 19.14 10.78 -12.25
C VAL A 290 19.45 9.44 -11.61
N CYS A 291 18.70 8.41 -12.00
CA CYS A 291 18.94 7.07 -11.48
C CYS A 291 19.37 6.15 -12.64
N VAL A 292 20.18 5.13 -12.36
CA VAL A 292 20.62 4.21 -13.41
C VAL A 292 20.17 2.79 -13.08
N TYR A 293 19.62 2.11 -14.08
CA TYR A 293 19.17 0.74 -13.89
C TYR A 293 19.86 -0.15 -14.91
N SER A 294 19.76 -1.45 -14.72
CA SER A 294 20.33 -2.39 -15.70
C SER A 294 19.21 -3.27 -16.25
N LEU A 295 19.29 -3.63 -17.53
CA LEU A 295 18.29 -4.49 -18.10
C LEU A 295 18.25 -5.81 -17.30
N GLY A 296 19.40 -6.22 -16.78
CA GLY A 296 19.46 -7.43 -16.00
C GLY A 296 18.60 -7.36 -14.76
N ASP A 297 18.71 -6.27 -14.02
CA ASP A 297 17.90 -6.11 -12.81
C ASP A 297 16.41 -6.02 -13.12
N ILE A 298 16.06 -5.35 -14.21
CA ILE A 298 14.66 -5.23 -14.57
C ILE A 298 14.11 -6.58 -14.97
N ASP A 299 14.87 -7.32 -15.75
CA ASP A 299 14.42 -8.62 -16.15
C ASP A 299 14.27 -9.56 -14.95
N LYS A 300 15.20 -9.47 -14.00
CA LYS A 300 15.09 -10.33 -12.82
C LYS A 300 13.81 -10.03 -12.05
N VAL A 301 13.44 -8.75 -11.99
CA VAL A 301 12.21 -8.40 -11.29
C VAL A 301 11.02 -9.04 -12.03
N PHE A 302 11.02 -8.96 -13.36
CA PHE A 302 9.93 -9.51 -14.14
C PHE A 302 9.80 -11.03 -14.07
N ARG A 303 10.89 -11.75 -13.87
CA ARG A 303 10.70 -13.19 -13.81
C ARG A 303 10.72 -13.78 -12.43
N THR A 304 10.96 -12.99 -11.41
CA THR A 304 10.99 -13.56 -10.06
C THR A 304 10.00 -12.98 -9.06
N SER A 305 9.51 -11.77 -9.32
CA SER A 305 8.57 -11.14 -8.41
C SER A 305 7.18 -11.73 -8.44
N SER A 306 6.51 -11.71 -7.30
CA SER A 306 5.15 -12.18 -7.24
C SER A 306 4.34 -11.01 -7.84
N LEU A 307 3.02 -11.16 -7.94
CA LEU A 307 2.19 -10.12 -8.51
C LEU A 307 1.33 -9.48 -7.44
N LYS A 308 1.31 -8.16 -7.43
CA LYS A 308 0.50 -7.45 -6.43
C LYS A 308 -0.95 -7.91 -6.49
N GLY A 309 -1.49 -8.25 -5.31
CA GLY A 309 -2.88 -8.69 -5.23
C GLY A 309 -3.12 -10.17 -5.50
N TYR A 310 -2.07 -10.92 -5.84
CA TYR A 310 -2.26 -12.33 -6.12
C TYR A 310 -1.43 -13.16 -5.14
N HIS A 311 -2.12 -13.88 -4.25
CA HIS A 311 -1.46 -14.63 -3.21
C HIS A 311 -1.47 -16.16 -3.29
N SER A 312 -1.53 -16.71 -4.48
CA SER A 312 -1.51 -18.16 -4.61
C SER A 312 -0.41 -18.53 -5.57
N SER A 313 -0.04 -19.80 -5.59
CA SER A 313 1.03 -20.23 -6.48
C SER A 313 0.67 -19.81 -7.90
N LEU A 314 1.66 -19.30 -8.62
CA LEU A 314 1.47 -18.85 -9.99
C LEU A 314 1.33 -20.02 -10.96
N PRO A 315 0.72 -19.79 -12.13
CA PRO A 315 0.50 -20.79 -13.19
C PRO A 315 1.84 -21.31 -13.71
N ASN A 316 1.87 -22.56 -14.16
CA ASN A 316 3.11 -23.14 -14.66
C ASN A 316 3.70 -22.18 -15.67
N PRO A 317 3.13 -22.09 -16.89
CA PRO A 317 3.83 -21.10 -17.72
C PRO A 317 3.57 -19.75 -17.01
N ARG A 318 4.63 -19.20 -16.42
CA ARG A 318 4.60 -17.95 -15.65
C ARG A 318 4.18 -16.70 -16.44
N PRO A 319 3.37 -15.83 -15.84
CA PRO A 319 2.93 -14.60 -16.52
C PRO A 319 4.12 -13.77 -17.00
N GLY A 320 4.07 -13.34 -18.25
CA GLY A 320 5.15 -12.55 -18.80
C GLY A 320 6.29 -13.36 -19.39
N LYS A 321 6.26 -14.68 -19.24
CA LYS A 321 7.32 -15.53 -19.79
C LYS A 321 7.04 -15.96 -21.25
N CYS A 322 7.98 -15.67 -22.15
CA CYS A 322 7.83 -16.03 -23.56
C CYS A 322 7.82 -17.55 -23.76
N LEU A 323 7.11 -18.00 -24.79
CA LEU A 323 7.01 -19.43 -25.10
C LEU A 323 7.80 -19.81 -26.36
N PRO A 324 8.39 -21.00 -26.35
CA PRO A 324 9.21 -21.57 -27.44
C PRO A 324 8.67 -21.56 -28.88
N ASP A 325 8.06 -22.66 -29.30
CA ASP A 325 7.56 -22.80 -30.66
C ASP A 325 6.21 -22.20 -30.98
N GLN A 326 6.18 -20.87 -31.11
CA GLN A 326 4.96 -20.15 -31.45
C GLN A 326 3.69 -20.63 -30.74
N GLN A 327 3.82 -21.00 -29.48
CA GLN A 327 2.66 -21.45 -28.72
C GLN A 327 1.94 -20.22 -28.19
N PRO A 328 0.61 -20.24 -28.18
CA PRO A 328 -0.09 -19.07 -27.65
C PRO A 328 -0.06 -19.20 -26.15
N ILE A 329 -0.19 -18.08 -25.43
CA ILE A 329 -0.17 -18.14 -23.97
C ILE A 329 -1.44 -18.81 -23.48
N PRO A 330 -1.31 -19.78 -22.57
CA PRO A 330 -2.44 -20.52 -22.00
C PRO A 330 -3.39 -19.58 -21.26
N THR A 331 -4.68 -19.81 -21.44
CA THR A 331 -5.70 -19.00 -20.80
C THR A 331 -5.48 -18.86 -19.31
N GLU A 332 -5.21 -19.96 -18.62
CA GLU A 332 -4.99 -19.89 -17.17
C GLU A 332 -3.84 -18.94 -16.83
N THR A 333 -2.86 -18.83 -17.71
CA THR A 333 -1.74 -17.93 -17.48
C THR A 333 -2.16 -16.49 -17.81
N PHE A 334 -2.81 -16.32 -18.95
CA PHE A 334 -3.23 -14.98 -19.34
C PHE A 334 -4.19 -14.31 -18.34
N GLN A 335 -5.13 -15.06 -17.78
CA GLN A 335 -6.08 -14.46 -16.84
C GLN A 335 -5.45 -13.93 -15.55
N VAL A 336 -4.41 -14.60 -15.06
CA VAL A 336 -3.75 -14.13 -13.85
C VAL A 336 -3.07 -12.82 -14.22
N ALA A 337 -2.36 -12.82 -15.34
CA ALA A 337 -1.66 -11.63 -15.80
C ALA A 337 -2.62 -10.48 -16.09
N ASP A 338 -3.73 -10.79 -16.77
CA ASP A 338 -4.69 -9.76 -17.13
C ASP A 338 -5.38 -9.15 -15.91
N ARG A 339 -5.50 -9.91 -14.82
CA ARG A 339 -6.11 -9.39 -13.60
C ARG A 339 -5.08 -8.73 -12.64
N HIS A 340 -3.82 -9.17 -12.67
CA HIS A 340 -2.78 -8.62 -11.80
C HIS A 340 -1.52 -8.30 -12.63
N PRO A 341 -1.56 -7.23 -13.43
CA PRO A 341 -0.41 -6.89 -14.26
C PRO A 341 0.78 -6.19 -13.58
N GLU A 342 0.62 -5.77 -12.35
CA GLU A 342 1.72 -5.11 -11.65
C GLU A 342 2.47 -6.12 -10.78
N VAL A 343 3.79 -6.15 -10.93
CA VAL A 343 4.57 -7.06 -10.09
C VAL A 343 4.70 -6.28 -8.78
N ALA A 344 4.79 -7.00 -7.68
CA ALA A 344 4.86 -6.34 -6.40
C ALA A 344 6.20 -5.69 -6.09
N GLN A 345 7.31 -6.27 -6.54
CA GLN A 345 8.59 -5.65 -6.20
C GLN A 345 9.00 -4.57 -7.17
N ARG A 346 9.55 -3.51 -6.58
CA ARG A 346 10.00 -2.35 -7.32
C ARG A 346 11.36 -2.53 -7.99
N VAL A 347 11.57 -1.79 -9.08
CA VAL A 347 12.82 -1.82 -9.79
C VAL A 347 13.60 -0.67 -9.19
N GLU A 348 14.73 -1.00 -8.56
CA GLU A 348 15.58 0.01 -7.94
C GLU A 348 16.85 0.22 -8.74
N PRO A 349 17.58 1.31 -8.44
CA PRO A 349 18.82 1.65 -9.13
C PRO A 349 19.89 0.55 -9.00
N MET A 350 20.86 0.56 -9.92
CA MET A 350 21.95 -0.42 -9.94
C MET A 350 22.87 -0.31 -8.72
N GLY A 351 23.68 -1.35 -8.54
CA GLY A 351 24.66 -1.40 -7.47
C GLY A 351 24.17 -1.26 -6.05
N PRO A 352 25.05 -1.51 -5.06
CA PRO A 352 24.76 -1.42 -3.64
C PRO A 352 24.30 -0.02 -3.38
N LEU A 353 23.42 0.16 -2.39
CA LEU A 353 22.91 1.50 -2.11
C LEU A 353 22.18 1.97 -3.37
N LYS A 354 20.94 1.53 -3.50
CA LYS A 354 20.13 1.89 -4.64
C LYS A 354 19.70 3.34 -4.47
N THR A 355 20.58 4.23 -4.93
CA THR A 355 20.38 5.66 -4.82
C THR A 355 20.71 6.38 -6.15
N PRO A 356 20.23 7.63 -6.30
CA PRO A 356 20.50 8.36 -7.54
C PRO A 356 21.97 8.68 -7.71
N LEU A 357 22.40 8.87 -8.94
CA LEU A 357 23.76 9.26 -9.24
C LEU A 357 23.93 10.61 -8.57
N PHE A 358 22.87 11.42 -8.62
CA PHE A 358 22.86 12.72 -7.99
C PHE A 358 21.51 13.37 -8.21
N HIS A 359 21.21 14.35 -7.38
CA HIS A 359 19.98 15.09 -7.47
C HIS A 359 20.34 16.54 -7.23
N SER A 360 19.52 17.44 -7.76
CA SER A 360 19.76 18.86 -7.59
C SER A 360 18.43 19.59 -7.61
N LYS A 361 18.47 20.90 -7.39
CA LYS A 361 17.24 21.68 -7.38
C LYS A 361 16.87 22.24 -8.74
N TYR A 362 17.51 21.71 -9.78
CA TYR A 362 17.21 22.12 -11.15
C TYR A 362 16.09 21.23 -11.70
N HIS A 363 15.34 21.72 -12.67
CA HIS A 363 14.25 20.95 -13.25
C HIS A 363 14.74 20.37 -14.59
N TYR A 364 15.23 19.13 -14.56
CA TYR A 364 15.74 18.49 -15.78
C TYR A 364 14.65 17.80 -16.59
N GLN A 365 14.74 17.86 -17.90
CA GLN A 365 13.73 17.22 -18.76
C GLN A 365 14.23 16.12 -19.73
N LYS A 366 15.52 16.16 -20.09
CA LYS A 366 16.07 15.18 -21.02
C LYS A 366 17.48 14.78 -20.68
N VAL A 367 17.84 13.54 -21.02
CA VAL A 367 19.19 13.07 -20.73
C VAL A 367 19.83 12.24 -21.85
N ALA A 368 21.14 12.39 -22.00
CA ALA A 368 21.94 11.67 -22.98
C ALA A 368 23.27 11.37 -22.28
N VAL A 369 23.80 10.17 -22.50
CA VAL A 369 25.07 9.78 -21.86
C VAL A 369 26.13 9.33 -22.86
N HIS A 370 27.35 9.79 -22.63
CA HIS A 370 28.48 9.47 -23.49
C HIS A 370 29.60 8.82 -22.69
N ARG A 371 29.96 7.58 -23.04
CA ARG A 371 31.06 6.89 -22.38
C ARG A 371 32.27 7.36 -23.16
N MET A 372 33.29 7.83 -22.45
CA MET A 372 34.45 8.34 -23.14
C MET A 372 35.72 8.00 -22.36
N GLN A 373 36.86 8.11 -23.04
CA GLN A 373 38.13 7.84 -22.40
C GLN A 373 38.93 9.12 -22.32
N ALA A 374 39.52 9.36 -21.16
CA ALA A 374 40.34 10.54 -20.96
C ALA A 374 41.69 10.29 -21.64
N SER A 375 42.46 11.36 -21.85
CA SER A 375 43.77 11.28 -22.48
C SER A 375 44.61 10.14 -21.92
N HIS A 376 44.48 9.88 -20.62
CA HIS A 376 45.26 8.82 -20.01
C HIS A 376 44.51 7.49 -19.94
N GLY A 377 43.63 7.27 -20.91
CA GLY A 377 42.87 6.02 -21.00
C GLY A 377 41.74 5.79 -20.00
N GLU A 378 41.61 6.69 -19.02
CA GLU A 378 40.55 6.52 -18.04
C GLU A 378 39.19 6.69 -18.70
N THR A 379 38.21 5.94 -18.22
CA THR A 379 36.86 6.03 -18.77
C THR A 379 35.88 6.72 -17.82
N PHE A 380 35.11 7.65 -18.39
CA PHE A 380 34.12 8.42 -17.63
C PHE A 380 32.78 8.40 -18.36
N HIS A 381 31.71 8.51 -17.59
CA HIS A 381 30.39 8.60 -18.20
C HIS A 381 29.98 10.05 -17.98
N VAL A 382 29.67 10.74 -19.07
CA VAL A 382 29.27 12.15 -19.00
C VAL A 382 27.80 12.34 -19.40
N LEU A 383 27.04 12.92 -18.46
CA LEU A 383 25.62 13.18 -18.67
C LEU A 383 25.34 14.53 -19.27
N TYR A 384 24.39 14.57 -20.19
CA TYR A 384 23.99 15.82 -20.83
C TYR A 384 22.51 16.00 -20.50
N LEU A 385 22.22 17.01 -19.70
CA LEU A 385 20.85 17.27 -19.24
C LEU A 385 20.30 18.63 -19.61
N THR A 386 19.09 18.64 -20.15
CA THR A 386 18.46 19.91 -20.47
C THR A 386 17.59 20.32 -19.27
N THR A 387 17.57 21.61 -18.96
CA THR A 387 16.76 22.13 -17.88
C THR A 387 15.53 22.65 -18.61
N ASP A 388 14.55 23.13 -17.85
CA ASP A 388 13.34 23.68 -18.43
C ASP A 388 13.56 25.16 -18.68
N ARG A 389 14.81 25.60 -18.53
CA ARG A 389 15.19 26.99 -18.77
C ARG A 389 15.93 27.12 -20.10
N GLY A 390 15.92 26.06 -20.89
CA GLY A 390 16.61 26.09 -22.16
C GLY A 390 18.12 25.96 -22.10
N THR A 391 18.66 25.37 -21.05
CA THR A 391 20.09 25.21 -20.96
C THR A 391 20.48 23.75 -20.84
N ILE A 392 21.78 23.48 -20.97
CA ILE A 392 22.30 22.13 -20.89
C ILE A 392 23.31 22.06 -19.76
N HIS A 393 23.27 20.98 -19.01
CA HIS A 393 24.21 20.80 -17.93
C HIS A 393 25.06 19.58 -18.27
N LYS A 394 26.38 19.71 -18.08
CA LYS A 394 27.32 18.64 -18.37
C LYS A 394 27.82 18.11 -17.04
N VAL A 395 27.34 16.93 -16.64
CA VAL A 395 27.71 16.33 -15.37
C VAL A 395 28.54 15.07 -15.57
N VAL A 396 29.57 14.88 -14.74
CA VAL A 396 30.43 13.70 -14.80
C VAL A 396 29.95 12.75 -13.73
N GLU A 397 29.59 11.54 -14.14
CA GLU A 397 29.08 10.50 -13.25
C GLU A 397 30.06 10.08 -12.16
N PRO A 398 29.64 9.78 -11.03
CA PRO A 398 30.57 9.35 -9.96
C PRO A 398 31.08 7.93 -10.18
N GLY A 399 32.26 7.61 -9.63
CA GLY A 399 32.84 6.28 -9.82
C GLY A 399 33.12 5.38 -8.62
N GLU A 400 34.30 5.52 -8.02
CA GLU A 400 34.72 4.72 -6.85
C GLU A 400 33.69 4.58 -5.74
N GLN A 401 33.89 5.37 -4.68
CA GLN A 401 32.98 5.35 -3.54
C GLN A 401 32.65 6.74 -2.97
N GLU A 402 32.42 6.78 -1.66
CA GLU A 402 32.05 8.02 -0.97
C GLU A 402 32.86 9.26 -1.34
N HIS A 403 34.10 9.07 -1.78
CA HIS A 403 34.94 10.21 -2.15
C HIS A 403 34.56 10.77 -3.51
N SER A 404 33.87 9.97 -4.31
CA SER A 404 33.44 10.40 -5.65
C SER A 404 31.97 10.80 -5.66
N PHE A 405 31.71 11.92 -6.31
CA PHE A 405 30.37 12.45 -6.43
C PHE A 405 30.21 12.97 -7.85
N ALA A 406 28.96 13.12 -8.24
CA ALA A 406 28.71 13.63 -9.58
C ALA A 406 29.29 15.03 -9.57
N PHE A 407 29.83 15.46 -10.71
CA PHE A 407 30.41 16.78 -10.80
C PHE A 407 29.76 17.51 -11.96
N ASN A 408 29.03 18.57 -11.65
CA ASN A 408 28.35 19.38 -12.67
C ASN A 408 29.40 20.39 -13.12
N ILE A 409 30.08 20.11 -14.23
CA ILE A 409 31.13 21.00 -14.69
C ILE A 409 30.73 22.23 -15.47
N MET A 410 29.54 22.25 -16.06
CA MET A 410 29.21 23.41 -16.86
C MET A 410 27.76 23.51 -17.31
N GLU A 411 27.34 24.76 -17.54
CA GLU A 411 26.00 25.02 -18.04
C GLU A 411 26.19 25.82 -19.30
N ILE A 412 25.35 25.57 -20.30
CA ILE A 412 25.48 26.32 -21.53
C ILE A 412 24.16 26.67 -22.17
N GLN A 413 24.11 27.88 -22.72
CA GLN A 413 22.93 28.38 -23.42
C GLN A 413 23.38 28.19 -24.88
N PRO A 414 22.87 27.17 -25.55
CA PRO A 414 23.25 26.88 -26.94
C PRO A 414 22.60 27.60 -28.11
N PHE A 415 21.65 28.50 -27.87
CA PHE A 415 20.99 29.18 -28.97
C PHE A 415 21.35 30.65 -29.17
N ARG A 416 21.13 31.14 -30.40
CA ARG A 416 21.38 32.54 -30.67
C ARG A 416 20.29 33.24 -29.90
N ARG A 417 19.10 32.65 -29.92
CA ARG A 417 17.95 33.18 -29.19
C ARG A 417 17.55 32.18 -28.09
N ALA A 418 17.72 32.60 -26.84
CA ALA A 418 17.38 31.75 -25.71
C ALA A 418 15.94 31.25 -25.81
N ALA A 419 15.79 29.94 -25.74
CA ALA A 419 14.48 29.32 -25.85
C ALA A 419 14.51 27.94 -25.24
N ALA A 420 13.33 27.33 -25.12
CA ALA A 420 13.23 26.01 -24.56
C ALA A 420 13.80 24.96 -25.54
N ILE A 421 14.52 23.99 -25.00
CA ILE A 421 15.10 22.92 -25.80
C ILE A 421 14.00 21.91 -26.09
N GLN A 422 13.66 21.79 -27.37
CA GLN A 422 12.60 20.89 -27.81
C GLN A 422 13.03 19.47 -28.07
N THR A 423 14.27 19.31 -28.51
CA THR A 423 14.81 17.98 -28.78
C THR A 423 16.29 17.99 -28.47
N MET A 424 16.84 16.81 -28.20
CA MET A 424 18.25 16.67 -27.93
C MET A 424 18.70 15.29 -28.39
N SER A 425 19.79 15.23 -29.14
CA SER A 425 20.32 13.96 -29.60
C SER A 425 21.82 14.01 -29.61
N LEU A 426 22.41 13.04 -28.91
CA LEU A 426 23.85 12.89 -28.77
C LEU A 426 24.46 12.00 -29.87
N ASP A 427 25.41 12.55 -30.63
CA ASP A 427 26.11 11.83 -31.69
C ASP A 427 27.51 11.49 -31.18
N ALA A 428 27.68 10.30 -30.63
CA ALA A 428 28.98 9.89 -30.08
C ALA A 428 30.04 9.68 -31.16
N GLU A 429 29.58 9.53 -32.40
CA GLU A 429 30.46 9.33 -33.54
C GLU A 429 31.21 10.62 -33.84
N ARG A 430 30.47 11.71 -33.94
CA ARG A 430 31.05 13.02 -34.23
C ARG A 430 31.35 13.81 -32.96
N ARG A 431 31.12 13.21 -31.80
CA ARG A 431 31.35 13.92 -30.54
C ARG A 431 30.57 15.23 -30.51
N LYS A 432 29.30 15.20 -30.92
CA LYS A 432 28.49 16.42 -30.94
C LYS A 432 27.13 16.20 -30.30
N LEU A 433 26.47 17.30 -29.95
CA LEU A 433 25.15 17.22 -29.34
C LEU A 433 24.21 18.07 -30.16
N TYR A 434 23.15 17.47 -30.70
CA TYR A 434 22.22 18.25 -31.50
C TYR A 434 21.02 18.67 -30.66
N VAL A 435 20.81 19.96 -30.59
CA VAL A 435 19.72 20.51 -29.82
C VAL A 435 18.87 21.43 -30.67
N SER A 436 17.56 21.38 -30.48
CA SER A 436 16.70 22.25 -31.27
C SER A 436 15.68 22.96 -30.42
N SER A 437 15.24 24.12 -30.92
CA SER A 437 14.25 24.92 -30.25
C SER A 437 13.15 25.16 -31.27
N GLN A 438 12.30 26.16 -31.03
CA GLN A 438 11.22 26.49 -31.94
C GLN A 438 11.72 27.40 -33.07
N TRP A 439 12.95 27.90 -32.93
CA TRP A 439 13.53 28.82 -33.92
C TRP A 439 14.79 28.35 -34.61
N GLU A 440 15.54 27.45 -33.97
CA GLU A 440 16.79 27.02 -34.57
C GLU A 440 17.24 25.63 -34.15
N VAL A 441 18.33 25.18 -34.77
CA VAL A 441 18.94 23.89 -34.48
C VAL A 441 20.39 24.25 -34.20
N SER A 442 20.97 23.64 -33.19
CA SER A 442 22.33 23.97 -32.84
C SER A 442 23.19 22.74 -32.59
N GLN A 443 24.41 22.77 -33.13
CA GLN A 443 25.34 21.66 -32.97
C GLN A 443 26.35 22.02 -31.87
N VAL A 444 26.31 21.31 -30.76
CA VAL A 444 27.23 21.61 -29.68
C VAL A 444 28.29 20.55 -29.49
N PRO A 445 29.57 20.95 -29.55
CA PRO A 445 30.67 20.01 -29.38
C PRO A 445 30.70 19.46 -27.97
N LEU A 446 30.97 18.17 -27.85
CA LEU A 446 31.07 17.55 -26.54
C LEU A 446 32.44 17.92 -25.99
N ASP A 447 33.34 18.28 -26.91
CA ASP A 447 34.72 18.66 -26.56
C ASP A 447 34.94 20.15 -26.70
N LEU A 448 34.08 20.92 -26.04
CA LEU A 448 34.15 22.38 -26.05
C LEU A 448 34.98 22.78 -24.85
N CYS A 449 36.08 23.49 -25.08
CA CYS A 449 36.94 23.88 -23.97
C CYS A 449 37.57 25.25 -24.06
N GLU A 450 37.17 26.02 -25.05
CA GLU A 450 37.69 27.38 -25.19
C GLU A 450 37.04 28.13 -24.04
N VAL A 451 36.03 27.49 -23.43
CA VAL A 451 35.27 28.05 -22.32
C VAL A 451 36.04 28.20 -21.01
N TYR A 452 36.97 27.29 -20.76
CA TYR A 452 37.77 27.36 -19.54
C TYR A 452 38.99 28.20 -19.85
N GLY A 453 39.12 29.35 -19.19
CA GLY A 453 40.25 30.22 -19.47
C GLY A 453 41.12 30.65 -18.31
N GLY A 454 41.16 29.89 -17.24
CA GLY A 454 42.00 30.27 -16.13
C GLY A 454 43.44 29.83 -16.31
N GLY A 455 43.97 29.94 -17.52
CA GLY A 455 45.33 29.51 -17.77
C GLY A 455 45.41 28.00 -17.66
N CYS A 456 46.61 27.46 -17.39
CA CYS A 456 46.76 26.02 -17.28
C CYS A 456 45.93 25.49 -16.12
N HIS A 457 45.99 26.19 -14.99
CA HIS A 457 45.27 25.79 -13.79
C HIS A 457 43.75 25.75 -14.00
N GLY A 458 43.22 26.76 -14.69
CA GLY A 458 41.79 26.80 -14.92
C GLY A 458 41.37 25.60 -15.76
N CYS A 459 42.11 25.36 -16.82
CA CYS A 459 41.84 24.25 -17.73
C CYS A 459 41.72 22.91 -17.00
N LEU A 460 42.67 22.62 -16.11
CA LEU A 460 42.64 21.35 -15.39
C LEU A 460 41.64 21.35 -14.24
N MET A 461 41.43 22.53 -13.65
CA MET A 461 40.49 22.67 -12.55
C MET A 461 39.05 22.43 -13.01
N SER A 462 38.86 22.43 -14.33
CA SER A 462 37.54 22.23 -14.92
C SER A 462 37.00 20.80 -14.74
N ARG A 463 37.89 19.85 -14.54
CA ARG A 463 37.50 18.43 -14.39
C ARG A 463 36.78 17.93 -15.64
N ASP A 464 36.89 18.64 -16.75
CA ASP A 464 36.24 18.22 -17.98
C ASP A 464 37.17 17.24 -18.68
N PRO A 465 36.87 15.93 -18.59
CA PRO A 465 37.68 14.87 -19.20
C PRO A 465 37.96 15.01 -20.69
N TYR A 466 37.20 15.84 -21.39
CA TYR A 466 37.39 16.04 -22.82
C TYR A 466 38.55 16.94 -23.18
N CYS A 467 39.21 17.54 -22.19
CA CYS A 467 40.30 18.43 -22.54
C CYS A 467 41.46 18.56 -21.58
N GLY A 468 42.52 19.18 -22.11
CA GLY A 468 43.72 19.39 -21.34
C GLY A 468 44.50 20.56 -21.90
N TRP A 469 45.62 20.85 -21.23
CA TRP A 469 46.48 21.97 -21.62
C TRP A 469 47.59 21.54 -22.56
N ASP A 470 47.71 22.25 -23.68
CA ASP A 470 48.74 21.95 -24.65
C ASP A 470 48.89 23.11 -25.64
N GLN A 471 50.13 23.37 -26.05
CA GLN A 471 50.43 24.44 -26.99
C GLN A 471 49.98 25.79 -26.45
N GLY A 472 50.06 25.96 -25.13
CA GLY A 472 49.67 27.22 -24.51
C GLY A 472 48.18 27.50 -24.50
N ARG A 473 47.36 26.44 -24.44
CA ARG A 473 45.92 26.62 -24.41
C ARG A 473 45.16 25.38 -23.96
N CYS A 474 43.87 25.55 -23.71
CA CYS A 474 42.98 24.47 -23.28
C CYS A 474 42.28 23.95 -24.52
N ILE A 475 42.60 22.73 -24.93
CA ILE A 475 41.99 22.19 -26.14
C ILE A 475 41.46 20.77 -26.03
N SER A 476 40.66 20.38 -27.03
CA SER A 476 40.06 19.07 -27.11
C SER A 476 41.08 17.93 -27.29
N ILE A 477 40.96 16.90 -26.47
CA ILE A 477 41.85 15.75 -26.53
C ILE A 477 41.75 15.01 -27.87
N TYR A 478 40.68 15.26 -28.62
CA TYR A 478 40.51 14.61 -29.92
C TYR A 478 40.99 15.56 -31.01
N SER A 479 41.78 16.56 -30.62
CA SER A 479 42.24 17.55 -31.60
C SER A 479 43.26 16.99 -32.61
N SER A 480 44.49 16.72 -32.17
CA SER A 480 45.47 16.15 -33.10
C SER A 480 46.70 15.48 -32.54
N GLU A 481 47.47 16.23 -31.75
CA GLU A 481 48.71 15.72 -31.20
C GLU A 481 48.63 14.41 -30.43
N ARG A 482 47.44 13.84 -30.25
CA ARG A 482 47.33 12.58 -29.52
C ARG A 482 47.92 12.62 -28.11
N SER A 483 48.32 13.81 -27.65
CA SER A 483 48.90 13.94 -26.32
C SER A 483 48.81 15.37 -25.76
N VAL A 484 48.14 15.50 -24.62
CA VAL A 484 47.97 16.79 -23.95
C VAL A 484 48.18 16.63 -22.46
N LEU A 485 48.42 17.75 -21.78
CA LEU A 485 48.63 17.73 -20.33
C LEU A 485 47.27 17.71 -19.65
N GLN A 486 46.89 16.53 -19.16
CA GLN A 486 45.60 16.39 -18.49
C GLN A 486 45.81 16.13 -17.00
N SER A 487 44.81 16.51 -16.21
CA SER A 487 44.88 16.38 -14.75
C SER A 487 44.64 14.98 -14.17
N ILE A 488 44.81 14.91 -12.85
CA ILE A 488 44.61 13.67 -12.09
C ILE A 488 43.33 13.81 -11.28
N ASN A 489 42.53 12.74 -11.26
CA ASN A 489 41.26 12.71 -10.55
C ASN A 489 41.22 13.29 -9.13
N PRO A 490 42.19 12.94 -8.27
CA PRO A 490 42.20 13.47 -6.90
C PRO A 490 42.27 14.99 -6.79
N ALA A 491 42.13 15.48 -5.56
CA ALA A 491 42.19 16.91 -5.28
C ALA A 491 43.42 17.54 -5.92
N GLU A 492 43.38 18.86 -6.06
CA GLU A 492 44.49 19.61 -6.65
C GLU A 492 45.00 19.02 -7.97
N PRO A 493 44.16 19.02 -9.02
CA PRO A 493 44.47 18.51 -10.36
C PRO A 493 45.31 19.50 -11.17
N HIS A 494 45.71 20.59 -10.53
CA HIS A 494 46.50 21.63 -11.20
C HIS A 494 47.99 21.36 -11.09
N LYS A 495 48.35 20.53 -10.11
CA LYS A 495 49.74 20.18 -9.85
C LYS A 495 50.56 19.82 -11.08
N GLU A 496 49.92 19.21 -12.06
CA GLU A 496 50.61 18.78 -13.27
C GLU A 496 50.81 19.86 -14.33
N CYS A 497 50.90 21.11 -13.89
CA CYS A 497 51.11 22.22 -14.82
C CYS A 497 52.54 22.75 -14.67
N PRO A 498 53.03 23.49 -15.68
CA PRO A 498 54.39 24.02 -15.63
C PRO A 498 54.63 24.76 -14.30
N ASN A 499 53.85 25.81 -14.05
CA ASN A 499 53.98 26.57 -12.82
C ASN A 499 53.16 25.87 -11.74
N PRO A 500 53.82 25.32 -10.72
CA PRO A 500 53.13 24.61 -9.63
C PRO A 500 52.04 25.44 -8.95
N LYS A 501 52.17 26.76 -9.04
CA LYS A 501 51.17 27.65 -8.44
C LYS A 501 50.71 28.66 -9.50
N PRO A 502 49.41 28.96 -9.51
CA PRO A 502 48.73 29.89 -10.43
C PRO A 502 49.35 31.26 -10.65
N ASP A 503 48.88 31.92 -11.71
CA ASP A 503 49.36 33.24 -12.08
C ASP A 503 48.74 34.34 -11.22
N LYS A 504 49.57 35.26 -10.76
CA LYS A 504 49.07 36.35 -9.95
C LYS A 504 48.19 37.21 -10.85
N ALA A 505 47.22 37.87 -10.25
CA ALA A 505 46.31 38.72 -11.01
C ALA A 505 46.98 40.03 -11.38
N PRO A 506 46.71 40.54 -12.59
CA PRO A 506 47.31 41.79 -13.03
C PRO A 506 46.94 42.91 -12.06
N LEU A 507 47.89 43.80 -11.78
CA LEU A 507 47.63 44.89 -10.86
C LEU A 507 46.86 46.00 -11.55
N GLN A 508 45.88 46.55 -10.84
CA GLN A 508 45.07 47.65 -11.36
C GLN A 508 45.16 48.80 -10.37
N LYS A 509 45.46 49.99 -10.87
CA LYS A 509 45.59 51.16 -10.02
C LYS A 509 44.48 52.16 -10.31
N VAL A 510 44.11 52.92 -9.28
CA VAL A 510 43.09 53.93 -9.42
C VAL A 510 43.34 54.98 -8.35
N SER A 511 43.20 56.25 -8.74
CA SER A 511 43.42 57.35 -7.80
C SER A 511 42.08 57.98 -7.43
N LEU A 512 41.88 58.19 -6.13
CA LEU A 512 40.65 58.79 -5.66
C LEU A 512 40.90 59.75 -4.52
N ALA A 513 39.97 60.67 -4.34
CA ALA A 513 40.04 61.67 -3.29
C ALA A 513 39.25 61.13 -2.10
N PRO A 514 39.53 61.62 -0.89
CA PRO A 514 38.79 61.14 0.29
C PRO A 514 37.29 61.41 0.20
N ASN A 515 36.52 60.64 0.98
CA ASN A 515 35.07 60.75 1.04
C ASN A 515 34.34 60.46 -0.26
N SER A 516 35.05 59.94 -1.25
CA SER A 516 34.39 59.62 -2.51
C SER A 516 33.87 58.18 -2.42
N ARG A 517 32.67 57.97 -2.97
CA ARG A 517 32.04 56.66 -2.98
C ARG A 517 32.68 55.79 -4.08
N TYR A 518 32.78 54.49 -3.85
CA TYR A 518 33.41 53.63 -4.86
C TYR A 518 33.05 52.14 -4.66
N TYR A 519 33.39 51.30 -5.64
CA TYR A 519 33.11 49.88 -5.50
C TYR A 519 34.06 49.06 -6.33
N LEU A 520 34.28 47.84 -5.87
CA LEU A 520 35.17 46.88 -6.53
C LEU A 520 34.38 45.64 -6.89
N SER A 521 34.43 45.27 -8.16
CA SER A 521 33.71 44.10 -8.62
C SER A 521 34.65 42.98 -9.01
N CYS A 522 34.28 41.78 -8.62
CA CYS A 522 35.06 40.59 -8.89
C CYS A 522 34.15 39.54 -9.54
N PRO A 523 34.17 39.45 -10.87
CA PRO A 523 33.31 38.43 -11.50
C PRO A 523 33.73 37.06 -11.02
N MET A 524 32.77 36.28 -10.53
CA MET A 524 33.05 34.96 -9.99
C MET A 524 32.96 33.83 -11.03
N GLU A 525 34.05 33.54 -11.73
CA GLU A 525 34.05 32.48 -12.72
C GLU A 525 33.67 31.11 -12.15
N SER A 526 34.45 30.58 -11.22
CA SER A 526 34.14 29.28 -10.64
C SER A 526 33.00 29.38 -9.64
N ARG A 527 31.93 28.66 -9.90
CA ARG A 527 30.77 28.68 -9.02
C ARG A 527 30.91 27.71 -7.86
N HIS A 528 32.12 27.14 -7.71
CA HIS A 528 32.39 26.19 -6.64
C HIS A 528 33.39 26.77 -5.65
N ALA A 529 33.75 28.02 -5.85
CA ALA A 529 34.71 28.67 -4.98
C ALA A 529 34.06 29.73 -4.11
N THR A 530 34.74 30.04 -3.01
CA THR A 530 34.31 31.08 -2.09
C THR A 530 35.26 32.23 -2.45
N TYR A 531 34.70 33.40 -2.70
CA TYR A 531 35.47 34.59 -3.06
C TYR A 531 35.52 35.58 -1.89
N SER A 532 36.70 36.16 -1.64
CA SER A 532 36.84 37.12 -0.54
C SER A 532 37.70 38.35 -0.88
N TRP A 533 37.19 39.52 -0.54
CA TRP A 533 37.91 40.77 -0.75
C TRP A 533 38.75 41.03 0.50
N ARG A 534 40.05 41.26 0.32
CA ARG A 534 40.93 41.47 1.46
C ARG A 534 41.72 42.79 1.44
N HIS A 535 41.67 43.49 2.58
CA HIS A 535 42.38 44.77 2.74
C HIS A 535 43.06 44.82 4.11
N LYS A 536 44.36 45.07 4.11
CA LYS A 536 45.12 45.13 5.35
C LYS A 536 45.04 43.79 6.07
N GLU A 537 44.99 42.70 5.31
CA GLU A 537 44.92 41.37 5.89
C GLU A 537 43.55 40.97 6.48
N ASN A 538 42.54 41.86 6.37
CA ASN A 538 41.21 41.52 6.87
C ASN A 538 40.23 41.40 5.71
N VAL A 539 39.25 40.51 5.84
CA VAL A 539 38.26 40.36 4.78
C VAL A 539 37.18 41.39 5.02
N GLU A 540 36.82 42.13 3.98
CA GLU A 540 35.79 43.13 4.11
C GLU A 540 34.49 42.63 3.48
N GLN A 541 34.62 41.64 2.61
CA GLN A 541 33.45 41.10 1.93
C GLN A 541 33.70 39.67 1.55
N SER A 542 32.71 38.82 1.77
CA SER A 542 32.88 37.42 1.45
C SER A 542 31.66 36.90 0.70
N CYS A 543 31.91 36.19 -0.40
CA CYS A 543 30.84 35.66 -1.22
C CYS A 543 30.94 34.14 -1.37
N GLU A 544 29.96 33.43 -0.80
CA GLU A 544 29.93 31.97 -0.87
C GLU A 544 29.21 31.48 -2.13
N PRO A 545 29.48 30.23 -2.56
CA PRO A 545 28.89 29.59 -3.75
C PRO A 545 27.39 29.78 -4.00
N GLY A 546 26.58 29.87 -2.96
CA GLY A 546 25.16 30.07 -3.15
C GLY A 546 24.85 31.51 -3.54
N HIS A 547 25.88 32.26 -3.91
CA HIS A 547 25.75 33.67 -4.28
C HIS A 547 25.02 33.82 -5.61
N GLN A 548 23.87 34.58 -5.60
CA GLN A 548 23.01 34.80 -6.77
C GLN A 548 23.71 35.57 -7.89
N SER A 549 24.10 36.80 -7.56
CA SER A 549 24.78 37.64 -8.54
C SER A 549 26.09 36.98 -8.95
N PRO A 550 26.54 37.27 -10.17
CA PRO A 550 27.80 36.71 -10.69
C PRO A 550 29.04 37.50 -10.25
N ASN A 551 28.85 38.50 -9.38
CA ASN A 551 29.96 39.34 -8.94
C ASN A 551 30.08 39.53 -7.43
N CYS A 552 31.31 39.44 -6.92
CA CYS A 552 31.54 39.66 -5.49
C CYS A 552 31.96 41.12 -5.43
N ILE A 553 31.09 41.95 -4.85
CA ILE A 553 31.35 43.37 -4.80
C ILE A 553 31.65 43.92 -3.41
N LEU A 554 32.73 44.68 -3.32
CA LEU A 554 33.09 45.31 -2.06
C LEU A 554 32.72 46.78 -2.23
N PHE A 555 31.86 47.28 -1.36
CA PHE A 555 31.43 48.68 -1.43
C PHE A 555 32.25 49.61 -0.55
N ILE A 556 32.50 50.82 -1.04
CA ILE A 556 33.23 51.82 -0.29
C ILE A 556 32.46 53.12 -0.27
N GLU A 557 31.77 53.35 0.84
CA GLU A 557 30.98 54.54 1.04
C GLU A 557 31.60 55.94 0.85
N ASN A 558 32.31 56.43 1.84
CA ASN A 558 32.94 57.75 1.75
C ASN A 558 34.35 57.24 2.10
N LEU A 559 35.25 57.28 1.13
CA LEU A 559 36.61 56.80 1.32
C LEU A 559 37.35 57.54 2.45
N THR A 560 38.03 56.78 3.31
CA THR A 560 38.78 57.37 4.43
C THR A 560 40.27 57.04 4.24
N ALA A 561 41.12 57.80 4.93
CA ALA A 561 42.57 57.60 4.83
C ALA A 561 42.95 56.17 5.18
N GLN A 562 42.32 55.63 6.23
CA GLN A 562 42.61 54.27 6.66
C GLN A 562 42.41 53.29 5.51
N GLN A 563 41.32 53.43 4.78
CA GLN A 563 41.03 52.52 3.69
C GLN A 563 41.66 52.85 2.33
N TYR A 564 42.99 52.94 2.33
CA TYR A 564 43.78 53.19 1.11
C TYR A 564 44.73 52.00 1.02
N GLY A 565 45.21 51.69 -0.18
CA GLY A 565 46.13 50.57 -0.29
C GLY A 565 45.70 49.43 -1.19
N HIS A 566 46.26 48.25 -0.94
CA HIS A 566 45.97 47.06 -1.72
C HIS A 566 44.65 46.36 -1.35
N TYR A 567 44.00 45.82 -2.38
CA TYR A 567 42.74 45.09 -2.26
C TYR A 567 42.85 43.86 -3.13
N PHE A 568 42.68 42.68 -2.54
CA PHE A 568 42.75 41.43 -3.27
C PHE A 568 41.42 40.67 -3.26
N CYS A 569 41.04 40.07 -4.38
CA CYS A 569 39.83 39.26 -4.40
C CYS A 569 40.41 37.88 -4.61
N GLU A 570 40.31 37.05 -3.58
CA GLU A 570 40.86 35.70 -3.62
C GLU A 570 39.78 34.63 -3.66
N ALA A 571 39.95 33.69 -4.58
CA ALA A 571 39.01 32.59 -4.73
C ALA A 571 39.64 31.34 -4.11
N GLN A 572 38.82 30.52 -3.46
CA GLN A 572 39.31 29.30 -2.84
C GLN A 572 38.27 28.19 -2.93
N GLU A 573 38.47 27.24 -3.82
CA GLU A 573 37.52 26.14 -3.96
C GLU A 573 37.70 25.16 -2.81
N GLY A 574 38.69 24.29 -2.92
CA GLY A 574 38.92 23.33 -1.86
C GLY A 574 40.18 23.72 -1.10
N SER A 575 41.31 23.19 -1.57
CA SER A 575 42.60 23.47 -0.97
C SER A 575 43.37 24.27 -2.01
N TYR A 576 42.65 24.80 -2.99
CA TYR A 576 43.25 25.59 -4.04
C TYR A 576 42.92 27.08 -3.88
N PHE A 577 43.94 27.92 -4.00
CA PHE A 577 43.77 29.36 -3.88
C PHE A 577 44.11 30.03 -5.19
N ARG A 578 43.59 31.24 -5.40
CA ARG A 578 43.84 31.96 -6.64
C ARG A 578 43.57 33.44 -6.43
N GLU A 579 44.43 34.28 -7.00
CA GLU A 579 44.25 35.72 -6.89
C GLU A 579 43.39 36.10 -8.10
N ALA A 580 42.12 36.37 -7.85
CA ALA A 580 41.19 36.72 -8.93
C ALA A 580 41.23 38.19 -9.28
N GLN A 581 41.62 39.03 -8.33
CA GLN A 581 41.65 40.47 -8.56
C GLN A 581 42.66 41.13 -7.64
N HIS A 582 43.30 42.18 -8.13
CA HIS A 582 44.27 42.92 -7.34
C HIS A 582 44.18 44.39 -7.69
N TRP A 583 43.69 45.18 -6.74
CA TRP A 583 43.55 46.60 -6.91
C TRP A 583 44.38 47.33 -5.87
N GLN A 584 44.76 48.55 -6.19
CA GLN A 584 45.51 49.39 -5.26
C GLN A 584 44.93 50.78 -5.35
N LEU A 585 44.29 51.20 -4.27
CA LEU A 585 43.68 52.51 -4.19
C LEU A 585 44.75 53.51 -3.76
N LEU A 586 45.05 54.46 -4.64
CA LEU A 586 46.04 55.48 -4.34
C LEU A 586 45.37 56.82 -4.09
N PRO A 587 45.96 57.64 -3.23
CA PRO A 587 45.42 58.96 -2.90
C PRO A 587 45.72 60.01 -3.95
N GLU A 588 44.72 60.85 -4.23
CA GLU A 588 44.85 61.93 -5.21
C GLU A 588 43.66 62.88 -5.12
N ASP A 589 43.95 64.15 -4.81
CA ASP A 589 42.92 65.17 -4.71
C ASP A 589 43.31 66.45 -5.45
N ALA B 1 -50.34 -32.63 -39.83
CA ALA B 1 -51.03 -33.25 -38.64
C ALA B 1 -50.45 -34.63 -38.23
N ASP B 2 -50.31 -34.76 -36.91
CA ASP B 2 -50.05 -35.96 -36.13
C ASP B 2 -48.98 -36.95 -36.25
N GLU B 3 -48.30 -36.90 -35.14
CA GLU B 3 -47.23 -37.73 -34.70
C GLU B 3 -46.04 -38.35 -35.39
N PRO B 4 -45.24 -37.55 -36.09
CA PRO B 4 -44.08 -38.22 -36.67
C PRO B 4 -43.10 -37.73 -35.61
N VAL B 5 -43.54 -37.86 -34.36
CA VAL B 5 -42.84 -37.41 -33.17
C VAL B 5 -41.46 -37.99 -32.98
N TRP B 6 -40.59 -37.19 -32.39
CA TRP B 6 -39.26 -37.65 -32.09
C TRP B 6 -39.09 -37.44 -30.59
N ARG B 7 -38.49 -38.41 -29.93
CA ARG B 7 -38.29 -38.33 -28.50
C ARG B 7 -36.81 -38.31 -28.17
N SER B 8 -36.51 -37.78 -26.98
CA SER B 8 -35.14 -37.68 -26.49
C SER B 8 -35.14 -37.98 -25.01
N GLU B 9 -34.03 -38.50 -24.51
CA GLU B 9 -33.92 -38.82 -23.10
C GLU B 9 -33.73 -37.55 -22.28
N GLN B 10 -33.09 -36.55 -22.86
CA GLN B 10 -32.89 -35.28 -22.17
C GLN B 10 -33.72 -34.18 -22.81
N ALA B 11 -33.96 -33.10 -22.06
CA ALA B 11 -34.72 -31.97 -22.55
C ALA B 11 -34.00 -31.34 -23.74
N ILE B 12 -34.77 -30.75 -24.64
CA ILE B 12 -34.20 -30.12 -25.82
C ILE B 12 -33.70 -28.71 -25.49
N GLY B 13 -32.46 -28.42 -25.88
CA GLY B 13 -31.90 -27.12 -25.60
C GLY B 13 -31.86 -26.21 -26.81
N ALA B 14 -31.91 -26.80 -28.00
CA ALA B 14 -31.88 -26.03 -29.22
C ALA B 14 -32.33 -26.85 -30.42
N ILE B 15 -32.75 -26.16 -31.47
CA ILE B 15 -33.21 -26.80 -32.69
C ILE B 15 -33.10 -25.85 -33.87
N ALA B 16 -32.46 -26.31 -34.92
CA ALA B 16 -32.30 -25.51 -36.12
C ALA B 16 -32.54 -26.38 -37.34
N ALA B 17 -33.40 -25.91 -38.24
CA ALA B 17 -33.72 -26.66 -39.45
C ALA B 17 -32.91 -26.20 -40.65
N SER B 18 -32.12 -27.12 -41.19
CA SER B 18 -31.28 -26.89 -42.35
C SER B 18 -32.17 -26.91 -43.59
N GLN B 19 -31.64 -26.39 -44.70
CA GLN B 19 -32.40 -26.36 -45.93
C GLN B 19 -32.38 -27.69 -46.70
N GLU B 20 -31.19 -28.20 -46.96
CA GLU B 20 -31.04 -29.45 -47.70
C GLU B 20 -30.62 -30.59 -46.79
N ASP B 21 -30.28 -30.27 -45.55
CA ASP B 21 -29.88 -31.31 -44.61
C ASP B 21 -30.87 -31.37 -43.48
N GLY B 22 -30.82 -32.46 -42.72
CA GLY B 22 -31.75 -32.67 -41.64
C GLY B 22 -32.10 -31.50 -40.72
N VAL B 23 -32.78 -31.86 -39.64
CA VAL B 23 -33.19 -30.91 -38.63
C VAL B 23 -32.26 -31.21 -37.46
N PHE B 24 -31.55 -30.21 -36.98
CA PHE B 24 -30.62 -30.44 -35.87
C PHE B 24 -31.24 -30.07 -34.54
N VAL B 25 -30.99 -30.90 -33.53
CA VAL B 25 -31.52 -30.65 -32.21
C VAL B 25 -30.58 -31.19 -31.13
N ALA B 26 -30.27 -30.33 -30.15
CA ALA B 26 -29.38 -30.67 -29.06
C ALA B 26 -30.21 -31.00 -27.83
N SER B 27 -29.87 -32.12 -27.18
CA SER B 27 -30.59 -32.57 -26.00
C SER B 27 -29.81 -32.25 -24.74
N GLY B 28 -28.79 -33.06 -24.47
CA GLY B 28 -27.97 -32.80 -23.29
C GLY B 28 -26.63 -32.33 -23.80
N SER B 29 -25.66 -33.24 -23.78
CA SER B 29 -24.33 -32.97 -24.27
C SER B 29 -24.22 -33.55 -25.67
N CYS B 30 -25.38 -33.79 -26.28
CA CYS B 30 -25.45 -34.35 -27.64
C CYS B 30 -26.23 -33.51 -28.63
N LEU B 31 -25.95 -33.75 -29.90
CA LEU B 31 -26.61 -33.07 -31.00
C LEU B 31 -27.01 -34.14 -32.03
N ASP B 32 -28.27 -34.13 -32.43
CA ASP B 32 -28.75 -35.11 -33.42
C ASP B 32 -29.16 -34.51 -34.75
N GLN B 33 -28.80 -35.18 -35.84
CA GLN B 33 -29.17 -34.75 -37.18
C GLN B 33 -30.36 -35.62 -37.56
N LEU B 34 -31.56 -35.07 -37.47
CA LEU B 34 -32.78 -35.82 -37.77
C LEU B 34 -33.32 -35.60 -39.18
N ASP B 35 -33.94 -36.63 -39.72
CA ASP B 35 -34.55 -36.57 -41.04
C ASP B 35 -35.73 -35.63 -40.89
N TYR B 36 -36.07 -34.90 -41.95
CA TYR B 36 -37.19 -33.97 -41.91
C TYR B 36 -38.46 -34.59 -41.37
N SER B 37 -38.65 -35.88 -41.61
CA SER B 37 -39.84 -36.58 -41.14
C SER B 37 -39.71 -37.01 -39.68
N LEU B 38 -38.56 -36.72 -39.08
CA LEU B 38 -38.31 -37.07 -37.68
C LEU B 38 -38.39 -38.58 -37.50
N GLU B 39 -37.98 -39.31 -38.52
CA GLU B 39 -37.99 -40.76 -38.51
C GLU B 39 -36.67 -41.31 -37.98
N HIS B 40 -35.59 -41.01 -38.70
CA HIS B 40 -34.27 -41.51 -38.35
C HIS B 40 -33.29 -40.46 -37.83
N SER B 41 -32.40 -40.92 -36.95
CA SER B 41 -31.35 -40.10 -36.37
C SER B 41 -30.11 -40.38 -37.22
N LEU B 42 -30.05 -39.73 -38.38
CA LEU B 42 -28.95 -39.90 -39.32
C LEU B 42 -27.58 -39.96 -38.68
N SER B 43 -27.19 -38.88 -38.00
CA SER B 43 -25.90 -38.80 -37.32
C SER B 43 -26.09 -38.24 -35.92
N ARG B 44 -25.10 -38.47 -35.05
CA ARG B 44 -25.17 -37.98 -33.68
C ARG B 44 -23.80 -37.46 -33.23
N LEU B 45 -23.80 -36.44 -32.38
CA LEU B 45 -22.57 -35.85 -31.85
C LEU B 45 -22.50 -35.98 -30.35
N TYR B 46 -21.43 -36.59 -29.87
CA TYR B 46 -21.19 -36.73 -28.44
C TYR B 46 -20.17 -35.66 -28.13
N ARG B 47 -20.65 -34.55 -27.59
CA ARG B 47 -19.80 -33.40 -27.29
C ARG B 47 -18.94 -33.54 -26.02
N ASP B 48 -19.54 -34.04 -24.94
CA ASP B 48 -18.79 -34.21 -23.70
C ASP B 48 -18.32 -35.66 -23.54
N GLN B 49 -19.06 -36.47 -22.78
CA GLN B 49 -18.69 -37.87 -22.58
C GLN B 49 -18.68 -38.61 -23.92
N ALA B 50 -17.98 -39.74 -23.99
CA ALA B 50 -17.89 -40.51 -25.22
C ALA B 50 -19.22 -41.14 -25.68
N GLY B 51 -20.00 -41.67 -24.75
CA GLY B 51 -21.26 -42.30 -25.12
C GLY B 51 -22.44 -41.82 -24.31
N ASN B 52 -22.20 -40.94 -23.34
CA ASN B 52 -23.24 -40.39 -22.49
C ASN B 52 -23.77 -39.06 -23.00
N CYS B 53 -25.09 -38.93 -23.05
CA CYS B 53 -25.71 -37.68 -23.48
C CYS B 53 -26.31 -37.09 -22.20
N THR B 54 -26.19 -37.85 -21.12
CA THR B 54 -26.71 -37.44 -19.83
C THR B 54 -26.11 -36.12 -19.38
N GLU B 55 -26.94 -35.29 -18.76
CA GLU B 55 -26.50 -33.99 -18.29
C GLU B 55 -25.44 -34.14 -17.20
N PRO B 56 -24.21 -33.70 -17.48
CA PRO B 56 -23.11 -33.80 -16.52
C PRO B 56 -23.48 -33.12 -15.19
N VAL B 57 -24.39 -32.15 -15.27
CA VAL B 57 -24.85 -31.42 -14.10
C VAL B 57 -26.38 -31.29 -14.18
N SER B 58 -27.05 -31.32 -13.03
CA SER B 58 -28.49 -31.21 -12.99
C SER B 58 -28.98 -29.78 -13.00
N LEU B 59 -29.82 -29.45 -13.98
CA LEU B 59 -30.37 -28.11 -14.12
C LEU B 59 -31.82 -28.12 -13.65
N ALA B 60 -32.12 -27.32 -12.62
CA ALA B 60 -33.49 -27.27 -12.10
C ALA B 60 -34.27 -26.11 -12.75
N PRO B 61 -35.22 -26.44 -13.63
CA PRO B 61 -36.06 -25.46 -14.34
C PRO B 61 -36.89 -24.59 -13.41
N PRO B 62 -36.62 -23.27 -13.36
CA PRO B 62 -37.37 -22.34 -12.51
C PRO B 62 -38.76 -22.04 -13.05
N ALA B 63 -39.31 -20.90 -12.60
CA ALA B 63 -40.63 -20.46 -13.04
C ALA B 63 -40.59 -20.43 -14.55
N ARG B 64 -41.73 -20.61 -15.20
CA ARG B 64 -41.72 -20.58 -16.65
C ARG B 64 -41.35 -19.21 -17.19
N PRO B 65 -41.75 -18.14 -16.49
CA PRO B 65 -41.35 -16.85 -17.05
C PRO B 65 -39.82 -16.81 -17.05
N ARG B 66 -39.23 -17.33 -15.98
CA ARG B 66 -37.78 -17.37 -15.81
C ARG B 66 -37.13 -18.23 -16.90
N PRO B 67 -36.00 -17.75 -17.46
CA PRO B 67 -35.27 -18.47 -18.51
C PRO B 67 -34.67 -19.75 -17.97
N GLY B 68 -34.49 -20.74 -18.85
CA GLY B 68 -33.93 -22.01 -18.44
C GLY B 68 -32.46 -22.19 -18.75
N SER B 69 -31.91 -23.31 -18.30
CA SER B 69 -30.50 -23.65 -18.50
C SER B 69 -30.34 -24.62 -19.66
N SER B 70 -29.12 -24.74 -20.15
CA SER B 70 -28.83 -25.62 -21.27
C SER B 70 -27.33 -25.70 -21.51
N PHE B 71 -26.88 -26.77 -22.13
CA PHE B 71 -25.47 -26.94 -22.42
C PHE B 71 -25.16 -26.43 -23.81
N SER B 72 -26.13 -26.52 -24.69
CA SER B 72 -25.95 -26.01 -26.04
C SER B 72 -26.26 -24.52 -25.96
N LYS B 73 -25.58 -23.72 -26.76
CA LYS B 73 -25.80 -22.28 -26.72
C LYS B 73 -26.07 -21.69 -28.10
N LEU B 74 -25.48 -22.29 -29.11
CA LEU B 74 -25.61 -21.84 -30.48
C LEU B 74 -25.71 -23.03 -31.44
N LEU B 75 -26.62 -22.92 -32.39
CA LEU B 75 -26.83 -23.94 -33.40
C LEU B 75 -27.20 -23.13 -34.63
N LEU B 76 -26.18 -22.73 -35.40
CA LEU B 76 -26.40 -21.90 -36.57
C LEU B 76 -25.88 -22.40 -37.88
N PRO B 77 -26.77 -22.92 -38.72
CA PRO B 77 -26.32 -23.41 -40.02
C PRO B 77 -26.20 -22.18 -40.92
N TYR B 78 -25.23 -22.18 -41.82
CA TYR B 78 -25.03 -21.07 -42.73
C TYR B 78 -24.23 -21.54 -43.95
N ARG B 79 -24.05 -20.65 -44.92
CA ARG B 79 -23.30 -20.99 -46.12
C ARG B 79 -23.93 -22.23 -46.77
N GLU B 80 -25.26 -22.22 -46.87
CA GLU B 80 -26.01 -23.33 -47.44
C GLU B 80 -26.11 -23.33 -48.97
N GLY B 81 -26.69 -22.29 -49.55
CA GLY B 81 -26.80 -22.25 -51.00
C GLY B 81 -25.52 -21.77 -51.66
N ALA B 82 -24.50 -22.62 -51.70
CA ALA B 82 -23.22 -22.23 -52.30
C ALA B 82 -23.00 -22.83 -53.68
N ALA B 83 -23.46 -24.08 -53.86
CA ALA B 83 -23.29 -24.77 -55.13
C ALA B 83 -21.80 -24.91 -55.42
N GLY B 84 -21.20 -25.99 -54.93
CA GLY B 84 -19.79 -26.23 -55.12
C GLY B 84 -19.15 -26.38 -53.76
N LEU B 85 -19.63 -25.61 -52.79
CA LEU B 85 -19.13 -25.67 -51.42
C LEU B 85 -20.24 -26.18 -50.50
N GLY B 86 -19.88 -27.08 -49.60
CA GLY B 86 -20.89 -27.60 -48.69
C GLY B 86 -21.36 -26.54 -47.69
N GLY B 87 -22.35 -26.92 -46.88
CA GLY B 87 -22.88 -26.01 -45.87
C GLY B 87 -22.11 -26.11 -44.57
N LEU B 88 -22.26 -25.12 -43.70
CA LEU B 88 -21.56 -25.09 -42.42
C LEU B 88 -22.50 -24.93 -41.25
N LEU B 89 -22.05 -25.37 -40.08
CA LEU B 89 -22.85 -25.27 -38.86
C LEU B 89 -22.05 -24.79 -37.62
N LEU B 90 -22.60 -23.80 -36.92
CA LEU B 90 -21.94 -23.32 -35.71
C LEU B 90 -22.56 -24.03 -34.53
N THR B 91 -21.72 -24.67 -33.73
CA THR B 91 -22.24 -25.36 -32.57
C THR B 91 -21.50 -24.81 -31.35
N GLY B 92 -22.23 -24.14 -30.47
CA GLY B 92 -21.65 -23.56 -29.29
C GLY B 92 -22.18 -24.22 -28.04
N TRP B 93 -21.30 -24.38 -27.05
CA TRP B 93 -21.66 -25.01 -25.79
C TRP B 93 -21.00 -24.34 -24.60
N THR B 94 -21.46 -24.73 -23.42
CA THR B 94 -20.91 -24.19 -22.19
C THR B 94 -19.52 -24.82 -22.01
N PHE B 95 -19.37 -26.07 -22.47
CA PHE B 95 -18.10 -26.80 -22.37
C PHE B 95 -16.91 -25.99 -22.86
N ASP B 96 -15.74 -26.34 -22.35
CA ASP B 96 -14.48 -25.70 -22.70
C ASP B 96 -14.53 -24.18 -22.72
N ARG B 97 -14.99 -23.59 -21.61
CA ARG B 97 -15.07 -22.14 -21.50
C ARG B 97 -15.93 -21.51 -22.59
N GLY B 98 -17.16 -22.03 -22.75
CA GLY B 98 -18.07 -21.50 -23.74
C GLY B 98 -17.53 -21.55 -25.14
N ALA B 99 -17.01 -22.71 -25.51
CA ALA B 99 -16.43 -22.93 -26.83
C ALA B 99 -17.48 -23.06 -27.92
N CYS B 100 -17.06 -22.86 -29.16
CA CYS B 100 -17.94 -22.98 -30.30
C CYS B 100 -17.11 -23.45 -31.48
N GLU B 101 -17.60 -24.44 -32.22
CA GLU B 101 -16.83 -24.87 -33.37
C GLU B 101 -17.57 -24.74 -34.69
N VAL B 102 -16.82 -24.77 -35.77
CA VAL B 102 -17.36 -24.68 -37.11
C VAL B 102 -17.32 -26.11 -37.65
N ARG B 103 -18.50 -26.66 -37.96
CA ARG B 103 -18.61 -28.02 -38.47
C ARG B 103 -19.26 -28.04 -39.84
N PRO B 104 -19.08 -29.14 -40.60
CA PRO B 104 -19.70 -29.23 -41.92
C PRO B 104 -21.19 -29.45 -41.70
N LEU B 105 -22.03 -28.80 -42.49
CA LEU B 105 -23.46 -28.98 -42.33
C LEU B 105 -23.86 -30.35 -42.90
N GLY B 106 -23.93 -31.35 -42.03
CA GLY B 106 -24.27 -32.68 -42.47
C GLY B 106 -23.88 -33.73 -41.44
N ASN B 107 -23.10 -34.70 -41.90
CA ASN B 107 -22.64 -35.78 -41.03
C ASN B 107 -21.94 -35.24 -39.78
N LEU B 108 -22.56 -35.50 -38.61
CA LEU B 108 -22.01 -35.04 -37.33
C LEU B 108 -20.83 -35.88 -36.89
N SER B 109 -20.44 -36.84 -37.73
CA SER B 109 -19.30 -37.69 -37.39
C SER B 109 -18.02 -37.11 -37.96
N ARG B 110 -18.15 -36.07 -38.79
CA ARG B 110 -16.98 -35.42 -39.37
C ARG B 110 -16.30 -34.56 -38.30
N ASN B 111 -15.04 -34.22 -38.54
CA ASN B 111 -14.29 -33.39 -37.60
C ASN B 111 -14.61 -31.93 -37.86
N SER B 112 -14.47 -31.11 -36.82
CA SER B 112 -14.72 -29.69 -36.95
C SER B 112 -13.59 -29.05 -37.72
N LEU B 113 -13.84 -27.90 -38.32
CA LEU B 113 -12.79 -27.22 -39.07
C LEU B 113 -12.03 -26.29 -38.12
N ARG B 114 -12.76 -25.40 -37.47
CA ARG B 114 -12.17 -24.45 -36.54
C ARG B 114 -12.97 -24.42 -35.25
N ASN B 115 -12.39 -23.86 -34.20
CA ASN B 115 -13.09 -23.73 -32.93
C ASN B 115 -12.40 -22.67 -32.07
N GLY B 116 -13.16 -22.12 -31.13
CA GLY B 116 -12.61 -21.11 -30.27
C GLY B 116 -13.35 -21.13 -28.96
N THR B 117 -12.68 -20.70 -27.90
CA THR B 117 -13.31 -20.66 -26.59
C THR B 117 -13.79 -19.25 -26.33
N GLU B 118 -14.60 -19.08 -25.29
CA GLU B 118 -15.11 -17.77 -24.92
C GLU B 118 -15.87 -17.12 -26.07
N VAL B 119 -16.59 -17.93 -26.83
CA VAL B 119 -17.39 -17.45 -27.94
C VAL B 119 -18.81 -17.24 -27.43
N VAL B 120 -19.29 -18.20 -26.66
CA VAL B 120 -20.63 -18.14 -26.10
C VAL B 120 -20.55 -18.26 -24.59
N SER B 121 -21.69 -18.26 -23.93
CA SER B 121 -21.71 -18.38 -22.48
C SER B 121 -21.22 -19.73 -22.00
N CYS B 122 -20.48 -19.73 -20.90
CA CYS B 122 -19.99 -20.97 -20.34
C CYS B 122 -20.88 -21.39 -19.18
N HIS B 123 -21.92 -20.60 -18.93
CA HIS B 123 -22.86 -20.87 -17.86
C HIS B 123 -24.16 -21.47 -18.41
N PRO B 124 -24.56 -22.63 -17.88
CA PRO B 124 -25.79 -23.29 -18.34
C PRO B 124 -27.00 -22.35 -18.33
N GLN B 125 -27.09 -21.55 -17.27
CA GLN B 125 -28.18 -20.60 -17.12
C GLN B 125 -27.99 -19.27 -17.86
N GLY B 126 -26.80 -19.07 -18.42
CA GLY B 126 -26.54 -17.81 -19.12
C GLY B 126 -27.03 -17.71 -20.55
N SER B 127 -27.62 -16.57 -20.90
CA SER B 127 -28.12 -16.34 -22.25
C SER B 127 -27.01 -16.37 -23.27
N THR B 128 -27.41 -16.56 -24.53
CA THR B 128 -26.50 -16.57 -25.67
C THR B 128 -27.42 -16.53 -26.88
N ALA B 129 -27.18 -15.61 -27.80
CA ALA B 129 -27.97 -15.51 -29.01
C ALA B 129 -26.97 -14.95 -30.00
N GLY B 130 -26.97 -15.49 -31.21
CA GLY B 130 -26.04 -15.03 -32.23
C GLY B 130 -26.60 -15.18 -33.63
N VAL B 131 -25.92 -14.57 -34.60
CA VAL B 131 -26.36 -14.65 -35.98
C VAL B 131 -25.14 -14.48 -36.87
N VAL B 132 -25.14 -15.16 -38.02
CA VAL B 132 -24.04 -15.06 -38.96
C VAL B 132 -24.44 -14.09 -40.06
N TYR B 133 -23.44 -13.48 -40.69
CA TYR B 133 -23.69 -12.52 -41.74
C TYR B 133 -22.33 -12.32 -42.42
N ARG B 134 -22.29 -11.56 -43.49
CA ARG B 134 -21.04 -11.34 -44.19
C ARG B 134 -20.73 -9.86 -44.26
N ALA B 135 -19.45 -9.53 -44.12
CA ALA B 135 -19.02 -8.14 -44.15
C ALA B 135 -17.60 -7.99 -44.62
N GLY B 136 -17.18 -6.75 -44.82
CA GLY B 136 -15.83 -6.47 -45.26
C GLY B 136 -15.62 -6.62 -46.75
N ARG B 137 -14.42 -6.22 -47.19
CA ARG B 137 -14.05 -6.29 -48.61
C ARG B 137 -13.86 -7.75 -49.03
N ASN B 138 -13.52 -8.61 -48.08
CA ASN B 138 -13.31 -10.03 -48.37
C ASN B 138 -14.65 -10.74 -48.32
N ASN B 139 -15.67 -10.04 -47.83
CA ASN B 139 -17.00 -10.61 -47.71
C ASN B 139 -16.91 -11.89 -46.87
N ARG B 140 -16.09 -11.83 -45.82
CA ARG B 140 -15.93 -12.98 -44.93
C ARG B 140 -17.16 -13.24 -44.09
N TRP B 141 -17.30 -14.46 -43.59
CA TRP B 141 -18.42 -14.82 -42.75
C TRP B 141 -18.14 -14.49 -41.30
N TYR B 142 -19.00 -13.67 -40.71
CA TYR B 142 -18.88 -13.24 -39.33
C TYR B 142 -20.03 -13.76 -38.47
N LEU B 143 -19.79 -13.79 -37.16
CA LEU B 143 -20.80 -14.22 -36.20
C LEU B 143 -20.91 -13.11 -35.17
N ALA B 144 -22.10 -12.59 -34.97
CA ALA B 144 -22.31 -11.55 -33.98
C ALA B 144 -22.97 -12.29 -32.82
N VAL B 145 -22.31 -12.35 -31.67
CA VAL B 145 -22.84 -13.06 -30.51
C VAL B 145 -23.05 -12.16 -29.30
N ALA B 146 -24.16 -12.41 -28.59
CA ALA B 146 -24.49 -11.69 -27.37
C ALA B 146 -24.68 -12.78 -26.34
N ALA B 147 -24.12 -12.59 -25.15
CA ALA B 147 -24.24 -13.61 -24.13
C ALA B 147 -24.00 -13.05 -22.73
N THR B 148 -24.30 -13.88 -21.74
CA THR B 148 -24.08 -13.55 -20.34
C THR B 148 -22.80 -14.35 -20.00
N TYR B 149 -21.66 -13.77 -20.31
CA TYR B 149 -20.37 -14.41 -20.08
C TYR B 149 -19.95 -14.47 -18.62
N VAL B 150 -20.32 -13.45 -17.86
CA VAL B 150 -19.96 -13.35 -16.46
C VAL B 150 -21.10 -13.55 -15.45
N LEU B 151 -20.94 -14.58 -14.63
CA LEU B 151 -21.90 -14.88 -13.56
C LEU B 151 -21.05 -15.24 -12.36
N PRO B 152 -21.53 -14.99 -11.13
CA PRO B 152 -20.71 -15.34 -9.98
C PRO B 152 -20.40 -16.84 -9.95
N GLU B 153 -19.13 -17.18 -9.78
CA GLU B 153 -18.72 -18.58 -9.75
C GLU B 153 -18.40 -19.01 -8.31
N PRO B 154 -19.30 -19.78 -7.70
CA PRO B 154 -19.10 -20.27 -6.33
C PRO B 154 -18.00 -21.32 -6.32
N GLU B 155 -18.16 -22.31 -7.20
CA GLU B 155 -17.18 -23.38 -7.34
C GLU B 155 -15.84 -22.73 -7.68
N THR B 156 -14.84 -22.95 -6.84
CA THR B 156 -13.52 -22.37 -7.04
C THR B 156 -12.63 -23.10 -8.04
N ALA B 157 -13.11 -24.22 -8.58
CA ALA B 157 -12.30 -24.98 -9.53
C ALA B 157 -12.85 -24.94 -10.95
N SER B 158 -14.17 -25.08 -11.10
CA SER B 158 -14.82 -25.06 -12.40
C SER B 158 -15.01 -23.66 -13.00
N ARG B 159 -14.25 -22.69 -12.48
CA ARG B 159 -14.34 -21.31 -12.94
C ARG B 159 -14.03 -21.15 -14.43
N CYS B 160 -14.99 -20.61 -15.19
CA CYS B 160 -14.80 -20.42 -16.62
C CYS B 160 -14.98 -19.00 -17.16
N ASN B 161 -15.28 -18.04 -16.30
CA ASN B 161 -15.44 -16.65 -16.74
C ASN B 161 -14.23 -16.17 -17.55
N PRO B 162 -14.46 -15.29 -18.54
CA PRO B 162 -13.34 -14.77 -19.36
C PRO B 162 -12.41 -13.87 -18.56
N ALA B 163 -11.39 -13.34 -19.21
CA ALA B 163 -10.41 -12.48 -18.51
C ALA B 163 -11.00 -11.20 -17.91
N ALA B 164 -10.26 -10.60 -16.99
CA ALA B 164 -10.74 -9.37 -16.35
C ALA B 164 -10.99 -8.26 -17.34
N SER B 165 -10.22 -8.22 -18.42
CA SER B 165 -10.36 -7.18 -19.43
C SER B 165 -11.52 -7.45 -20.39
N ASP B 166 -12.18 -8.60 -20.21
CA ASP B 166 -13.30 -8.97 -21.06
C ASP B 166 -14.56 -9.12 -20.24
N HIS B 167 -14.47 -8.84 -18.95
CA HIS B 167 -15.61 -8.97 -18.05
C HIS B 167 -16.82 -8.13 -18.42
N ASP B 168 -16.63 -7.02 -19.10
CA ASP B 168 -17.74 -6.18 -19.49
C ASP B 168 -18.19 -6.42 -20.94
N THR B 169 -17.83 -7.55 -21.50
CA THR B 169 -18.24 -7.81 -22.87
C THR B 169 -19.71 -8.25 -22.95
N ALA B 170 -20.47 -7.56 -23.80
CA ALA B 170 -21.89 -7.87 -23.97
C ALA B 170 -22.09 -8.59 -25.30
N ILE B 171 -21.58 -7.99 -26.38
CA ILE B 171 -21.69 -8.58 -27.71
C ILE B 171 -20.31 -8.60 -28.36
N ALA B 172 -20.01 -9.69 -29.07
CA ALA B 172 -18.71 -9.81 -29.72
C ALA B 172 -18.83 -10.25 -31.18
N LEU B 173 -17.91 -9.79 -32.02
CA LEU B 173 -17.88 -10.14 -33.42
C LEU B 173 -16.77 -11.19 -33.62
N LYS B 174 -17.13 -12.33 -34.19
CA LYS B 174 -16.18 -13.42 -34.41
C LYS B 174 -15.93 -13.69 -35.89
N ASP B 175 -14.67 -13.76 -36.27
CA ASP B 175 -14.29 -14.05 -37.66
C ASP B 175 -14.30 -15.58 -37.79
N THR B 176 -15.37 -16.13 -38.38
CA THR B 176 -15.52 -17.59 -38.53
C THR B 176 -14.42 -18.32 -39.27
N GLU B 177 -13.59 -17.60 -40.01
CA GLU B 177 -12.50 -18.22 -40.76
C GLU B 177 -11.13 -17.86 -40.17
N GLY B 178 -11.11 -17.41 -38.91
CA GLY B 178 -9.84 -17.04 -38.32
C GLY B 178 -9.44 -17.82 -37.07
N ARG B 179 -8.24 -17.51 -36.58
CA ARG B 179 -7.65 -18.10 -35.37
C ARG B 179 -8.63 -18.04 -34.21
N SER B 180 -9.10 -19.18 -33.74
CA SER B 180 -10.03 -19.23 -32.63
C SER B 180 -11.27 -18.35 -32.78
N LEU B 181 -11.72 -18.15 -34.02
CA LEU B 181 -12.92 -17.34 -34.26
C LEU B 181 -12.71 -15.99 -33.59
N ALA B 182 -11.49 -15.50 -33.72
CA ALA B 182 -11.04 -14.24 -33.14
C ALA B 182 -11.91 -12.97 -33.22
N THR B 183 -11.86 -12.22 -32.14
CA THR B 183 -12.54 -10.93 -32.04
C THR B 183 -11.39 -9.92 -31.97
N GLN B 184 -11.40 -8.92 -32.83
CA GLN B 184 -10.36 -7.89 -32.85
C GLN B 184 -10.63 -6.86 -31.77
N GLU B 185 -9.77 -5.85 -31.70
CA GLU B 185 -9.88 -4.76 -30.71
C GLU B 185 -11.23 -4.04 -30.71
N LEU B 186 -11.70 -3.69 -31.89
CA LEU B 186 -12.96 -2.97 -32.08
C LEU B 186 -14.16 -3.88 -32.30
N GLY B 187 -13.99 -5.15 -32.01
CA GLY B 187 -15.06 -6.11 -32.23
C GLY B 187 -16.00 -6.43 -31.09
N ARG B 188 -16.19 -5.53 -30.13
CA ARG B 188 -17.15 -5.85 -29.08
C ARG B 188 -17.90 -4.65 -28.53
N LEU B 189 -19.05 -4.94 -27.91
CA LEU B 189 -19.87 -3.93 -27.30
C LEU B 189 -19.78 -4.20 -25.82
N LYS B 190 -19.51 -3.17 -25.03
CA LYS B 190 -19.34 -3.37 -23.59
C LYS B 190 -20.46 -2.93 -22.68
N LEU B 191 -20.63 -3.69 -21.62
CA LEU B 191 -21.63 -3.46 -20.60
C LEU B 191 -21.30 -2.28 -19.71
N CYS B 192 -22.34 -1.65 -19.18
CA CYS B 192 -22.15 -0.56 -18.25
C CYS B 192 -22.10 -1.24 -16.89
N GLU B 193 -21.11 -0.88 -16.09
CA GLU B 193 -20.96 -1.47 -14.76
C GLU B 193 -22.16 -1.12 -13.87
N GLY B 194 -22.65 -2.12 -13.14
CA GLY B 194 -23.78 -1.88 -12.26
C GLY B 194 -25.11 -2.24 -12.90
N ALA B 195 -25.15 -2.24 -14.23
CA ALA B 195 -26.36 -2.57 -14.97
C ALA B 195 -26.76 -4.01 -14.67
N GLY B 196 -25.92 -4.71 -13.92
CA GLY B 196 -26.20 -6.09 -13.60
C GLY B 196 -26.08 -6.93 -14.86
N SER B 197 -26.82 -8.04 -14.90
CA SER B 197 -26.76 -8.91 -16.06
C SER B 197 -27.82 -8.56 -17.09
N LEU B 198 -27.52 -8.91 -18.33
CA LEU B 198 -28.42 -8.69 -19.44
C LEU B 198 -28.72 -10.05 -20.02
N HIS B 199 -30.00 -10.36 -20.18
CA HIS B 199 -30.38 -11.63 -20.73
C HIS B 199 -30.76 -11.47 -22.20
N PHE B 200 -29.91 -11.96 -23.09
CA PHE B 200 -30.17 -11.86 -24.52
C PHE B 200 -31.07 -12.99 -25.01
N VAL B 201 -32.13 -12.59 -25.70
CA VAL B 201 -33.15 -13.51 -26.21
C VAL B 201 -32.99 -13.98 -27.64
N ASP B 202 -32.64 -13.07 -28.54
CA ASP B 202 -32.51 -13.43 -29.94
C ASP B 202 -31.49 -12.51 -30.58
N ALA B 203 -31.21 -12.72 -31.87
CA ALA B 203 -30.25 -11.90 -32.58
C ALA B 203 -30.66 -12.02 -34.04
N PHE B 204 -30.87 -10.89 -34.73
CA PHE B 204 -31.27 -10.98 -36.13
C PHE B 204 -30.88 -9.78 -37.00
N LEU B 205 -30.85 -10.02 -38.31
CA LEU B 205 -30.50 -9.01 -39.30
C LEU B 205 -31.73 -8.26 -39.83
N TRP B 206 -31.59 -6.95 -39.98
CA TRP B 206 -32.65 -6.11 -40.51
C TRP B 206 -32.13 -4.74 -40.90
N ASN B 207 -32.48 -4.31 -42.12
CA ASN B 207 -32.08 -3.03 -42.68
C ASN B 207 -30.60 -2.66 -42.44
N GLY B 208 -29.69 -3.57 -42.81
CA GLY B 208 -28.27 -3.32 -42.68
C GLY B 208 -27.73 -3.28 -41.26
N SER B 209 -28.53 -3.74 -40.31
CA SER B 209 -28.13 -3.75 -38.92
C SER B 209 -28.43 -5.07 -38.26
N ILE B 210 -27.85 -5.26 -37.06
CA ILE B 210 -28.07 -6.46 -36.27
C ILE B 210 -28.76 -5.98 -35.00
N TYR B 211 -29.84 -6.68 -34.64
CA TYR B 211 -30.65 -6.34 -33.46
C TYR B 211 -30.61 -7.42 -32.41
N PHE B 212 -30.58 -7.00 -31.16
CA PHE B 212 -30.49 -7.96 -30.07
C PHE B 212 -31.53 -7.72 -29.00
N PRO B 213 -32.62 -8.48 -29.05
CA PRO B 213 -33.66 -8.31 -28.02
C PRO B 213 -33.13 -8.83 -26.69
N TYR B 214 -33.34 -8.10 -25.61
CA TYR B 214 -32.85 -8.55 -24.31
C TYR B 214 -33.55 -7.84 -23.17
N TYR B 215 -33.23 -8.24 -21.95
CA TYR B 215 -33.77 -7.60 -20.76
C TYR B 215 -32.86 -7.77 -19.54
N PRO B 216 -32.75 -6.73 -18.72
CA PRO B 216 -31.90 -6.83 -17.53
C PRO B 216 -32.47 -7.93 -16.65
N TYR B 217 -31.61 -8.76 -16.09
CA TYR B 217 -32.11 -9.85 -15.26
C TYR B 217 -31.08 -10.25 -14.21
N ASN B 218 -31.57 -10.55 -13.03
CA ASN B 218 -30.70 -10.96 -11.95
C ASN B 218 -30.88 -12.46 -11.85
N TYR B 219 -29.86 -13.20 -12.26
CA TYR B 219 -29.91 -14.65 -12.22
C TYR B 219 -29.93 -15.23 -10.81
N THR B 220 -29.29 -14.54 -9.87
CA THR B 220 -29.26 -15.00 -8.48
C THR B 220 -30.65 -14.80 -7.89
N SER B 221 -31.15 -13.58 -8.02
CA SER B 221 -32.46 -13.21 -7.52
C SER B 221 -33.56 -13.92 -8.31
N GLY B 222 -33.36 -14.02 -9.63
CA GLY B 222 -34.33 -14.68 -10.48
C GLY B 222 -35.42 -13.71 -10.90
N ALA B 223 -35.12 -12.42 -10.81
CA ALA B 223 -36.08 -11.40 -11.16
C ALA B 223 -35.56 -10.42 -12.19
N ALA B 224 -36.47 -9.96 -13.05
CA ALA B 224 -36.13 -9.00 -14.07
C ALA B 224 -35.94 -7.63 -13.42
N THR B 225 -35.08 -6.82 -14.00
CA THR B 225 -34.79 -5.49 -13.46
C THR B 225 -35.54 -4.37 -14.18
N GLY B 226 -35.00 -3.94 -15.32
CA GLY B 226 -35.61 -2.88 -16.08
C GLY B 226 -36.59 -3.32 -17.14
N TRP B 227 -36.60 -2.58 -18.25
CA TRP B 227 -37.49 -2.85 -19.37
C TRP B 227 -36.89 -3.72 -20.47
N PRO B 228 -37.71 -4.55 -21.12
CA PRO B 228 -37.19 -5.37 -22.19
C PRO B 228 -36.72 -4.35 -23.21
N SER B 229 -35.66 -4.66 -23.96
CA SER B 229 -35.14 -3.71 -24.91
C SER B 229 -34.59 -4.39 -26.12
N MET B 230 -33.89 -3.61 -26.92
CA MET B 230 -33.27 -4.11 -28.12
C MET B 230 -32.03 -3.24 -28.36
N ALA B 231 -30.91 -3.89 -28.67
CA ALA B 231 -29.66 -3.20 -28.98
C ALA B 231 -29.53 -3.24 -30.48
N ARG B 232 -29.02 -2.18 -31.08
CA ARG B 232 -28.87 -2.13 -32.53
C ARG B 232 -27.41 -1.87 -32.88
N ILE B 233 -26.88 -2.70 -33.77
CA ILE B 233 -25.50 -2.58 -34.19
C ILE B 233 -25.38 -2.66 -35.71
N ALA B 234 -24.34 -2.03 -36.25
CA ALA B 234 -24.10 -2.03 -37.67
C ALA B 234 -23.61 -3.39 -38.19
N GLN B 235 -23.98 -3.73 -39.42
CA GLN B 235 -23.51 -4.96 -40.02
C GLN B 235 -22.12 -4.63 -40.55
N SER B 236 -21.13 -4.71 -39.65
CA SER B 236 -19.76 -4.36 -39.99
C SER B 236 -18.74 -5.35 -39.46
N THR B 237 -17.47 -5.12 -39.78
CA THR B 237 -16.40 -5.99 -39.28
C THR B 237 -15.99 -5.47 -37.89
N GLU B 238 -16.48 -4.29 -37.54
CA GLU B 238 -16.22 -3.67 -36.25
C GLU B 238 -17.55 -3.35 -35.60
N VAL B 239 -17.56 -3.25 -34.27
CA VAL B 239 -18.79 -2.91 -33.59
C VAL B 239 -19.06 -1.41 -33.71
N LEU B 240 -20.23 -1.06 -34.21
CA LEU B 240 -20.63 0.34 -34.31
C LEU B 240 -22.00 0.44 -33.70
N PHE B 241 -22.04 0.84 -32.43
CA PHE B 241 -23.27 0.99 -31.69
C PHE B 241 -24.18 2.00 -32.38
N GLN B 242 -25.42 1.59 -32.65
CA GLN B 242 -26.35 2.50 -33.31
C GLN B 242 -27.55 2.83 -32.44
N GLY B 243 -27.57 2.33 -31.20
CA GLY B 243 -28.71 2.64 -30.36
C GLY B 243 -29.30 1.54 -29.51
N GLN B 244 -30.12 1.97 -28.58
CA GLN B 244 -30.82 1.11 -27.63
C GLN B 244 -32.22 1.70 -27.43
N ALA B 245 -33.21 0.84 -27.20
CA ALA B 245 -34.59 1.28 -27.00
C ALA B 245 -35.43 0.25 -26.26
N SER B 246 -36.28 0.72 -25.35
CA SER B 246 -37.15 -0.15 -24.55
C SER B 246 -38.40 -0.52 -25.33
N LEU B 247 -39.00 -1.65 -24.96
CA LEU B 247 -40.20 -2.13 -25.62
C LEU B 247 -41.32 -2.28 -24.60
N ASP B 248 -42.35 -1.43 -24.71
CA ASP B 248 -43.48 -1.48 -23.78
C ASP B 248 -44.56 -2.46 -24.24
N CYS B 249 -44.82 -3.48 -23.44
CA CYS B 249 -45.85 -4.46 -23.74
C CYS B 249 -46.47 -4.89 -22.43
N GLY B 250 -46.83 -3.89 -21.62
CA GLY B 250 -47.47 -4.16 -20.34
C GLY B 250 -48.86 -3.56 -20.32
N HIS B 251 -49.59 -3.79 -21.40
CA HIS B 251 -50.94 -3.25 -21.57
C HIS B 251 -51.97 -3.64 -20.52
N GLY B 252 -52.36 -4.91 -20.51
CA GLY B 252 -53.35 -5.37 -19.56
C GLY B 252 -52.81 -5.85 -18.23
N HIS B 253 -51.70 -5.25 -17.77
CA HIS B 253 -51.11 -5.66 -16.51
C HIS B 253 -50.61 -4.46 -15.72
N PRO B 254 -50.93 -4.39 -14.43
CA PRO B 254 -50.49 -3.27 -13.58
C PRO B 254 -49.00 -2.97 -13.66
N ASP B 255 -48.19 -3.82 -13.02
CA ASP B 255 -46.75 -3.63 -13.01
C ASP B 255 -46.07 -3.87 -14.36
N GLY B 256 -46.82 -4.40 -15.33
CA GLY B 256 -46.25 -4.65 -16.65
C GLY B 256 -45.65 -6.02 -16.85
N ARG B 257 -45.07 -6.24 -18.03
CA ARG B 257 -44.44 -7.51 -18.37
C ARG B 257 -42.99 -7.24 -18.75
N ARG B 258 -42.10 -7.28 -17.75
CA ARG B 258 -40.70 -7.01 -17.99
C ARG B 258 -39.83 -8.24 -18.28
N LEU B 259 -40.43 -9.26 -18.86
CA LEU B 259 -39.73 -10.49 -19.23
C LEU B 259 -40.06 -10.82 -20.69
N LEU B 260 -39.04 -11.15 -21.47
CA LEU B 260 -39.26 -11.48 -22.88
C LEU B 260 -38.95 -12.94 -23.11
N LEU B 261 -39.98 -13.73 -23.42
CA LEU B 261 -39.81 -15.16 -23.64
C LEU B 261 -39.49 -15.57 -25.06
N SER B 262 -40.06 -14.87 -26.04
CA SER B 262 -39.83 -15.27 -27.43
C SER B 262 -39.70 -14.13 -28.40
N SER B 263 -38.96 -14.36 -29.47
CA SER B 263 -38.70 -13.34 -30.48
C SER B 263 -38.80 -13.88 -31.91
N SER B 264 -39.43 -13.12 -32.78
CA SER B 264 -39.59 -13.52 -34.18
C SER B 264 -39.81 -12.32 -35.09
N LEU B 265 -38.91 -12.15 -36.04
CA LEU B 265 -39.01 -11.06 -36.99
C LEU B 265 -39.77 -11.53 -38.20
N VAL B 266 -40.92 -10.91 -38.47
CA VAL B 266 -41.70 -11.30 -39.64
C VAL B 266 -40.97 -10.77 -40.87
N GLU B 267 -40.32 -11.69 -41.57
CA GLU B 267 -39.52 -11.41 -42.76
C GLU B 267 -40.02 -10.27 -43.65
N ALA B 268 -40.83 -10.60 -44.65
CA ALA B 268 -41.34 -9.62 -45.60
C ALA B 268 -42.43 -8.73 -45.02
N LEU B 269 -42.15 -8.09 -43.89
CA LEU B 269 -43.13 -7.21 -43.28
C LEU B 269 -42.49 -6.10 -42.46
N ASP B 270 -41.22 -6.28 -42.09
CA ASP B 270 -40.52 -5.27 -41.31
C ASP B 270 -41.16 -5.04 -39.95
N VAL B 271 -41.77 -6.09 -39.42
CA VAL B 271 -42.39 -6.03 -38.10
C VAL B 271 -41.83 -7.18 -37.29
N TRP B 272 -41.61 -6.91 -36.02
CA TRP B 272 -41.05 -7.88 -35.09
C TRP B 272 -42.07 -8.27 -34.02
N ALA B 273 -42.16 -9.57 -33.77
CA ALA B 273 -43.09 -10.11 -32.79
C ALA B 273 -42.33 -10.67 -31.59
N GLY B 274 -42.90 -10.49 -30.42
CA GLY B 274 -42.28 -10.99 -29.20
C GLY B 274 -43.31 -11.30 -28.14
N VAL B 275 -43.06 -12.35 -27.36
CA VAL B 275 -43.98 -12.73 -26.29
C VAL B 275 -43.42 -12.21 -24.96
N PHE B 276 -44.16 -11.31 -24.33
CA PHE B 276 -43.74 -10.73 -23.07
C PHE B 276 -44.52 -11.32 -21.92
N SER B 277 -44.01 -11.15 -20.71
CA SER B 277 -44.65 -11.69 -19.53
C SER B 277 -44.20 -10.99 -18.26
N ALA B 278 -45.05 -11.04 -17.25
CA ALA B 278 -44.72 -10.45 -15.96
C ALA B 278 -44.34 -11.64 -15.08
N ALA B 279 -43.96 -11.40 -13.83
CA ALA B 279 -43.58 -12.50 -12.94
C ALA B 279 -44.80 -13.30 -12.47
N ALA B 280 -44.66 -14.62 -12.46
CA ALA B 280 -45.75 -15.49 -12.01
C ALA B 280 -45.43 -16.01 -10.60
N GLY B 281 -45.02 -15.08 -9.74
CA GLY B 281 -44.66 -15.45 -8.37
C GLY B 281 -43.32 -16.15 -8.39
N GLU B 282 -42.96 -16.80 -7.29
CA GLU B 282 -41.69 -17.52 -7.25
C GLU B 282 -41.98 -18.97 -7.63
N GLY B 283 -43.25 -19.33 -7.55
CA GLY B 283 -43.68 -20.68 -7.92
C GLY B 283 -44.57 -20.58 -9.14
N GLN B 284 -45.84 -20.26 -8.93
CA GLN B 284 -46.80 -20.12 -10.02
C GLN B 284 -48.13 -19.61 -9.45
N GLU B 285 -48.03 -18.87 -8.35
CA GLU B 285 -49.20 -18.33 -7.66
C GLU B 285 -49.82 -17.11 -8.34
N ARG B 286 -48.99 -16.12 -8.66
CA ARG B 286 -49.47 -14.89 -9.29
C ARG B 286 -49.96 -15.07 -10.73
N ARG B 287 -50.36 -16.27 -11.10
CA ARG B 287 -50.83 -16.52 -12.44
C ARG B 287 -52.15 -15.79 -12.69
N SER B 288 -52.22 -15.09 -13.82
CA SER B 288 -53.41 -14.32 -14.19
C SER B 288 -53.71 -14.49 -15.67
N PRO B 289 -54.97 -14.31 -16.08
CA PRO B 289 -55.33 -14.44 -17.49
C PRO B 289 -54.74 -13.31 -18.34
N THR B 290 -53.93 -12.47 -17.73
CA THR B 290 -53.29 -11.35 -18.42
C THR B 290 -51.77 -11.31 -18.20
N THR B 291 -51.23 -12.34 -17.55
CA THR B 291 -49.80 -12.38 -17.28
C THR B 291 -48.91 -12.33 -18.52
N THR B 292 -49.36 -12.93 -19.61
CA THR B 292 -48.57 -12.92 -20.84
C THR B 292 -49.26 -12.09 -21.91
N ALA B 293 -48.56 -11.88 -23.03
CA ALA B 293 -49.12 -11.11 -24.12
C ALA B 293 -48.22 -11.16 -25.34
N LEU B 294 -48.84 -11.02 -26.52
CA LEU B 294 -48.12 -11.00 -27.78
C LEU B 294 -48.15 -9.57 -28.29
N CYS B 295 -46.97 -9.03 -28.60
CA CYS B 295 -46.86 -7.65 -29.09
C CYS B 295 -46.08 -7.58 -30.38
N LEU B 296 -46.56 -6.74 -31.30
CA LEU B 296 -45.89 -6.53 -32.57
C LEU B 296 -45.34 -5.12 -32.62
N PHE B 297 -44.12 -5.00 -33.14
CA PHE B 297 -43.47 -3.71 -33.23
C PHE B 297 -43.01 -3.43 -34.65
N ARG B 298 -43.03 -2.16 -35.03
CA ARG B 298 -42.57 -1.78 -36.37
C ARG B 298 -41.06 -1.58 -36.30
N MET B 299 -40.32 -2.36 -37.08
CA MET B 299 -38.88 -2.22 -37.08
C MET B 299 -38.47 -0.78 -37.36
N SER B 300 -39.24 -0.08 -38.18
CA SER B 300 -38.93 1.32 -38.50
C SER B 300 -38.97 2.23 -37.26
N GLU B 301 -39.94 2.01 -36.39
CA GLU B 301 -40.05 2.81 -35.18
C GLU B 301 -38.95 2.38 -34.20
N ILE B 302 -38.61 1.10 -34.22
CA ILE B 302 -37.57 0.59 -33.35
C ILE B 302 -36.25 1.26 -33.75
N GLN B 303 -35.98 1.34 -35.05
CA GLN B 303 -34.75 1.97 -35.50
C GLN B 303 -34.73 3.45 -35.14
N ALA B 304 -35.81 4.14 -35.48
CA ALA B 304 -35.94 5.57 -35.22
C ALA B 304 -35.83 5.96 -33.75
N ARG B 305 -36.41 5.17 -32.85
CA ARG B 305 -36.36 5.52 -31.42
C ARG B 305 -35.17 4.99 -30.63
N ALA B 306 -34.32 4.19 -31.27
CA ALA B 306 -33.13 3.64 -30.60
C ALA B 306 -31.98 4.64 -30.73
N LYS B 307 -31.66 5.32 -29.64
CA LYS B 307 -30.61 6.33 -29.63
C LYS B 307 -29.26 5.83 -29.12
N ARG B 308 -28.18 6.40 -29.65
CA ARG B 308 -26.82 6.05 -29.24
C ARG B 308 -26.51 6.64 -27.88
N VAL B 309 -27.31 6.28 -26.88
CA VAL B 309 -27.11 6.78 -25.53
C VAL B 309 -26.39 5.72 -24.70
N SER B 310 -25.74 6.13 -23.62
CA SER B 310 -25.03 5.19 -22.75
C SER B 310 -25.87 4.85 -21.53
N TRP B 311 -26.57 3.72 -21.58
CA TRP B 311 -27.40 3.30 -20.47
C TRP B 311 -27.03 1.90 -20.01
N ASP B 312 -27.12 0.94 -20.91
CA ASP B 312 -26.76 -0.44 -20.60
C ASP B 312 -25.38 -0.74 -21.17
N PHE B 313 -24.95 0.06 -22.15
CA PHE B 313 -23.67 -0.13 -22.80
C PHE B 313 -22.81 1.13 -22.77
N LYS B 314 -21.50 0.95 -22.84
CA LYS B 314 -20.55 2.06 -22.81
C LYS B 314 -20.39 2.73 -24.16
N THR B 315 -20.14 4.04 -24.13
CA THR B 315 -19.91 4.83 -25.35
C THR B 315 -18.75 5.77 -25.05
N ALA B 316 -18.11 6.29 -26.10
CA ALA B 316 -16.97 7.18 -25.92
C ALA B 316 -17.38 8.63 -25.65
N GLU B 317 -18.60 8.99 -26.04
CA GLU B 317 -19.08 10.36 -25.86
C GLU B 317 -19.84 10.63 -24.57
N SER B 318 -20.00 9.61 -23.73
CA SER B 318 -20.72 9.81 -22.48
C SER B 318 -20.39 8.78 -21.41
N HIS B 319 -20.82 9.05 -20.18
CA HIS B 319 -20.60 8.15 -19.07
C HIS B 319 -21.86 7.33 -18.84
N CYS B 320 -21.69 6.15 -18.26
CA CYS B 320 -22.82 5.26 -18.00
C CYS B 320 -23.95 5.84 -17.18
N LYS B 321 -25.16 5.78 -17.73
CA LYS B 321 -26.37 6.29 -17.09
C LYS B 321 -26.19 7.71 -16.56
N GLU B 322 -25.75 8.61 -17.43
CA GLU B 322 -25.58 10.00 -17.03
C GLU B 322 -26.34 10.92 -17.96
N GLY B 323 -26.47 10.52 -19.23
CA GLY B 323 -27.20 11.35 -20.18
C GLY B 323 -28.68 11.04 -20.16
N ASP B 324 -29.32 11.12 -21.33
CA ASP B 324 -30.76 10.84 -21.43
C ASP B 324 -31.02 9.34 -21.29
N GLN B 325 -32.26 8.98 -20.96
CA GLN B 325 -32.62 7.58 -20.82
C GLN B 325 -33.12 7.05 -22.16
N PRO B 326 -33.21 5.71 -22.30
CA PRO B 326 -33.67 5.10 -23.54
C PRO B 326 -35.16 5.35 -23.76
N GLU B 327 -35.53 5.65 -25.00
CA GLU B 327 -36.91 5.89 -25.34
C GLU B 327 -37.66 4.57 -25.41
N ARG B 328 -38.92 4.56 -24.94
CA ARG B 328 -39.72 3.35 -24.98
C ARG B 328 -40.42 3.30 -26.33
N VAL B 329 -40.62 2.11 -26.86
CA VAL B 329 -41.29 1.95 -28.15
C VAL B 329 -42.65 1.31 -27.91
N GLN B 330 -43.67 1.82 -28.58
CA GLN B 330 -45.01 1.28 -28.41
C GLN B 330 -45.32 0.31 -29.54
N PRO B 331 -45.95 -0.81 -29.20
CA PRO B 331 -46.31 -1.83 -30.19
C PRO B 331 -47.52 -1.40 -31.00
N ILE B 332 -47.81 -2.15 -32.05
CA ILE B 332 -48.95 -1.87 -32.89
C ILE B 332 -50.18 -2.32 -32.09
N ALA B 333 -50.75 -1.36 -31.35
CA ALA B 333 -51.92 -1.59 -30.49
C ALA B 333 -52.99 -2.59 -30.96
N SER B 334 -53.28 -2.57 -32.26
CA SER B 334 -54.27 -3.46 -32.84
C SER B 334 -53.88 -4.93 -32.79
N SER B 335 -52.58 -5.21 -32.84
CA SER B 335 -52.08 -6.57 -32.83
C SER B 335 -51.98 -7.24 -31.47
N THR B 336 -51.83 -6.44 -30.42
CA THR B 336 -51.70 -7.00 -29.08
C THR B 336 -52.74 -8.08 -28.77
N LEU B 337 -52.26 -9.18 -28.20
CA LEU B 337 -53.10 -10.30 -27.83
C LEU B 337 -52.72 -10.73 -26.42
N ILE B 338 -53.58 -10.46 -25.46
CA ILE B 338 -53.32 -10.83 -24.07
C ILE B 338 -53.67 -12.29 -23.83
N HIS B 339 -52.90 -12.95 -22.97
CA HIS B 339 -53.14 -14.36 -22.68
C HIS B 339 -52.63 -14.69 -21.28
N SER B 340 -52.78 -15.95 -20.89
CA SER B 340 -52.34 -16.34 -19.56
C SER B 340 -51.06 -17.16 -19.59
N ASP B 341 -50.74 -17.76 -20.73
CA ASP B 341 -49.55 -18.59 -20.76
C ASP B 341 -48.92 -18.79 -22.14
N LEU B 342 -48.54 -17.69 -22.77
CA LEU B 342 -47.90 -17.77 -24.08
C LEU B 342 -46.40 -17.98 -23.84
N THR B 343 -45.77 -18.84 -24.64
CA THR B 343 -44.36 -19.10 -24.46
C THR B 343 -43.49 -18.98 -25.72
N SER B 344 -44.12 -19.05 -26.89
CA SER B 344 -43.36 -18.99 -28.13
C SER B 344 -44.10 -18.26 -29.25
N VAL B 345 -43.35 -17.87 -30.29
CA VAL B 345 -43.94 -17.19 -31.41
C VAL B 345 -43.09 -17.29 -32.67
N TYR B 346 -43.78 -17.32 -33.80
CA TYR B 346 -43.14 -17.37 -35.10
C TYR B 346 -44.11 -16.75 -36.08
N GLY B 347 -43.59 -15.93 -36.99
CA GLY B 347 -44.46 -15.28 -37.95
C GLY B 347 -43.90 -15.12 -39.33
N THR B 348 -44.81 -15.09 -40.30
CA THR B 348 -44.49 -14.91 -41.71
C THR B 348 -45.75 -14.45 -42.41
N VAL B 349 -45.69 -14.39 -43.74
CA VAL B 349 -46.83 -13.98 -44.54
C VAL B 349 -47.05 -15.03 -45.63
N VAL B 350 -48.32 -15.37 -45.87
CA VAL B 350 -48.63 -16.39 -46.86
C VAL B 350 -49.04 -15.77 -48.20
N MET B 351 -50.29 -15.34 -48.33
CA MET B 351 -50.74 -14.70 -49.56
C MET B 351 -50.30 -13.25 -49.46
N ASN B 352 -50.76 -12.60 -48.40
CA ASN B 352 -50.40 -11.22 -48.13
C ASN B 352 -50.88 -10.99 -46.72
N ARG B 353 -51.34 -12.06 -46.08
CA ARG B 353 -51.82 -12.00 -44.72
C ARG B 353 -50.69 -12.46 -43.81
N THR B 354 -50.59 -11.85 -42.63
CA THR B 354 -49.57 -12.21 -41.68
C THR B 354 -50.04 -13.28 -40.69
N VAL B 355 -49.37 -14.41 -40.73
CA VAL B 355 -49.71 -15.54 -39.87
C VAL B 355 -48.76 -15.65 -38.68
N LEU B 356 -49.34 -15.79 -37.48
CA LEU B 356 -48.56 -15.92 -36.26
C LEU B 356 -48.89 -17.21 -35.53
N PHE B 357 -47.86 -17.99 -35.24
CA PHE B 357 -48.01 -19.25 -34.52
C PHE B 357 -47.53 -19.00 -33.11
N LEU B 358 -48.33 -19.39 -32.12
CA LEU B 358 -47.97 -19.20 -30.74
C LEU B 358 -47.99 -20.48 -29.93
N GLY B 359 -47.05 -20.59 -29.00
CA GLY B 359 -46.95 -21.76 -28.16
C GLY B 359 -47.37 -21.40 -26.75
N THR B 360 -47.91 -22.38 -26.01
CA THR B 360 -48.37 -22.13 -24.64
C THR B 360 -47.69 -23.01 -23.61
N GLY B 361 -47.89 -22.67 -22.34
CA GLY B 361 -47.31 -23.45 -21.26
C GLY B 361 -48.13 -24.70 -21.04
N ASP B 362 -49.33 -24.74 -21.63
CA ASP B 362 -50.20 -25.89 -21.49
C ASP B 362 -50.11 -26.83 -22.69
N GLY B 363 -49.09 -26.64 -23.52
CA GLY B 363 -48.88 -27.52 -24.67
C GLY B 363 -49.69 -27.26 -25.93
N GLN B 364 -50.29 -26.08 -26.04
CA GLN B 364 -51.09 -25.74 -27.21
C GLN B 364 -50.32 -24.99 -28.30
N LEU B 365 -50.76 -25.14 -29.54
CA LEU B 365 -50.15 -24.45 -30.67
C LEU B 365 -51.24 -23.60 -31.32
N LEU B 366 -51.27 -22.32 -30.96
CA LEU B 366 -52.26 -21.39 -31.47
C LEU B 366 -51.90 -20.81 -32.83
N LYS B 367 -52.83 -20.04 -33.39
CA LYS B 367 -52.63 -19.42 -34.70
C LYS B 367 -53.57 -18.25 -34.91
N VAL B 368 -53.00 -17.08 -35.19
CA VAL B 368 -53.80 -15.88 -35.42
C VAL B 368 -53.51 -15.28 -36.78
N ILE B 369 -54.56 -14.82 -37.46
CA ILE B 369 -54.43 -14.21 -38.77
C ILE B 369 -54.78 -12.74 -38.57
N LEU B 370 -53.88 -11.85 -38.95
CA LEU B 370 -54.13 -10.43 -38.78
C LEU B 370 -54.99 -9.84 -39.90
N GLY B 371 -55.90 -8.95 -39.50
CA GLY B 371 -56.80 -8.32 -40.46
C GLY B 371 -56.15 -7.24 -41.31
N GLU B 372 -56.97 -6.30 -41.78
CA GLU B 372 -56.47 -5.22 -42.62
C GLU B 372 -55.75 -4.19 -41.77
N ASN B 373 -56.26 -3.98 -40.56
CA ASN B 373 -55.66 -3.03 -39.62
C ASN B 373 -54.63 -3.76 -38.76
N LEU B 374 -54.21 -4.94 -39.21
CA LEU B 374 -53.27 -5.76 -38.47
C LEU B 374 -53.86 -6.11 -37.12
N THR B 375 -55.18 -6.04 -37.04
CA THR B 375 -55.89 -6.36 -35.81
C THR B 375 -55.84 -7.86 -35.58
N SER B 376 -55.65 -8.26 -34.33
CA SER B 376 -55.58 -9.67 -33.99
C SER B 376 -56.96 -10.29 -33.79
N ASN B 377 -57.21 -11.36 -34.52
CA ASN B 377 -58.48 -12.08 -34.44
C ASN B 377 -58.35 -13.20 -33.42
N CYS B 378 -59.47 -13.81 -33.06
CA CYS B 378 -59.45 -14.90 -32.09
C CYS B 378 -58.55 -16.03 -32.56
N PRO B 379 -57.62 -16.45 -31.71
CA PRO B 379 -56.66 -17.52 -31.99
C PRO B 379 -57.27 -18.91 -32.11
N GLU B 380 -56.90 -19.62 -33.17
CA GLU B 380 -57.39 -20.96 -33.42
C GLU B 380 -56.37 -21.97 -32.90
N VAL B 381 -56.85 -23.07 -32.35
CA VAL B 381 -55.95 -24.10 -31.83
C VAL B 381 -55.69 -25.17 -32.89
N ILE B 382 -54.43 -25.34 -33.27
CA ILE B 382 -54.08 -26.31 -34.30
C ILE B 382 -53.65 -27.67 -33.75
N TYR B 383 -53.00 -27.67 -32.58
CA TYR B 383 -52.56 -28.90 -31.96
C TYR B 383 -52.52 -28.71 -30.46
N GLU B 384 -52.63 -29.81 -29.72
CA GLU B 384 -52.60 -29.77 -28.27
C GLU B 384 -51.75 -30.94 -27.78
N ILE B 385 -50.77 -30.66 -26.93
CA ILE B 385 -49.91 -31.71 -26.41
C ILE B 385 -50.67 -32.40 -25.29
N LYS B 386 -50.86 -33.71 -25.44
CA LYS B 386 -51.60 -34.49 -24.47
C LYS B 386 -51.08 -34.34 -23.04
N GLU B 387 -49.77 -34.21 -22.91
CA GLU B 387 -49.16 -34.07 -21.59
C GLU B 387 -49.12 -32.63 -21.08
N GLU B 388 -49.59 -31.69 -21.90
CA GLU B 388 -49.59 -30.27 -21.54
C GLU B 388 -48.17 -29.77 -21.30
N THR B 389 -47.23 -30.23 -22.11
CA THR B 389 -45.83 -29.84 -21.99
C THR B 389 -45.53 -28.48 -22.62
N PRO B 390 -45.09 -27.50 -21.80
CA PRO B 390 -44.79 -26.16 -22.32
C PRO B 390 -43.97 -26.19 -23.61
N VAL B 391 -44.32 -25.29 -24.52
CA VAL B 391 -43.67 -25.18 -25.82
C VAL B 391 -42.37 -24.40 -25.81
N PHE B 392 -41.33 -24.99 -26.39
CA PHE B 392 -40.02 -24.37 -26.47
C PHE B 392 -40.19 -22.98 -27.09
N TYR B 393 -39.48 -21.99 -26.55
CA TYR B 393 -39.57 -20.61 -27.02
C TYR B 393 -39.24 -20.42 -28.49
N LYS B 394 -38.81 -21.47 -29.17
CA LYS B 394 -38.52 -21.37 -30.59
C LYS B 394 -39.41 -22.30 -31.43
N LEU B 395 -40.08 -21.73 -32.42
CA LEU B 395 -40.95 -22.49 -33.32
C LEU B 395 -40.28 -22.41 -34.68
N VAL B 396 -39.78 -23.55 -35.17
CA VAL B 396 -39.09 -23.60 -36.45
C VAL B 396 -39.95 -24.07 -37.60
N PRO B 397 -39.96 -23.32 -38.71
CA PRO B 397 -40.77 -23.70 -39.88
C PRO B 397 -40.03 -24.73 -40.73
N ASP B 398 -40.79 -25.63 -41.35
CA ASP B 398 -40.22 -26.67 -42.20
C ASP B 398 -39.77 -26.06 -43.53
N PRO B 399 -38.46 -26.08 -43.82
CA PRO B 399 -37.90 -25.53 -45.05
C PRO B 399 -38.24 -26.30 -46.31
N VAL B 400 -38.60 -27.57 -46.17
CA VAL B 400 -38.94 -28.39 -47.33
C VAL B 400 -40.45 -28.35 -47.60
N LYS B 401 -41.25 -28.68 -46.60
CA LYS B 401 -42.70 -28.64 -46.73
C LYS B 401 -43.28 -27.39 -46.09
N ASN B 402 -43.78 -26.48 -46.92
CA ASN B 402 -44.36 -25.22 -46.46
C ASN B 402 -45.58 -25.42 -45.58
N ILE B 403 -46.15 -26.62 -45.63
CA ILE B 403 -47.36 -26.92 -44.86
C ILE B 403 -47.09 -27.43 -43.45
N TYR B 404 -45.82 -27.53 -43.09
CA TYR B 404 -45.44 -28.01 -41.77
C TYR B 404 -44.69 -27.01 -40.92
N ILE B 405 -44.71 -27.27 -39.61
CA ILE B 405 -44.02 -26.45 -38.61
C ILE B 405 -43.53 -27.38 -37.51
N TYR B 406 -42.29 -27.21 -37.09
CA TYR B 406 -41.73 -28.06 -36.03
C TYR B 406 -42.00 -27.47 -34.67
N LEU B 407 -42.75 -28.21 -33.86
CA LEU B 407 -43.06 -27.78 -32.51
C LEU B 407 -42.20 -28.57 -31.56
N THR B 408 -41.56 -27.88 -30.62
CA THR B 408 -40.69 -28.53 -29.66
C THR B 408 -41.20 -28.23 -28.25
N ALA B 409 -41.29 -29.27 -27.44
CA ALA B 409 -41.77 -29.12 -26.06
C ALA B 409 -41.14 -30.17 -25.15
N GLY B 410 -40.43 -29.71 -24.13
CA GLY B 410 -39.79 -30.63 -23.21
C GLY B 410 -38.72 -31.47 -23.89
N LYS B 411 -39.05 -32.71 -24.21
CA LYS B 411 -38.11 -33.61 -24.84
C LYS B 411 -38.56 -34.12 -26.20
N GLU B 412 -39.57 -33.48 -26.79
CA GLU B 412 -40.09 -33.93 -28.08
C GLU B 412 -40.20 -32.87 -29.17
N VAL B 413 -39.99 -33.31 -30.41
CA VAL B 413 -40.08 -32.46 -31.57
C VAL B 413 -41.15 -33.07 -32.48
N ARG B 414 -42.21 -32.32 -32.74
CA ARG B 414 -43.30 -32.81 -33.60
C ARG B 414 -43.47 -31.99 -34.87
N ARG B 415 -43.83 -32.67 -35.96
CA ARG B 415 -44.04 -32.00 -37.25
C ARG B 415 -45.54 -31.75 -37.42
N ILE B 416 -46.01 -30.61 -36.91
CA ILE B 416 -47.43 -30.26 -37.00
C ILE B 416 -47.82 -29.55 -38.30
N ARG B 417 -49.02 -29.86 -38.78
CA ARG B 417 -49.56 -29.28 -40.01
C ARG B 417 -49.97 -27.85 -39.69
N VAL B 418 -49.55 -26.91 -40.53
CA VAL B 418 -49.87 -25.51 -40.33
C VAL B 418 -51.35 -25.22 -40.13
N ALA B 419 -52.20 -26.10 -40.65
CA ALA B 419 -53.65 -25.92 -40.52
C ALA B 419 -54.40 -27.16 -40.98
N ASN B 420 -55.54 -27.42 -40.33
CA ASN B 420 -56.39 -28.56 -40.66
C ASN B 420 -57.66 -28.10 -41.37
N CYS B 421 -57.59 -28.08 -42.69
CA CYS B 421 -58.71 -27.63 -43.53
C CYS B 421 -59.81 -28.68 -43.65
N ASN B 422 -59.52 -29.90 -43.22
CA ASN B 422 -60.48 -30.99 -43.28
C ASN B 422 -61.63 -30.75 -42.32
N LYS B 423 -61.46 -29.82 -41.40
CA LYS B 423 -62.49 -29.49 -40.41
C LYS B 423 -63.68 -28.77 -41.03
N HIS B 424 -63.55 -28.38 -42.29
CA HIS B 424 -64.62 -27.67 -42.99
C HIS B 424 -65.11 -28.45 -44.20
N LYS B 425 -66.42 -28.66 -44.28
CA LYS B 425 -67.02 -29.40 -45.38
C LYS B 425 -67.67 -28.47 -46.41
N SER B 426 -68.38 -27.46 -45.95
CA SER B 426 -69.04 -26.50 -46.83
C SER B 426 -68.09 -25.44 -47.36
N CYS B 427 -68.25 -25.08 -48.64
CA CYS B 427 -67.42 -24.08 -49.28
C CYS B 427 -67.43 -22.77 -48.51
N SER B 428 -68.62 -22.27 -48.19
CA SER B 428 -68.76 -21.02 -47.46
C SER B 428 -68.24 -21.18 -46.04
N GLU B 429 -68.48 -22.35 -45.46
CA GLU B 429 -68.04 -22.66 -44.12
C GLU B 429 -66.52 -22.53 -43.98
N CYS B 430 -65.82 -22.82 -45.06
CA CYS B 430 -64.36 -22.78 -45.08
C CYS B 430 -63.75 -21.42 -45.44
N LEU B 431 -64.19 -20.85 -46.56
CA LEU B 431 -63.66 -19.57 -47.00
C LEU B 431 -64.00 -18.38 -46.09
N THR B 432 -64.77 -18.62 -45.04
CA THR B 432 -65.13 -17.55 -44.12
C THR B 432 -64.22 -17.57 -42.89
N ALA B 433 -63.52 -18.68 -42.69
CA ALA B 433 -62.61 -18.83 -41.57
C ALA B 433 -61.36 -17.97 -41.78
N THR B 434 -61.19 -17.49 -43.01
CA THR B 434 -60.06 -16.65 -43.37
C THR B 434 -58.71 -17.30 -43.06
N ASP B 435 -58.37 -18.34 -43.81
CA ASP B 435 -57.11 -19.03 -43.63
C ASP B 435 -56.43 -19.13 -44.99
N PRO B 436 -55.37 -18.34 -45.20
CA PRO B 436 -54.60 -18.30 -46.45
C PRO B 436 -54.07 -19.65 -46.90
N HIS B 437 -54.03 -20.61 -45.98
CA HIS B 437 -53.54 -21.94 -46.30
C HIS B 437 -54.66 -22.81 -46.84
N CYS B 438 -55.87 -22.57 -46.34
CA CYS B 438 -57.05 -23.33 -46.75
C CYS B 438 -57.81 -22.67 -47.90
N GLY B 439 -58.28 -23.51 -48.83
CA GLY B 439 -59.02 -23.04 -49.98
C GLY B 439 -59.89 -24.16 -50.52
N TRP B 440 -61.15 -23.88 -50.78
CA TRP B 440 -62.07 -24.91 -51.28
C TRP B 440 -61.63 -25.45 -52.65
N CYS B 441 -61.81 -26.75 -52.82
CA CYS B 441 -61.43 -27.45 -54.06
C CYS B 441 -62.67 -27.90 -54.84
N HIS B 442 -62.81 -27.36 -56.06
CA HIS B 442 -63.94 -27.71 -56.92
C HIS B 442 -63.58 -28.94 -57.73
N SER B 443 -63.17 -29.99 -57.04
CA SER B 443 -62.78 -31.24 -57.68
C SER B 443 -63.34 -32.43 -56.89
N LEU B 444 -63.04 -32.47 -55.60
CA LEU B 444 -63.53 -33.55 -54.74
C LEU B 444 -64.42 -32.99 -53.63
N GLN B 445 -64.93 -31.78 -53.85
CA GLN B 445 -65.79 -31.12 -52.90
C GLN B 445 -65.27 -31.12 -51.46
N ARG B 446 -64.07 -30.58 -51.28
CA ARG B 446 -63.48 -30.49 -49.95
C ARG B 446 -62.51 -29.32 -49.89
N CYS B 447 -62.20 -28.86 -48.68
CA CYS B 447 -61.30 -27.72 -48.47
C CYS B 447 -59.90 -28.19 -48.08
N THR B 448 -58.91 -27.83 -48.90
CA THR B 448 -57.52 -28.22 -48.64
C THR B 448 -56.50 -27.19 -49.14
N PHE B 449 -55.27 -27.65 -49.32
CA PHE B 449 -54.17 -26.81 -49.79
C PHE B 449 -54.07 -26.87 -51.31
N GLN B 450 -53.23 -26.02 -51.88
CA GLN B 450 -53.05 -25.99 -53.34
C GLN B 450 -52.36 -27.25 -53.82
N GLY B 451 -51.65 -27.92 -52.93
CA GLY B 451 -50.94 -29.14 -53.31
C GLY B 451 -51.82 -30.37 -53.26
N ASP B 452 -52.76 -30.39 -52.32
CA ASP B 452 -53.67 -31.52 -52.17
C ASP B 452 -54.74 -31.49 -53.27
N CYS B 453 -55.00 -30.31 -53.81
CA CYS B 453 -56.01 -30.11 -54.85
C CYS B 453 -55.36 -29.89 -56.21
N VAL B 454 -55.89 -30.55 -57.24
CA VAL B 454 -55.36 -30.42 -58.59
C VAL B 454 -55.54 -28.99 -59.09
N HIS B 455 -54.55 -28.15 -58.81
CA HIS B 455 -54.59 -26.76 -59.21
C HIS B 455 -54.42 -26.62 -60.73
N SER B 456 -55.40 -27.10 -61.48
CA SER B 456 -55.37 -27.03 -62.93
C SER B 456 -55.51 -25.59 -63.41
N GLU B 457 -55.20 -25.35 -64.69
CA GLU B 457 -55.28 -24.01 -65.25
C GLU B 457 -56.58 -23.82 -66.04
N ASN B 458 -57.04 -24.89 -66.69
CA ASN B 458 -58.27 -24.85 -67.47
C ASN B 458 -59.50 -24.70 -66.56
N LEU B 459 -59.54 -25.48 -65.49
CA LEU B 459 -60.63 -25.43 -64.53
C LEU B 459 -60.03 -25.02 -63.18
N GLU B 460 -60.30 -23.79 -62.74
CA GLU B 460 -59.78 -23.29 -61.48
C GLU B 460 -60.46 -23.97 -60.30
N ASN B 461 -59.98 -25.15 -59.94
CA ASN B 461 -60.55 -25.92 -58.83
C ASN B 461 -60.36 -25.24 -57.48
N TRP B 462 -59.12 -24.85 -57.18
CA TRP B 462 -58.80 -24.22 -55.91
C TRP B 462 -59.26 -22.77 -55.84
N LEU B 463 -60.05 -22.45 -54.80
CA LEU B 463 -60.56 -21.09 -54.61
C LEU B 463 -59.95 -20.49 -53.35
N ASP B 464 -59.23 -19.39 -53.51
CA ASP B 464 -58.57 -18.72 -52.39
C ASP B 464 -59.50 -17.84 -51.55
N ILE B 465 -58.91 -17.15 -50.59
CA ILE B 465 -59.64 -16.28 -49.68
C ILE B 465 -59.74 -14.87 -50.24
N SER B 466 -58.91 -14.57 -51.23
CA SER B 466 -58.88 -13.25 -51.87
C SER B 466 -60.25 -12.85 -52.38
N SER B 467 -61.03 -13.83 -52.79
CA SER B 467 -62.37 -13.60 -53.31
C SER B 467 -63.42 -13.64 -52.21
N GLY B 468 -63.24 -14.55 -51.26
CA GLY B 468 -64.17 -14.68 -50.16
C GLY B 468 -65.24 -15.72 -50.45
N ALA B 469 -66.20 -15.84 -49.54
CA ALA B 469 -67.29 -16.80 -49.69
C ALA B 469 -68.23 -16.37 -50.82
N LYS B 470 -68.09 -15.11 -51.24
CA LYS B 470 -68.93 -14.56 -52.30
C LYS B 470 -68.43 -15.00 -53.68
N LYS B 471 -68.22 -16.30 -53.84
CA LYS B 471 -67.75 -16.86 -55.11
C LYS B 471 -68.07 -18.34 -55.17
N CYS B 472 -68.40 -18.92 -54.01
CA CYS B 472 -68.73 -20.34 -53.93
C CYS B 472 -69.86 -20.67 -54.90
N PRO B 473 -69.97 -21.95 -55.31
CA PRO B 473 -71.02 -22.39 -56.24
C PRO B 473 -72.43 -22.08 -55.72
N GLY B 474 -72.57 -22.07 -54.40
CA GLY B 474 -73.87 -21.80 -53.79
C GLY B 474 -74.23 -20.33 -53.78
N GLY C 2 -1.35 30.94 -6.97
CA GLY C 2 -1.84 31.97 -6.00
C GLY C 2 -0.87 33.13 -5.86
N HIS C 3 -0.43 33.39 -4.63
CA HIS C 3 0.50 34.49 -4.36
C HIS C 3 1.54 34.10 -3.30
N LEU C 4 2.80 34.37 -3.60
CA LEU C 4 3.88 34.07 -2.67
C LEU C 4 4.08 35.24 -1.70
N ARG C 5 3.15 35.32 -0.75
CA ARG C 5 3.16 36.31 0.29
C ARG C 5 3.43 35.52 1.56
N SER C 6 3.86 34.26 1.36
CA SER C 6 4.17 33.39 2.46
C SER C 6 5.58 33.71 2.98
N GLY C 7 6.25 34.66 2.33
CA GLY C 7 7.56 35.07 2.78
C GLY C 7 7.39 36.30 3.70
N PRO C 8 8.21 36.47 4.73
CA PRO C 8 8.02 37.65 5.60
C PRO C 8 8.10 38.96 4.82
N ARG C 9 7.10 39.82 4.99
CA ARG C 9 7.10 41.08 4.29
C ARG C 9 8.14 42.04 4.90
N ILE C 10 8.26 42.00 6.21
CA ILE C 10 9.19 42.88 6.91
C ILE C 10 10.17 42.14 7.78
N PHE C 11 11.45 42.47 7.63
CA PHE C 11 12.46 41.86 8.47
C PHE C 11 12.62 42.86 9.62
N ALA C 12 11.77 42.68 10.63
CA ALA C 12 11.75 43.56 11.78
C ALA C 12 13.07 43.77 12.50
N VAL C 13 13.20 44.97 13.05
CA VAL C 13 14.37 45.39 13.81
C VAL C 13 13.73 45.83 15.12
N TRP C 14 13.97 45.05 16.17
CA TRP C 14 13.36 45.33 17.45
C TRP C 14 14.08 46.30 18.36
N LYS C 15 13.54 47.52 18.44
CA LYS C 15 14.11 48.54 19.33
C LYS C 15 13.16 48.55 20.52
N GLY C 16 13.39 47.65 21.47
CA GLY C 16 12.50 47.60 22.62
C GLY C 16 12.85 48.61 23.70
N HIS C 17 12.75 48.16 24.95
CA HIS C 17 13.06 48.99 26.11
C HIS C 17 14.12 48.25 26.89
N VAL C 18 15.37 48.68 26.73
CA VAL C 18 16.52 48.05 27.38
C VAL C 18 16.28 47.57 28.80
N GLY C 19 16.68 46.34 29.06
CA GLY C 19 16.53 45.74 30.37
C GLY C 19 15.13 45.30 30.71
N GLN C 20 14.19 45.53 29.80
CA GLN C 20 12.80 45.14 30.04
C GLN C 20 12.29 43.97 29.21
N ASP C 21 12.89 43.74 28.06
CA ASP C 21 12.45 42.68 27.15
C ASP C 21 13.10 41.29 27.25
N ARG C 22 14.34 41.22 27.70
CA ARG C 22 14.97 39.92 27.76
C ARG C 22 16.12 39.82 28.75
N VAL C 23 16.20 38.68 29.41
CA VAL C 23 17.24 38.42 30.39
C VAL C 23 18.00 37.15 30.06
N ASP C 24 19.30 37.15 30.34
CA ASP C 24 20.17 36.00 30.08
C ASP C 24 20.28 35.13 31.32
N PHE C 25 20.74 33.89 31.15
CA PHE C 25 20.95 32.99 32.29
C PHE C 25 22.37 33.34 32.72
N GLY C 26 22.79 32.85 33.88
CA GLY C 26 24.15 33.15 34.29
C GLY C 26 25.09 32.41 33.37
N GLN C 27 24.63 31.27 32.87
CA GLN C 27 25.43 30.44 32.00
C GLN C 27 24.62 29.89 30.82
N THR C 28 25.24 28.98 30.08
CA THR C 28 24.60 28.36 28.94
C THR C 28 23.87 27.07 29.36
N GLU C 29 22.58 27.00 29.06
CA GLU C 29 21.75 25.84 29.41
C GLU C 29 21.32 25.08 28.16
N PRO C 30 21.93 23.91 27.91
CA PRO C 30 21.62 23.08 26.73
C PRO C 30 20.20 22.51 26.74
N HIS C 31 19.80 22.00 27.89
CA HIS C 31 18.48 21.41 28.03
C HIS C 31 17.65 22.24 29.00
N THR C 32 16.45 22.61 28.58
CA THR C 32 15.60 23.44 29.41
C THR C 32 14.13 23.14 29.22
N VAL C 33 13.33 23.73 30.10
CA VAL C 33 11.88 23.58 30.08
C VAL C 33 11.37 24.92 30.58
N LEU C 34 10.32 25.43 29.95
CA LEU C 34 9.80 26.71 30.39
C LEU C 34 8.37 26.60 30.84
N PHE C 35 8.08 27.21 31.99
CA PHE C 35 6.73 27.20 32.54
C PHE C 35 6.28 28.64 32.77
N HIS C 36 5.05 28.93 32.34
CA HIS C 36 4.50 30.24 32.51
C HIS C 36 2.99 30.24 32.39
N GLU C 37 2.31 30.76 33.40
CA GLU C 37 0.87 30.80 33.40
C GLU C 37 0.41 32.14 32.87
N PRO C 38 -0.57 32.14 31.96
CA PRO C 38 -1.07 33.40 31.40
C PRO C 38 -1.44 34.42 32.47
N GLY C 39 -1.05 35.68 32.23
CA GLY C 39 -1.35 36.73 33.18
C GLY C 39 -0.22 37.02 34.16
N SER C 40 0.51 35.98 34.55
CA SER C 40 1.60 36.13 35.50
C SER C 40 2.77 36.96 34.96
N SER C 41 3.67 37.37 35.84
CA SER C 41 4.83 38.15 35.44
C SER C 41 6.05 37.30 35.68
N SER C 42 5.82 36.09 36.16
CA SER C 42 6.93 35.18 36.43
C SER C 42 7.07 34.12 35.34
N VAL C 43 8.31 33.73 35.09
CA VAL C 43 8.62 32.72 34.10
C VAL C 43 9.63 31.77 34.73
N TRP C 44 9.31 30.48 34.73
CA TRP C 44 10.20 29.50 35.31
C TRP C 44 10.90 28.70 34.23
N VAL C 45 12.18 28.43 34.45
CA VAL C 45 12.97 27.66 33.51
C VAL C 45 13.83 26.66 34.24
N GLY C 46 13.64 25.38 33.92
CA GLY C 46 14.42 24.34 34.55
C GLY C 46 15.70 24.14 33.78
N GLY C 47 16.84 24.23 34.46
CA GLY C 47 18.11 24.06 33.80
C GLY C 47 18.98 22.99 34.44
N ARG C 48 20.29 23.25 34.45
CA ARG C 48 21.24 22.31 35.03
C ARG C 48 21.41 22.57 36.53
N GLY C 49 20.89 21.66 37.36
CA GLY C 49 21.03 21.81 38.79
C GLY C 49 20.30 22.99 39.43
N LYS C 50 19.32 23.56 38.74
CA LYS C 50 18.58 24.67 39.31
C LYS C 50 17.36 25.03 38.49
N VAL C 51 16.60 26.00 38.98
CA VAL C 51 15.42 26.47 38.29
C VAL C 51 15.41 27.98 38.34
N TYR C 52 15.51 28.61 37.18
CA TYR C 52 15.52 30.05 37.08
C TYR C 52 14.12 30.63 37.25
N LEU C 53 14.04 31.72 37.99
CA LEU C 53 12.79 32.41 38.21
C LEU C 53 12.97 33.76 37.58
N PHE C 54 12.25 34.01 36.49
CA PHE C 54 12.34 35.27 35.78
C PHE C 54 11.16 36.13 36.16
N ASP C 55 11.34 37.44 36.12
CA ASP C 55 10.25 38.34 36.41
C ASP C 55 10.17 39.37 35.28
N PHE C 56 9.00 39.46 34.66
CA PHE C 56 8.79 40.39 33.57
C PHE C 56 7.64 41.30 33.90
N PRO C 57 7.86 42.27 34.80
CA PRO C 57 6.86 43.24 35.25
C PRO C 57 6.50 44.21 34.13
N GLU C 58 5.23 44.26 33.78
CA GLU C 58 4.77 45.13 32.71
C GLU C 58 5.28 46.54 32.84
N GLY C 59 5.88 47.05 31.76
CA GLY C 59 6.40 48.40 31.75
C GLY C 59 7.59 48.67 32.66
N LYS C 60 8.18 47.62 33.22
CA LYS C 60 9.31 47.79 34.11
C LYS C 60 10.43 46.80 33.83
N ASN C 61 11.64 47.13 34.29
CA ASN C 61 12.79 46.27 34.09
C ASN C 61 12.54 44.84 34.60
N ALA C 62 13.04 43.87 33.85
CA ALA C 62 12.88 42.45 34.19
C ALA C 62 14.17 41.94 34.82
N SER C 63 14.09 40.79 35.49
CA SER C 63 15.25 40.22 36.16
C SER C 63 15.18 38.71 36.38
N VAL C 64 16.28 38.15 36.88
CA VAL C 64 16.37 36.73 37.16
C VAL C 64 16.42 36.45 38.66
N ARG C 65 16.59 35.18 38.98
CA ARG C 65 16.66 34.69 40.35
C ARG C 65 16.82 33.19 40.19
N THR C 66 17.98 32.67 40.59
CA THR C 66 18.24 31.24 40.47
C THR C 66 17.97 30.49 41.78
N VAL C 67 17.28 29.37 41.68
CA VAL C 67 16.97 28.53 42.84
C VAL C 67 17.66 27.19 42.66
N ASN C 68 18.87 27.06 43.19
CA ASN C 68 19.62 25.83 43.05
C ASN C 68 18.98 24.59 43.68
N ILE C 69 18.88 23.53 42.90
CA ILE C 69 18.34 22.26 43.34
C ILE C 69 19.33 21.23 42.82
N GLY C 70 20.57 21.40 43.24
CA GLY C 70 21.64 20.51 42.81
C GLY C 70 21.43 19.02 42.95
N SER C 71 22.26 18.27 42.24
CA SER C 71 22.22 16.81 42.25
C SER C 71 22.57 16.26 43.62
N THR C 72 22.51 17.13 44.63
CA THR C 72 22.83 16.76 45.99
C THR C 72 21.88 15.70 46.54
N LYS C 73 22.09 14.46 46.12
CA LYS C 73 21.28 13.34 46.57
C LYS C 73 22.02 12.07 46.19
N GLY C 74 23.34 12.21 46.08
CA GLY C 74 24.19 11.10 45.72
C GLY C 74 25.18 11.48 44.62
N SER C 75 26.11 12.37 44.96
CA SER C 75 27.12 12.82 44.00
C SER C 75 27.96 11.63 43.53
N CYS C 76 28.20 11.58 42.22
CA CYS C 76 28.97 10.49 41.63
C CYS C 76 30.47 10.53 41.82
N LEU C 77 31.05 9.34 41.95
CA LEU C 77 32.50 9.21 42.04
C LEU C 77 32.78 9.11 40.55
N ASP C 78 33.97 9.53 40.13
CA ASP C 78 34.29 9.52 38.70
C ASP C 78 33.25 10.43 38.06
N LYS C 79 33.40 11.73 38.30
CA LYS C 79 32.50 12.75 37.80
C LYS C 79 32.50 12.83 36.28
N ARG C 80 31.30 12.73 35.69
CA ARG C 80 31.15 12.81 34.25
C ARG C 80 29.98 13.72 33.87
N ASP C 81 28.78 13.21 34.04
CA ASP C 81 27.57 13.94 33.72
C ASP C 81 26.48 13.59 34.72
N CYS C 82 26.75 13.86 36.00
CA CYS C 82 25.80 13.56 37.06
C CYS C 82 25.07 14.80 37.55
N GLU C 83 24.59 15.59 36.60
CA GLU C 83 23.85 16.82 36.88
C GLU C 83 22.40 16.49 37.22
N ASN C 84 21.63 17.50 37.62
CA ASN C 84 20.22 17.32 37.95
C ASN C 84 19.37 18.21 37.06
N TYR C 85 19.27 17.83 35.79
CA TYR C 85 18.50 18.59 34.82
C TYR C 85 17.02 18.57 35.15
N ILE C 86 16.46 19.74 35.38
CA ILE C 86 15.05 19.84 35.69
C ILE C 86 14.33 19.84 34.34
N THR C 87 13.60 18.75 34.10
CA THR C 87 12.90 18.57 32.85
C THR C 87 11.42 18.74 32.95
N LEU C 88 10.93 19.07 34.13
CA LEU C 88 9.51 19.24 34.32
C LEU C 88 9.19 20.33 35.33
N LEU C 89 8.08 21.03 35.08
CA LEU C 89 7.61 22.10 35.92
C LEU C 89 6.10 22.17 35.76
N GLU C 90 5.38 21.76 36.81
CA GLU C 90 3.94 21.75 36.79
C GLU C 90 3.47 22.37 38.08
N ARG C 91 2.37 23.09 38.02
CA ARG C 91 1.86 23.73 39.22
C ARG C 91 0.67 22.94 39.77
N ARG C 92 0.80 22.51 41.02
CA ARG C 92 -0.26 21.76 41.69
C ARG C 92 -0.79 22.59 42.84
N SER C 93 -1.84 22.10 43.49
CA SER C 93 -2.43 22.79 44.63
C SER C 93 -1.42 22.77 45.78
N GLU C 94 -0.49 21.83 45.73
CA GLU C 94 0.54 21.73 46.75
C GLU C 94 1.69 22.68 46.45
N GLY C 95 1.69 23.22 45.24
CA GLY C 95 2.76 24.14 44.85
C GLY C 95 3.31 23.82 43.48
N LEU C 96 4.50 24.35 43.20
CA LEU C 96 5.15 24.14 41.91
C LEU C 96 6.02 22.89 41.92
N LEU C 97 5.54 21.85 41.26
CA LEU C 97 6.27 20.59 41.17
C LEU C 97 7.38 20.70 40.13
N ALA C 98 8.58 20.28 40.50
CA ALA C 98 9.73 20.32 39.59
C ALA C 98 10.47 18.99 39.63
N CYS C 99 10.48 18.28 38.50
CA CYS C 99 11.15 16.99 38.47
C CYS C 99 12.43 17.07 37.65
N GLY C 100 13.43 16.27 38.01
CA GLY C 100 14.70 16.28 37.31
C GLY C 100 15.38 14.92 37.27
N THR C 101 16.42 14.81 36.45
CA THR C 101 17.14 13.55 36.30
C THR C 101 17.83 13.10 37.56
N ASN C 102 18.42 14.03 38.30
CA ASN C 102 19.10 13.73 39.54
C ASN C 102 20.11 12.58 39.40
N ALA C 103 21.16 12.84 38.63
CA ALA C 103 22.19 11.85 38.41
C ALA C 103 21.59 10.47 38.16
N ARG C 104 20.79 10.38 37.11
CA ARG C 104 20.15 9.13 36.71
C ARG C 104 19.25 8.52 37.78
N HIS C 105 18.74 9.35 38.67
CA HIS C 105 17.83 8.88 39.72
C HIS C 105 16.65 9.84 39.75
N PRO C 106 15.78 9.77 38.73
CA PRO C 106 14.59 10.60 38.56
C PRO C 106 13.83 10.88 39.85
N SER C 107 13.76 12.15 40.22
CA SER C 107 13.07 12.55 41.42
C SER C 107 12.34 13.88 41.21
N CYS C 108 11.51 14.27 42.16
CA CYS C 108 10.78 15.53 42.07
C CYS C 108 10.90 16.33 43.39
N TRP C 109 10.68 17.63 43.28
CA TRP C 109 10.74 18.53 44.42
C TRP C 109 9.50 19.39 44.37
N ASN C 110 9.19 20.05 45.48
CA ASN C 110 8.03 20.93 45.55
C ASN C 110 8.50 22.29 46.03
N LEU C 111 8.09 23.33 45.31
CA LEU C 111 8.45 24.69 45.67
C LEU C 111 7.18 25.39 46.08
N VAL C 112 7.05 25.69 47.37
CA VAL C 112 5.83 26.34 47.86
C VAL C 112 6.06 27.78 48.27
N ASN C 113 6.81 28.00 49.34
CA ASN C 113 7.10 29.33 49.82
C ASN C 113 8.59 29.49 50.03
N GLY C 114 9.32 29.73 48.94
CA GLY C 114 10.76 29.89 49.04
C GLY C 114 11.39 28.64 49.61
N THR C 115 10.66 27.53 49.51
CA THR C 115 11.13 26.25 50.04
C THR C 115 11.39 25.22 48.94
N VAL C 116 12.29 24.29 49.22
CA VAL C 116 12.64 23.23 48.29
C VAL C 116 12.51 21.87 49.00
N VAL C 117 11.27 21.39 49.08
CA VAL C 117 10.94 20.12 49.71
C VAL C 117 11.00 18.97 48.71
N PRO C 118 11.93 18.02 48.93
CA PRO C 118 12.06 16.86 48.04
C PRO C 118 10.99 15.82 48.29
N LEU C 119 10.57 15.13 47.23
CA LEU C 119 9.56 14.09 47.38
C LEU C 119 10.24 12.75 47.08
N GLY C 120 11.54 12.82 46.82
CA GLY C 120 12.31 11.63 46.53
C GLY C 120 12.13 11.09 45.12
N GLU C 121 12.69 9.91 44.88
CA GLU C 121 12.61 9.26 43.57
C GLU C 121 11.18 9.02 43.11
N MET C 122 10.88 9.47 41.90
CA MET C 122 9.56 9.31 41.31
C MET C 122 9.77 8.96 39.84
N ARG C 123 9.82 7.65 39.57
CA ARG C 123 10.03 7.16 38.22
C ARG C 123 8.85 7.47 37.32
N GLY C 124 9.16 7.82 36.08
CA GLY C 124 8.11 8.15 35.13
C GLY C 124 7.84 9.64 35.09
N TYR C 125 8.46 10.40 35.99
CA TYR C 125 8.26 11.86 36.05
C TYR C 125 9.39 12.61 35.38
N ALA C 126 10.50 11.94 35.16
CA ALA C 126 11.65 12.59 34.53
C ALA C 126 12.56 11.53 33.98
N PRO C 127 13.18 11.81 32.82
CA PRO C 127 14.07 10.81 32.23
C PRO C 127 15.34 10.62 33.05
N PHE C 128 16.22 9.75 32.55
CA PHE C 128 17.50 9.47 33.20
C PHE C 128 18.53 10.35 32.52
N SER C 129 18.16 10.85 31.35
CA SER C 129 19.02 11.72 30.56
C SER C 129 18.11 12.76 29.91
N PRO C 130 18.50 14.04 29.96
CA PRO C 130 17.71 15.13 29.39
C PRO C 130 17.45 15.07 27.89
N ASP C 131 18.39 14.51 27.13
CA ASP C 131 18.22 14.45 25.68
C ASP C 131 17.20 13.41 25.19
N GLU C 132 16.35 12.95 26.11
CA GLU C 132 15.34 11.97 25.76
C GLU C 132 13.99 12.55 25.35
N ASN C 133 13.27 11.81 24.50
CA ASN C 133 11.94 12.15 23.98
C ASN C 133 10.93 11.90 25.10
N SER C 134 10.83 12.85 26.04
CA SER C 134 9.94 12.71 27.18
C SER C 134 8.60 13.41 27.04
N LEU C 135 7.63 12.98 27.83
CA LEU C 135 6.30 13.54 27.77
C LEU C 135 5.47 13.08 28.99
N VAL C 136 4.90 14.02 29.72
CA VAL C 136 4.06 13.69 30.88
C VAL C 136 2.86 14.64 30.87
N LEU C 137 1.68 14.10 31.15
CA LEU C 137 0.44 14.86 31.17
C LEU C 137 -0.30 14.74 32.51
N PHE C 138 -0.88 15.85 32.96
CA PHE C 138 -1.62 15.92 34.22
C PHE C 138 -3.09 16.22 34.01
N GLU C 139 -3.94 15.51 34.73
CA GLU C 139 -5.38 15.72 34.69
C GLU C 139 -5.93 15.19 36.00
N GLY C 140 -6.32 16.12 36.88
CA GLY C 140 -6.85 15.73 38.19
C GLY C 140 -5.77 14.98 38.96
N ASP C 141 -6.15 13.87 39.57
CA ASP C 141 -5.16 13.10 40.31
C ASP C 141 -4.60 11.95 39.47
N GLU C 142 -4.45 12.20 38.18
CA GLU C 142 -3.90 11.21 37.26
C GLU C 142 -2.72 11.83 36.52
N VAL C 143 -1.73 11.02 36.21
CA VAL C 143 -0.60 11.50 35.44
C VAL C 143 -0.29 10.44 34.41
N TYR C 144 0.01 10.88 33.19
CA TYR C 144 0.34 9.98 32.11
C TYR C 144 1.73 10.30 31.69
N SER C 145 2.52 9.28 31.38
CA SER C 145 3.89 9.53 30.98
C SER C 145 4.38 8.63 29.87
N THR C 146 5.43 9.13 29.23
CA THR C 146 6.06 8.44 28.13
C THR C 146 7.44 7.97 28.55
N ILE C 147 7.89 8.46 29.70
CA ILE C 147 9.21 8.11 30.24
C ILE C 147 9.26 6.73 30.88
N ARG C 148 10.30 5.95 30.61
CA ARG C 148 10.41 4.62 31.23
C ARG C 148 10.61 4.83 32.72
N LYS C 149 10.15 3.88 33.52
CA LYS C 149 10.30 3.99 34.97
C LYS C 149 11.63 3.41 35.45
N GLN C 150 12.31 2.66 34.59
CA GLN C 150 13.60 2.07 34.94
C GLN C 150 14.59 2.24 33.78
N GLU C 151 15.87 2.17 34.09
CA GLU C 151 16.92 2.34 33.09
C GLU C 151 17.21 1.13 32.22
N TYR C 152 17.18 -0.05 32.81
CA TYR C 152 17.45 -1.27 32.05
C TYR C 152 16.20 -1.72 31.31
N ASN C 153 15.25 -0.82 31.18
CA ASN C 153 13.99 -1.10 30.50
C ASN C 153 14.23 -1.41 29.02
N GLY C 154 13.29 -2.10 28.39
CA GLY C 154 13.42 -2.45 26.98
C GLY C 154 13.52 -1.27 26.05
N LYS C 155 13.58 -1.56 24.76
CA LYS C 155 13.67 -0.54 23.73
C LYS C 155 12.31 -0.21 23.13
N ILE C 156 11.25 -0.40 23.91
CA ILE C 156 9.90 -0.12 23.44
C ILE C 156 9.30 1.05 24.22
N PRO C 157 9.13 2.21 23.57
CA PRO C 157 8.54 3.36 24.27
C PRO C 157 7.05 3.09 24.45
N ARG C 158 6.49 3.48 25.58
CA ARG C 158 5.06 3.25 25.84
C ARG C 158 4.37 4.47 26.42
N PHE C 159 3.05 4.55 26.27
CA PHE C 159 2.29 5.65 26.85
C PHE C 159 1.63 5.00 28.07
N ARG C 160 1.96 5.50 29.26
CA ARG C 160 1.41 4.89 30.48
C ARG C 160 0.70 5.83 31.41
N ARG C 161 -0.22 5.27 32.19
CA ARG C 161 -0.92 6.02 33.22
C ARG C 161 -0.01 5.68 34.39
N ILE C 162 0.68 6.67 34.94
CA ILE C 162 1.59 6.44 36.06
C ILE C 162 0.90 6.62 37.41
N ARG C 163 -0.13 7.46 37.45
CA ARG C 163 -0.85 7.73 38.68
C ARG C 163 -2.33 7.68 38.37
N GLY C 164 -3.07 6.91 39.15
CA GLY C 164 -4.50 6.81 38.93
C GLY C 164 -5.03 5.49 39.42
N GLU C 165 -6.29 5.20 39.09
CA GLU C 165 -6.92 3.95 39.51
C GLU C 165 -5.98 2.77 39.34
N SER C 166 -5.52 2.55 38.10
CA SER C 166 -4.62 1.44 37.83
C SER C 166 -3.58 1.83 36.79
N GLU C 167 -2.37 1.27 36.92
CA GLU C 167 -1.31 1.57 35.97
C GLU C 167 -1.57 0.84 34.65
N LEU C 168 -1.60 1.56 33.54
CA LEU C 168 -1.82 0.92 32.25
C LEU C 168 -0.68 1.24 31.32
N TYR C 169 -0.39 0.34 30.40
CA TYR C 169 0.66 0.61 29.43
C TYR C 169 0.20 0.13 28.06
N THR C 170 0.73 0.77 27.03
CA THR C 170 0.39 0.42 25.65
C THR C 170 1.12 -0.86 25.30
N SER C 171 0.46 -1.73 24.54
CA SER C 171 1.08 -3.00 24.16
C SER C 171 2.16 -2.87 23.08
N ASP C 172 2.82 -3.97 22.78
CA ASP C 172 3.90 -4.02 21.78
C ASP C 172 3.50 -3.83 20.33
N THR C 173 2.22 -3.99 20.03
CA THR C 173 1.79 -3.88 18.64
C THR C 173 1.17 -2.56 18.20
N VAL C 174 0.92 -1.64 19.12
CA VAL C 174 0.28 -0.37 18.76
C VAL C 174 1.16 0.69 18.11
N MET C 175 2.45 0.69 18.39
CA MET C 175 3.32 1.69 17.78
C MET C 175 4.68 1.11 17.39
N GLN C 176 5.33 1.72 16.41
CA GLN C 176 6.63 1.25 15.97
C GLN C 176 7.67 2.38 16.01
N ASN C 177 8.42 2.43 17.11
CA ASN C 177 9.44 3.45 17.34
C ASN C 177 8.84 4.84 17.29
N PRO C 178 7.83 5.10 18.13
CA PRO C 178 7.17 6.40 18.18
C PRO C 178 7.97 7.53 18.81
N GLN C 179 7.72 8.76 18.34
CA GLN C 179 8.38 9.95 18.87
C GLN C 179 7.22 10.87 19.21
N PHE C 180 6.95 10.96 20.51
CA PHE C 180 5.85 11.73 21.04
C PHE C 180 6.01 13.24 20.89
N ILE C 181 4.89 13.90 20.60
CA ILE C 181 4.89 15.33 20.40
C ILE C 181 4.06 16.05 21.46
N LYS C 182 2.77 15.73 21.51
CA LYS C 182 1.88 16.40 22.43
C LYS C 182 0.74 15.45 22.84
N ALA C 183 0.13 15.74 24.00
CA ALA C 183 -0.99 14.95 24.52
C ALA C 183 -1.97 15.86 25.22
N THR C 184 -3.26 15.57 25.10
CA THR C 184 -4.31 16.35 25.75
C THR C 184 -5.48 15.45 26.14
N ILE C 185 -6.37 16.02 26.96
CA ILE C 185 -7.57 15.36 27.41
C ILE C 185 -8.70 15.97 26.66
N VAL C 186 -9.60 15.15 26.13
CA VAL C 186 -10.73 15.76 25.45
C VAL C 186 -12.00 15.34 26.18
N HIS C 187 -12.72 16.33 26.67
CA HIS C 187 -13.96 16.10 27.41
C HIS C 187 -15.13 16.02 26.43
N GLN C 188 -15.66 14.83 26.21
CA GLN C 188 -16.78 14.67 25.28
C GLN C 188 -18.14 14.88 25.95
N ASP C 189 -19.21 14.56 25.25
CA ASP C 189 -20.56 14.75 25.78
C ASP C 189 -20.82 14.13 27.15
N GLN C 190 -20.51 12.85 27.31
CA GLN C 190 -20.67 12.18 28.60
C GLN C 190 -19.27 12.00 29.17
N ALA C 191 -19.14 12.10 30.49
CA ALA C 191 -17.84 11.97 31.14
C ALA C 191 -17.13 10.64 30.87
N TYR C 192 -17.90 9.56 30.71
CA TYR C 192 -17.26 8.28 30.48
C TYR C 192 -16.68 8.12 29.07
N ASP C 193 -17.04 9.04 28.17
CA ASP C 193 -16.53 9.02 26.80
C ASP C 193 -15.26 9.88 26.70
N ASP C 194 -14.83 10.45 27.82
CA ASP C 194 -13.66 11.26 27.86
C ASP C 194 -12.47 10.53 27.28
N LYS C 195 -11.80 11.16 26.32
CA LYS C 195 -10.66 10.57 25.64
C LYS C 195 -9.36 11.29 25.90
N ILE C 196 -8.27 10.56 25.69
CA ILE C 196 -6.93 11.14 25.79
C ILE C 196 -6.42 11.04 24.34
N TYR C 197 -5.97 12.15 23.77
CA TYR C 197 -5.43 12.11 22.40
C TYR C 197 -3.97 12.45 22.54
N TYR C 198 -3.14 11.87 21.70
CA TYR C 198 -1.74 12.24 21.72
C TYR C 198 -1.20 12.14 20.30
N PHE C 199 -0.23 12.97 19.98
CA PHE C 199 0.31 13.05 18.64
C PHE C 199 1.74 12.65 18.60
N PHE C 200 2.11 11.94 17.52
CA PHE C 200 3.46 11.47 17.38
C PHE C 200 3.78 11.04 15.98
N ARG C 201 5.04 10.70 15.78
CA ARG C 201 5.55 10.22 14.52
C ARG C 201 6.00 8.78 14.78
N GLU C 202 5.98 7.94 13.75
CA GLU C 202 6.46 6.55 13.92
C GLU C 202 6.89 6.01 12.56
N ASP C 203 7.47 4.82 12.57
CA ASP C 203 7.90 4.17 11.32
C ASP C 203 6.66 3.90 10.47
N ASN C 204 6.83 3.96 9.16
CA ASN C 204 5.74 3.74 8.22
C ASN C 204 5.53 2.22 8.10
N PRO C 205 4.29 1.73 8.30
CA PRO C 205 4.11 0.28 8.16
C PRO C 205 4.33 -0.16 6.71
N ASP C 206 4.23 0.77 5.77
CA ASP C 206 4.45 0.48 4.35
C ASP C 206 5.96 0.49 4.13
N LYS C 207 6.53 -0.67 3.83
CA LYS C 207 7.98 -0.78 3.64
C LYS C 207 8.45 -0.73 2.20
N ASN C 208 7.55 -0.41 1.28
CA ASN C 208 7.97 -0.31 -0.10
C ASN C 208 9.03 0.76 -0.18
N PRO C 209 10.01 0.58 -1.09
CA PRO C 209 11.10 1.54 -1.27
C PRO C 209 10.72 3.00 -1.57
N GLU C 210 9.58 3.22 -2.22
CA GLU C 210 9.18 4.59 -2.51
C GLU C 210 8.34 5.25 -1.40
N ALA C 211 8.05 4.54 -0.32
CA ALA C 211 7.26 5.12 0.76
C ALA C 211 8.16 5.90 1.72
N PRO C 212 7.66 6.99 2.29
CA PRO C 212 8.50 7.74 3.22
C PRO C 212 8.72 6.91 4.47
N LEU C 213 9.90 7.03 5.06
CA LEU C 213 10.29 6.29 6.25
C LEU C 213 9.37 6.46 7.48
N ASN C 214 8.85 7.66 7.70
CA ASN C 214 7.97 7.83 8.86
C ASN C 214 6.67 8.47 8.53
N VAL C 215 5.74 8.35 9.44
CA VAL C 215 4.42 8.90 9.24
C VAL C 215 3.97 9.60 10.51
N SER C 216 2.94 10.44 10.39
CA SER C 216 2.41 11.21 11.51
C SER C 216 1.08 10.63 12.00
N ARG C 217 0.89 10.62 13.31
CA ARG C 217 -0.30 10.04 13.90
C ARG C 217 -0.95 10.80 15.06
N VAL C 218 -2.21 10.46 15.28
CA VAL C 218 -2.95 10.93 16.44
C VAL C 218 -3.48 9.60 16.99
N ALA C 219 -3.39 9.42 18.29
CA ALA C 219 -3.89 8.18 18.90
C ALA C 219 -4.92 8.57 19.94
N GLN C 220 -5.88 7.68 20.19
CA GLN C 220 -6.89 7.93 21.19
C GLN C 220 -6.87 6.81 22.20
N LEU C 221 -7.26 7.15 23.42
CA LEU C 221 -7.34 6.23 24.55
C LEU C 221 -8.52 6.75 25.37
N CYS C 222 -9.25 5.84 26.01
CA CYS C 222 -10.38 6.23 26.86
C CYS C 222 -9.83 6.56 28.23
N ARG C 223 -10.22 7.72 28.74
CA ARG C 223 -9.77 8.21 30.05
C ARG C 223 -10.14 7.21 31.14
N GLY C 224 -11.34 6.68 31.07
CA GLY C 224 -11.79 5.72 32.07
C GLY C 224 -11.52 4.27 31.76
N ASP C 225 -10.51 4.01 30.93
CA ASP C 225 -10.15 2.65 30.56
C ASP C 225 -9.78 1.90 31.84
N GLN C 226 -10.52 0.83 32.12
CA GLN C 226 -10.32 -0.01 33.30
C GLN C 226 -9.15 -0.97 33.15
N GLY C 227 -8.99 -1.50 31.95
CA GLY C 227 -7.94 -2.47 31.68
C GLY C 227 -8.68 -3.63 31.04
N GLY C 228 -7.98 -4.71 30.71
CA GLY C 228 -8.64 -5.84 30.05
C GLY C 228 -9.19 -6.89 30.99
N GLU C 229 -9.89 -7.88 30.44
CA GLU C 229 -10.46 -8.97 31.25
C GLU C 229 -9.49 -10.10 31.64
N SER C 230 -8.52 -10.41 30.78
CA SER C 230 -7.60 -11.51 31.06
C SER C 230 -6.44 -11.11 31.96
N SER C 231 -5.70 -12.08 32.45
CA SER C 231 -4.57 -11.80 33.33
C SER C 231 -3.44 -11.06 32.59
N LEU C 232 -3.39 -11.23 31.27
CA LEU C 232 -2.36 -10.59 30.45
C LEU C 232 -2.79 -9.21 29.98
N SER C 233 -4.11 -9.03 29.80
CA SER C 233 -4.62 -7.75 29.32
C SER C 233 -5.14 -6.81 30.38
N VAL C 234 -5.05 -7.19 31.64
CA VAL C 234 -5.55 -6.34 32.71
C VAL C 234 -4.85 -4.99 32.84
N SER C 235 -3.53 -5.01 32.72
CA SER C 235 -2.75 -3.80 32.87
C SER C 235 -2.35 -3.09 31.57
N LYS C 236 -3.01 -3.40 30.47
CA LYS C 236 -2.73 -2.76 29.21
C LYS C 236 -3.92 -1.90 28.83
N TRP C 237 -3.67 -0.85 28.05
CA TRP C 237 -4.77 -0.03 27.56
C TRP C 237 -5.56 -0.94 26.65
N ASN C 238 -6.89 -0.91 26.73
CA ASN C 238 -7.71 -1.76 25.89
C ASN C 238 -8.52 -0.94 24.92
N THR C 239 -8.28 0.37 24.90
CA THR C 239 -9.07 1.25 24.03
C THR C 239 -8.26 2.04 23.00
N PHE C 240 -7.04 1.59 22.72
CA PHE C 240 -6.16 2.26 21.75
C PHE C 240 -6.58 2.15 20.30
N LEU C 241 -6.40 3.25 19.58
CA LEU C 241 -6.72 3.30 18.17
C LEU C 241 -5.83 4.45 17.68
N LYS C 242 -5.36 4.37 16.44
CA LYS C 242 -4.52 5.45 15.91
C LYS C 242 -4.89 5.73 14.48
N ALA C 243 -4.67 6.96 14.05
CA ALA C 243 -5.00 7.35 12.69
C ALA C 243 -3.86 8.15 12.10
N MET C 244 -3.75 8.09 10.78
CA MET C 244 -2.72 8.85 10.11
C MET C 244 -3.20 10.27 9.89
N LEU C 245 -2.30 11.20 10.12
CA LEU C 245 -2.57 12.61 9.95
C LEU C 245 -1.99 13.03 8.60
N VAL C 246 -2.82 13.57 7.73
CA VAL C 246 -2.33 13.99 6.43
C VAL C 246 -2.34 15.48 6.22
N CYS C 247 -1.21 16.01 5.75
CA CYS C 247 -1.09 17.43 5.45
C CYS C 247 -0.53 17.53 4.05
N SER C 248 -1.42 17.65 3.08
CA SER C 248 -0.98 17.73 1.70
C SER C 248 -1.75 18.77 0.88
N ASP C 249 -1.04 19.45 -0.03
CA ASP C 249 -1.67 20.47 -0.88
C ASP C 249 -2.39 19.78 -2.04
N ALA C 250 -3.59 20.24 -2.35
CA ALA C 250 -4.40 19.67 -3.42
C ALA C 250 -3.94 20.16 -4.80
N ALA C 251 -3.91 21.48 -4.96
CA ALA C 251 -3.48 22.10 -6.21
C ALA C 251 -2.23 21.38 -6.70
N THR C 252 -1.17 21.41 -5.90
CA THR C 252 0.08 20.73 -6.26
C THR C 252 0.00 19.40 -5.53
N ASN C 253 0.90 18.49 -5.80
CA ASN C 253 0.80 17.20 -5.09
C ASN C 253 1.87 17.17 -3.98
N LYS C 254 2.07 18.31 -3.31
CA LYS C 254 3.07 18.44 -2.25
C LYS C 254 2.62 17.90 -0.91
N ASN C 255 3.35 16.91 -0.42
CA ASN C 255 3.01 16.27 0.84
C ASN C 255 4.03 16.62 1.93
N PHE C 256 3.55 16.78 3.16
CA PHE C 256 4.41 17.11 4.30
C PHE C 256 4.06 16.07 5.33
N ASN C 257 4.92 15.07 5.43
CA ASN C 257 4.64 13.94 6.31
C ASN C 257 5.19 13.98 7.73
N ARG C 258 6.16 14.84 7.99
CA ARG C 258 6.79 14.92 9.30
C ARG C 258 6.22 16.01 10.22
N LEU C 259 5.33 15.59 11.12
CA LEU C 259 4.70 16.46 12.10
C LEU C 259 5.74 16.93 13.10
N GLN C 260 5.85 18.24 13.28
CA GLN C 260 6.84 18.81 14.19
C GLN C 260 6.29 19.30 15.51
N ASP C 261 5.13 19.93 15.48
CA ASP C 261 4.58 20.49 16.71
C ASP C 261 3.09 20.65 16.53
N VAL C 262 2.39 20.70 17.66
CA VAL C 262 0.94 20.81 17.66
C VAL C 262 0.51 21.90 18.66
N PHE C 263 -0.59 22.58 18.37
CA PHE C 263 -1.09 23.59 19.27
C PHE C 263 -2.60 23.50 19.22
N LEU C 264 -3.24 23.42 20.38
CA LEU C 264 -4.69 23.33 20.45
C LEU C 264 -5.32 24.67 20.77
N LEU C 265 -6.41 24.97 20.10
CA LEU C 265 -7.10 26.22 20.28
C LEU C 265 -8.61 25.99 20.40
N PRO C 266 -9.16 26.13 21.62
CA PRO C 266 -10.61 25.96 21.88
C PRO C 266 -11.40 27.04 21.16
N ASP C 267 -12.58 26.70 20.69
CA ASP C 267 -13.45 27.64 19.98
C ASP C 267 -14.23 28.51 20.97
N PRO C 268 -14.61 29.73 20.58
CA PRO C 268 -15.36 30.58 21.50
C PRO C 268 -16.70 29.95 21.90
N SER C 269 -17.13 28.96 21.12
CA SER C 269 -18.39 28.28 21.33
C SER C 269 -18.42 27.38 22.58
N GLY C 270 -17.25 26.94 23.02
CA GLY C 270 -17.18 26.07 24.17
C GLY C 270 -17.44 24.61 23.80
N GLN C 271 -17.77 24.38 22.53
CA GLN C 271 -18.02 23.04 22.01
C GLN C 271 -16.68 22.32 21.81
N TRP C 272 -16.49 21.14 22.40
CA TRP C 272 -15.22 20.44 22.24
C TRP C 272 -14.94 20.04 20.78
N ARG C 273 -15.98 19.72 20.03
CA ARG C 273 -15.84 19.35 18.63
C ARG C 273 -15.23 20.50 17.79
N ASP C 274 -15.38 21.73 18.24
CA ASP C 274 -14.87 22.88 17.52
C ASP C 274 -13.43 23.21 17.87
N THR C 275 -12.84 22.47 18.78
CA THR C 275 -11.45 22.76 19.12
C THR C 275 -10.53 22.45 17.95
N ARG C 276 -9.68 23.42 17.62
CA ARG C 276 -8.76 23.30 16.51
C ARG C 276 -7.39 22.73 16.87
N VAL C 277 -6.93 21.79 16.03
CA VAL C 277 -5.61 21.18 16.20
C VAL C 277 -4.75 21.68 15.05
N TYR C 278 -3.80 22.58 15.37
CA TYR C 278 -2.87 23.12 14.39
C TYR C 278 -1.61 22.27 14.41
N GLY C 279 -1.17 21.85 13.22
CA GLY C 279 0.04 21.07 13.14
C GLY C 279 1.02 21.64 12.13
N VAL C 280 2.29 21.69 12.49
CA VAL C 280 3.34 22.14 11.59
C VAL C 280 4.01 20.87 11.05
N PHE C 281 4.03 20.70 9.73
CA PHE C 281 4.62 19.53 9.10
C PHE C 281 5.77 19.89 8.18
N SER C 282 6.75 19.01 8.06
CA SER C 282 7.84 19.29 7.15
C SER C 282 8.01 18.07 6.24
N ASN C 283 8.95 18.16 5.32
CA ASN C 283 9.18 17.06 4.40
C ASN C 283 10.69 16.79 4.32
N PRO C 284 11.12 15.89 3.42
CA PRO C 284 12.56 15.59 3.30
C PRO C 284 13.45 16.77 2.94
N TRP C 285 12.86 17.83 2.40
CA TRP C 285 13.62 19.03 2.05
C TRP C 285 13.56 20.10 3.15
N ASN C 286 12.85 19.82 4.26
CA ASN C 286 12.73 20.75 5.35
C ASN C 286 11.85 21.97 5.00
N TYR C 287 10.87 21.74 4.15
CA TYR C 287 9.93 22.76 3.76
C TYR C 287 8.76 22.45 4.68
N SER C 288 7.96 23.45 5.01
CA SER C 288 6.87 23.20 5.93
C SER C 288 5.52 23.65 5.48
N ALA C 289 4.53 23.20 6.22
CA ALA C 289 3.15 23.57 5.94
C ALA C 289 2.44 23.53 7.28
N VAL C 290 1.30 24.20 7.35
CA VAL C 290 0.51 24.19 8.56
C VAL C 290 -0.89 23.77 8.20
N CYS C 291 -1.36 22.71 8.86
CA CYS C 291 -2.69 22.16 8.64
C CYS C 291 -3.53 22.32 9.94
N VAL C 292 -4.85 22.42 9.80
CA VAL C 292 -5.71 22.56 10.96
C VAL C 292 -6.79 21.50 10.98
N TYR C 293 -6.86 20.76 12.08
CA TYR C 293 -7.89 19.74 12.18
C TYR C 293 -8.79 20.06 13.38
N SER C 294 -9.98 19.49 13.38
CA SER C 294 -10.92 19.71 14.46
C SER C 294 -11.04 18.41 15.24
N LEU C 295 -11.25 18.54 16.55
CA LEU C 295 -11.43 17.39 17.42
C LEU C 295 -12.63 16.60 16.96
N GLY C 296 -13.65 17.30 16.51
CA GLY C 296 -14.84 16.63 16.02
C GLY C 296 -14.53 15.69 14.87
N ASP C 297 -13.71 16.12 13.92
CA ASP C 297 -13.36 15.29 12.77
C ASP C 297 -12.55 14.07 13.17
N ILE C 298 -11.57 14.29 14.05
CA ILE C 298 -10.73 13.21 14.51
C ILE C 298 -11.56 12.15 15.22
N ASP C 299 -12.47 12.60 16.08
CA ASP C 299 -13.32 11.69 16.81
C ASP C 299 -14.25 10.93 15.86
N LYS C 300 -14.82 11.62 14.88
CA LYS C 300 -15.72 10.96 13.96
C LYS C 300 -14.99 9.82 13.20
N VAL C 301 -13.71 10.05 12.92
CA VAL C 301 -12.92 9.05 12.21
C VAL C 301 -12.78 7.82 13.10
N PHE C 302 -12.43 8.07 14.36
CA PHE C 302 -12.24 7.00 15.33
C PHE C 302 -13.48 6.19 15.61
N ARG C 303 -14.67 6.76 15.47
CA ARG C 303 -15.82 5.97 15.78
C ARG C 303 -16.63 5.42 14.60
N THR C 304 -16.22 5.72 13.36
CA THR C 304 -16.93 5.20 12.19
C THR C 304 -16.03 4.49 11.15
N SER C 305 -14.74 4.81 11.14
CA SER C 305 -13.83 4.19 10.19
C SER C 305 -13.58 2.71 10.50
N SER C 306 -13.43 1.90 9.47
CA SER C 306 -13.12 0.49 9.67
C SER C 306 -11.62 0.44 9.98
N LEU C 307 -11.11 -0.75 10.35
CA LEU C 307 -9.71 -0.90 10.71
C LEU C 307 -8.89 -1.50 9.55
N LYS C 308 -7.65 -1.04 9.41
CA LYS C 308 -6.81 -1.56 8.34
C LYS C 308 -6.50 -3.03 8.57
N GLY C 309 -6.73 -3.86 7.55
CA GLY C 309 -6.46 -5.27 7.65
C GLY C 309 -7.55 -6.13 8.24
N TYR C 310 -8.66 -5.53 8.66
CA TYR C 310 -9.76 -6.30 9.23
C TYR C 310 -10.96 -6.15 8.31
N HIS C 311 -11.28 -7.23 7.60
CA HIS C 311 -12.38 -7.19 6.62
C HIS C 311 -13.66 -7.93 6.98
N SER C 312 -14.16 -7.71 8.18
CA SER C 312 -15.39 -8.33 8.60
C SER C 312 -16.00 -7.45 9.65
N SER C 313 -17.31 -7.62 9.89
CA SER C 313 -18.03 -6.82 10.86
C SER C 313 -17.28 -6.75 12.20
N LEU C 314 -17.27 -5.56 12.78
CA LEU C 314 -16.59 -5.33 14.05
C LEU C 314 -17.41 -5.82 15.23
N PRO C 315 -16.75 -6.11 16.36
CA PRO C 315 -17.40 -6.58 17.58
C PRO C 315 -18.44 -5.58 18.04
N ASN C 316 -19.40 -6.03 18.85
CA ASN C 316 -20.43 -5.11 19.32
C ASN C 316 -19.72 -3.96 19.99
N PRO C 317 -19.15 -4.17 21.18
CA PRO C 317 -18.46 -2.99 21.74
C PRO C 317 -17.33 -2.72 20.74
N ARG C 318 -17.54 -1.72 19.89
CA ARG C 318 -16.59 -1.31 18.85
C ARG C 318 -15.24 -0.92 19.44
N PRO C 319 -14.12 -1.37 18.81
CA PRO C 319 -12.79 -1.01 19.33
C PRO C 319 -12.67 0.51 19.44
N GLY C 320 -12.12 0.97 20.56
CA GLY C 320 -11.95 2.38 20.78
C GLY C 320 -13.11 3.04 21.52
N LYS C 321 -14.28 2.40 21.52
CA LYS C 321 -15.47 2.95 22.19
C LYS C 321 -15.38 2.77 23.71
N CYS C 322 -15.61 3.83 24.47
CA CYS C 322 -15.53 3.72 25.92
C CYS C 322 -16.77 3.06 26.48
N LEU C 323 -16.63 2.43 27.64
CA LEU C 323 -17.76 1.73 28.27
C LEU C 323 -18.26 2.43 29.53
N PRO C 324 -19.58 2.56 29.67
CA PRO C 324 -20.25 3.20 30.79
C PRO C 324 -19.76 2.85 32.20
N ASP C 325 -20.56 2.07 32.92
CA ASP C 325 -20.30 1.70 34.29
C ASP C 325 -19.07 0.86 34.64
N GLN C 326 -17.90 1.48 34.50
CA GLN C 326 -16.63 0.83 34.82
C GLN C 326 -16.50 -0.62 34.35
N GLN C 327 -17.07 -0.93 33.20
CA GLN C 327 -17.01 -2.27 32.63
C GLN C 327 -15.71 -2.42 31.83
N PRO C 328 -14.97 -3.51 32.05
CA PRO C 328 -13.72 -3.70 31.30
C PRO C 328 -14.05 -4.03 29.85
N ILE C 329 -13.12 -3.77 28.93
CA ILE C 329 -13.36 -4.07 27.54
C ILE C 329 -13.39 -5.58 27.31
N PRO C 330 -14.43 -6.09 26.63
CA PRO C 330 -14.53 -7.52 26.36
C PRO C 330 -13.31 -8.00 25.60
N THR C 331 -12.87 -9.22 25.90
CA THR C 331 -11.71 -9.81 25.26
C THR C 331 -11.82 -9.81 23.75
N GLU C 332 -12.99 -10.17 23.22
CA GLU C 332 -13.18 -10.21 21.79
C GLU C 332 -13.03 -8.83 21.18
N THR C 333 -13.49 -7.81 21.89
CA THR C 333 -13.35 -6.47 21.40
C THR C 333 -11.88 -6.07 21.47
N PHE C 334 -11.23 -6.35 22.59
CA PHE C 334 -9.82 -6.01 22.71
C PHE C 334 -8.89 -6.71 21.72
N GLN C 335 -9.20 -7.95 21.35
CA GLN C 335 -8.31 -8.67 20.45
C GLN C 335 -8.30 -8.16 19.02
N VAL C 336 -9.41 -7.55 18.59
CA VAL C 336 -9.48 -7.00 17.25
C VAL C 336 -8.62 -5.74 17.27
N ALA C 337 -8.85 -4.92 18.29
CA ALA C 337 -8.11 -3.68 18.44
C ALA C 337 -6.62 -3.93 18.56
N ASP C 338 -6.26 -4.94 19.34
CA ASP C 338 -4.86 -5.26 19.55
C ASP C 338 -4.17 -5.77 18.30
N ARG C 339 -4.91 -6.38 17.40
CA ARG C 339 -4.29 -6.87 16.17
C ARG C 339 -4.39 -5.82 15.08
N HIS C 340 -5.41 -4.99 15.12
CA HIS C 340 -5.60 -3.96 14.11
C HIS C 340 -5.81 -2.57 14.71
N PRO C 341 -4.75 -2.02 15.31
CA PRO C 341 -4.84 -0.69 15.95
C PRO C 341 -5.02 0.54 15.06
N GLU C 342 -4.67 0.42 13.78
CA GLU C 342 -4.78 1.57 12.88
C GLU C 342 -6.08 1.62 12.12
N VAL C 343 -6.80 2.73 12.23
CA VAL C 343 -8.04 2.86 11.48
C VAL C 343 -7.62 3.08 10.02
N ALA C 344 -8.52 2.77 9.09
CA ALA C 344 -8.21 2.92 7.68
C ALA C 344 -8.31 4.35 7.11
N GLN C 345 -9.35 5.09 7.47
CA GLN C 345 -9.44 6.42 6.91
C GLN C 345 -8.51 7.42 7.57
N ARG C 346 -7.94 8.26 6.74
CA ARG C 346 -7.00 9.26 7.17
C ARG C 346 -7.68 10.49 7.72
N VAL C 347 -7.01 11.18 8.64
CA VAL C 347 -7.58 12.41 9.18
C VAL C 347 -7.04 13.50 8.27
N GLU C 348 -7.95 14.23 7.64
CA GLU C 348 -7.57 15.32 6.75
C GLU C 348 -7.89 16.68 7.39
N PRO C 349 -7.36 17.76 6.83
CA PRO C 349 -7.63 19.10 7.39
C PRO C 349 -9.10 19.49 7.37
N MET C 350 -9.43 20.52 8.14
CA MET C 350 -10.78 21.06 8.23
C MET C 350 -11.35 21.66 6.95
N GLY C 351 -12.67 21.63 6.87
CA GLY C 351 -13.39 22.22 5.75
C GLY C 351 -13.10 21.74 4.34
N PRO C 352 -13.91 22.20 3.36
CA PRO C 352 -13.81 21.85 1.94
C PRO C 352 -12.39 22.00 1.49
N LEU C 353 -11.95 21.13 0.59
CA LEU C 353 -10.56 21.20 0.12
C LEU C 353 -9.68 21.04 1.35
N LYS C 354 -9.40 19.79 1.68
CA LYS C 354 -8.59 19.46 2.82
C LYS C 354 -7.17 19.77 2.43
N THR C 355 -6.83 21.06 2.52
CA THR C 355 -5.54 21.55 2.11
C THR C 355 -4.93 22.38 3.25
N PRO C 356 -3.60 22.59 3.23
CA PRO C 356 -2.96 23.36 4.30
C PRO C 356 -3.33 24.83 4.31
N LEU C 357 -3.15 25.48 5.47
CA LEU C 357 -3.40 26.90 5.58
C LEU C 357 -2.43 27.56 4.61
N PHE C 358 -1.21 27.03 4.55
CA PHE C 358 -0.17 27.49 3.65
C PHE C 358 1.08 26.64 3.84
N HIS C 359 2.03 26.79 2.91
CA HIS C 359 3.28 26.06 2.97
C HIS C 359 4.37 26.96 2.39
N SER C 360 5.63 26.70 2.75
CA SER C 360 6.71 27.54 2.25
C SER C 360 8.01 26.77 2.32
N LYS C 361 9.07 27.40 1.84
CA LYS C 361 10.38 26.74 1.85
C LYS C 361 11.17 26.99 3.12
N TYR C 362 10.48 27.50 4.13
CA TYR C 362 11.10 27.75 5.42
C TYR C 362 10.94 26.48 6.25
N HIS C 363 11.84 26.27 7.22
CA HIS C 363 11.80 25.10 8.08
C HIS C 363 11.22 25.50 9.44
N TYR C 364 9.92 25.29 9.61
CA TYR C 364 9.23 25.62 10.83
C TYR C 364 9.24 24.47 11.86
N GLN C 365 9.45 24.81 13.13
CA GLN C 365 9.51 23.77 14.15
C GLN C 365 8.42 23.83 15.23
N LYS C 366 7.99 25.03 15.59
CA LYS C 366 6.96 25.15 16.61
C LYS C 366 5.89 26.13 16.18
N VAL C 367 4.70 25.98 16.73
CA VAL C 367 3.62 26.88 16.38
C VAL C 367 2.75 27.24 17.61
N ALA C 368 2.24 28.47 17.62
CA ALA C 368 1.34 28.92 18.69
C ALA C 368 0.38 29.85 17.97
N VAL C 369 -0.90 29.77 18.31
CA VAL C 369 -1.90 30.60 17.64
C VAL C 369 -2.71 31.50 18.58
N HIS C 370 -3.05 32.69 18.09
CA HIS C 370 -3.82 33.65 18.86
C HIS C 370 -5.01 34.14 18.08
N ARG C 371 -6.22 33.86 18.57
CA ARG C 371 -7.40 34.36 17.86
C ARG C 371 -7.52 35.76 18.46
N MET C 372 -7.73 36.76 17.63
CA MET C 372 -7.79 38.11 18.12
C MET C 372 -8.77 38.99 17.35
N GLN C 373 -9.16 40.10 17.95
CA GLN C 373 -10.08 41.01 17.27
C GLN C 373 -9.33 42.26 16.83
N ALA C 374 -9.67 42.75 15.64
CA ALA C 374 -9.05 43.95 15.12
C ALA C 374 -9.81 45.12 15.72
N SER C 375 -9.27 46.32 15.54
CA SER C 375 -9.89 47.53 16.06
C SER C 375 -11.39 47.62 15.73
N HIS C 376 -11.76 47.16 14.54
CA HIS C 376 -13.15 47.21 14.12
C HIS C 376 -13.96 45.96 14.42
N GLY C 377 -13.45 45.13 15.34
CA GLY C 377 -14.16 43.93 15.73
C GLY C 377 -13.95 42.67 14.91
N GLU C 378 -13.32 42.78 13.76
CA GLU C 378 -13.05 41.62 12.91
C GLU C 378 -12.14 40.63 13.66
N THR C 379 -12.42 39.34 13.54
CA THR C 379 -11.62 38.31 14.19
C THR C 379 -10.56 37.73 13.25
N PHE C 380 -9.33 37.64 13.73
CA PHE C 380 -8.22 37.12 12.93
C PHE C 380 -7.42 36.08 13.74
N HIS C 381 -6.96 35.03 13.06
CA HIS C 381 -6.11 34.04 13.71
C HIS C 381 -4.70 34.36 13.22
N VAL C 382 -3.78 34.51 14.16
CA VAL C 382 -2.42 34.81 13.83
C VAL C 382 -1.55 33.71 14.35
N LEU C 383 -0.72 33.15 13.46
CA LEU C 383 0.17 32.07 13.84
C LEU C 383 1.57 32.60 14.08
N TYR C 384 2.27 31.98 15.02
CA TYR C 384 3.63 32.36 15.35
C TYR C 384 4.44 31.09 15.15
N LEU C 385 5.41 31.16 14.25
CA LEU C 385 6.22 30.02 13.93
C LEU C 385 7.68 30.27 14.13
N THR C 386 8.41 29.26 14.57
CA THR C 386 9.84 29.40 14.76
C THR C 386 10.50 28.66 13.61
N THR C 387 11.60 29.20 13.11
CA THR C 387 12.30 28.55 12.02
C THR C 387 13.48 27.87 12.69
N ASP C 388 14.18 27.02 11.95
CA ASP C 388 15.33 26.34 12.53
C ASP C 388 16.52 27.29 12.56
N ARG C 389 16.28 28.54 12.17
CA ARG C 389 17.32 29.56 12.16
C ARG C 389 17.20 30.50 13.35
N GLY C 390 16.34 30.13 14.31
CA GLY C 390 16.18 30.94 15.50
C GLY C 390 15.40 32.22 15.37
N THR C 391 14.50 32.29 14.39
CA THR C 391 13.67 33.46 14.19
C THR C 391 12.20 33.10 14.33
N ILE C 392 11.34 34.11 14.28
CA ILE C 392 9.92 33.91 14.44
C ILE C 392 9.17 34.56 13.31
N HIS C 393 8.17 33.87 12.75
CA HIS C 393 7.35 34.44 11.68
C HIS C 393 5.95 34.64 12.19
N LYS C 394 5.36 35.76 11.83
CA LYS C 394 4.01 36.15 12.23
C LYS C 394 3.12 36.04 10.99
N VAL C 395 2.22 35.07 10.95
CA VAL C 395 1.39 34.89 9.78
C VAL C 395 -0.10 34.97 10.03
N VAL C 396 -0.81 35.72 9.21
CA VAL C 396 -2.23 35.83 9.37
C VAL C 396 -2.86 34.71 8.59
N GLU C 397 -3.69 33.94 9.27
CA GLU C 397 -4.41 32.83 8.68
C GLU C 397 -5.41 33.36 7.66
N PRO C 398 -5.65 32.63 6.56
CA PRO C 398 -6.60 33.04 5.52
C PRO C 398 -8.05 32.85 5.97
N GLY C 399 -8.98 33.62 5.38
CA GLY C 399 -10.38 33.53 5.76
C GLY C 399 -11.44 33.13 4.74
N GLU C 400 -11.98 34.10 4.00
CA GLU C 400 -13.03 33.88 2.99
C GLU C 400 -12.77 32.73 2.02
N GLN C 401 -12.31 33.08 0.82
CA GLN C 401 -12.02 32.08 -0.20
C GLN C 401 -10.74 32.35 -1.00
N GLU C 402 -10.74 31.93 -2.26
CA GLU C 402 -9.58 32.08 -3.14
C GLU C 402 -8.88 33.43 -3.10
N HIS C 403 -9.60 34.49 -2.75
CA HIS C 403 -8.98 35.81 -2.70
C HIS C 403 -8.14 35.99 -1.44
N SER C 404 -8.39 35.16 -0.43
CA SER C 404 -7.65 35.23 0.82
C SER C 404 -6.58 34.15 0.90
N PHE C 405 -5.40 34.57 1.35
CA PHE C 405 -4.26 33.69 1.49
C PHE C 405 -3.58 34.05 2.79
N ALA C 406 -2.69 33.16 3.24
CA ALA C 406 -1.93 33.41 4.45
C ALA C 406 -1.05 34.61 4.13
N PHE C 407 -0.84 35.48 5.11
CA PHE C 407 -0.03 36.63 4.90
C PHE C 407 1.06 36.64 5.95
N ASN C 408 2.31 36.48 5.53
CA ASN C 408 3.44 36.47 6.45
C ASN C 408 3.83 37.93 6.62
N ILE C 409 3.39 38.54 7.71
CA ILE C 409 3.67 39.96 7.89
C ILE C 409 5.03 40.33 8.42
N MET C 410 5.76 39.39 9.01
CA MET C 410 7.06 39.76 9.56
C MET C 410 7.87 38.62 10.17
N GLU C 411 9.18 38.82 10.20
CA GLU C 411 10.11 37.89 10.79
C GLU C 411 10.86 38.70 11.82
N ILE C 412 11.18 38.08 12.95
CA ILE C 412 11.89 38.76 14.01
C ILE C 412 12.95 37.86 14.65
N GLN C 413 14.07 38.46 15.00
CA GLN C 413 15.14 37.75 15.65
C GLN C 413 15.02 38.33 17.05
N PRO C 414 14.36 37.61 17.97
CA PRO C 414 14.12 38.03 19.36
C PRO C 414 15.23 38.05 20.40
N PHE C 415 16.43 37.59 20.09
CA PHE C 415 17.48 37.54 21.10
C PHE C 415 18.61 38.56 21.01
N ARG C 416 19.26 38.79 22.15
CA ARG C 416 20.41 39.69 22.17
C ARG C 416 21.46 38.95 21.37
N ARG C 417 21.55 37.64 21.62
CA ARG C 417 22.50 36.80 20.88
C ARG C 417 21.67 35.84 20.03
N ALA C 418 21.79 35.96 18.72
CA ALA C 418 21.05 35.10 17.81
C ALA C 418 21.40 33.66 18.13
N ALA C 419 20.37 32.81 18.23
CA ALA C 419 20.55 31.40 18.55
C ALA C 419 19.25 30.65 18.27
N ALA C 420 19.31 29.32 18.37
CA ALA C 420 18.13 28.51 18.13
C ALA C 420 17.07 28.69 19.23
N ILE C 421 15.80 28.73 18.84
CA ILE C 421 14.70 28.87 19.80
C ILE C 421 14.37 27.49 20.37
N GLN C 422 14.62 27.29 21.66
CA GLN C 422 14.37 26.02 22.32
C GLN C 422 12.97 25.85 22.91
N THR C 423 12.31 26.95 23.23
CA THR C 423 10.95 26.89 23.75
C THR C 423 10.16 28.13 23.34
N MET C 424 8.85 28.01 23.29
CA MET C 424 7.99 29.12 22.93
C MET C 424 6.66 28.90 23.60
N SER C 425 6.11 29.97 24.17
CA SER C 425 4.83 29.92 24.86
C SER C 425 4.11 31.22 24.57
N LEU C 426 2.82 31.12 24.28
CA LEU C 426 2.03 32.29 23.98
C LEU C 426 1.08 32.61 25.14
N ASP C 427 1.17 33.84 25.62
CA ASP C 427 0.32 34.31 26.69
C ASP C 427 -0.67 35.25 26.01
N ALA C 428 -1.88 34.75 25.77
CA ALA C 428 -2.92 35.54 25.12
C ALA C 428 -3.50 36.59 26.05
N GLU C 429 -3.25 36.43 27.34
CA GLU C 429 -3.76 37.40 28.31
C GLU C 429 -2.92 38.66 28.28
N ARG C 430 -1.61 38.51 28.44
CA ARG C 430 -0.70 39.63 28.41
C ARG C 430 -0.32 40.01 26.98
N ARG C 431 -0.76 39.20 26.01
CA ARG C 431 -0.44 39.43 24.61
C ARG C 431 1.07 39.41 24.44
N LYS C 432 1.72 38.40 25.02
CA LYS C 432 3.17 38.29 24.92
C LYS C 432 3.57 36.90 24.43
N LEU C 433 4.78 36.80 23.90
CA LEU C 433 5.30 35.53 23.42
C LEU C 433 6.64 35.30 24.11
N TYR C 434 6.72 34.24 24.90
CA TYR C 434 7.94 33.91 25.60
C TYR C 434 8.69 32.90 24.78
N VAL C 435 9.95 33.21 24.53
CA VAL C 435 10.83 32.39 23.73
C VAL C 435 12.13 32.31 24.49
N SER C 436 12.84 31.19 24.38
CA SER C 436 14.09 31.01 25.06
C SER C 436 15.12 30.29 24.23
N SER C 437 16.38 30.45 24.59
CA SER C 437 17.47 29.80 23.89
C SER C 437 18.33 29.10 24.94
N GLN C 438 19.58 28.86 24.59
CA GLN C 438 20.49 28.21 25.52
C GLN C 438 21.14 29.30 26.38
N TRP C 439 20.92 30.56 26.00
CA TRP C 439 21.51 31.67 26.73
C TRP C 439 20.58 32.65 27.42
N GLU C 440 19.42 32.94 26.84
CA GLU C 440 18.51 33.89 27.45
C GLU C 440 17.05 33.49 27.32
N VAL C 441 16.17 34.40 27.74
CA VAL C 441 14.73 34.22 27.69
C VAL C 441 14.21 35.57 27.27
N SER C 442 13.36 35.60 26.26
CA SER C 442 12.87 36.87 25.75
C SER C 442 11.36 36.96 25.72
N GLN C 443 10.84 38.12 26.10
CA GLN C 443 9.41 38.37 26.12
C GLN C 443 9.08 39.26 24.93
N VAL C 444 8.47 38.68 23.89
CA VAL C 444 8.13 39.45 22.71
C VAL C 444 6.66 39.83 22.67
N PRO C 445 6.36 41.13 22.57
CA PRO C 445 4.98 41.59 22.53
C PRO C 445 4.34 41.12 21.24
N LEU C 446 3.05 40.85 21.26
CA LEU C 446 2.35 40.43 20.04
C LEU C 446 1.96 41.67 19.27
N ASP C 447 1.80 42.77 19.99
CA ASP C 447 1.41 44.05 19.43
C ASP C 447 2.64 44.94 19.27
N LEU C 448 3.68 44.40 18.64
CA LEU C 448 4.90 45.14 18.40
C LEU C 448 4.71 45.87 17.07
N CYS C 449 4.66 47.20 17.09
CA CYS C 449 4.45 47.91 15.85
C CYS C 449 5.32 49.10 15.52
N GLU C 450 6.30 49.35 16.38
CA GLU C 450 7.24 50.43 16.15
C GLU C 450 8.08 50.02 14.94
N VAL C 451 7.98 48.74 14.60
CA VAL C 451 8.73 48.13 13.50
C VAL C 451 8.30 48.59 12.12
N TYR C 452 7.03 48.93 11.98
CA TYR C 452 6.56 49.39 10.70
C TYR C 452 6.73 50.89 10.61
N GLY C 453 7.73 51.32 9.85
CA GLY C 453 7.94 52.74 9.66
C GLY C 453 7.11 53.03 8.42
N GLY C 454 7.49 54.03 7.64
CA GLY C 454 6.75 54.31 6.43
C GLY C 454 5.54 55.23 6.60
N GLY C 455 5.49 55.95 7.72
CA GLY C 455 4.38 56.84 7.94
C GLY C 455 3.06 56.10 8.10
N CYS C 456 1.96 56.78 7.79
CA CYS C 456 0.63 56.17 7.91
C CYS C 456 0.43 55.04 6.92
N HIS C 457 0.92 55.24 5.70
CA HIS C 457 0.79 54.23 4.66
C HIS C 457 1.52 52.94 5.02
N GLY C 458 2.74 53.10 5.52
CA GLY C 458 3.53 51.94 5.89
C GLY C 458 2.86 51.17 7.01
N CYS C 459 2.18 51.90 7.88
CA CYS C 459 1.50 51.31 9.02
C CYS C 459 0.37 50.41 8.57
N LEU C 460 -0.50 50.93 7.72
CA LEU C 460 -1.62 50.14 7.25
C LEU C 460 -1.26 49.12 6.18
N MET C 461 -0.14 49.34 5.50
CA MET C 461 0.30 48.43 4.45
C MET C 461 0.93 47.19 5.08
N SER C 462 1.20 47.27 6.39
CA SER C 462 1.80 46.14 7.08
C SER C 462 0.80 45.00 7.26
N ARG C 463 -0.49 45.31 7.18
CA ARG C 463 -1.55 44.32 7.33
C ARG C 463 -1.53 43.63 8.70
N ASP C 464 -0.81 44.21 9.65
CA ASP C 464 -0.74 43.63 10.98
C ASP C 464 -2.03 44.02 11.74
N PRO C 465 -2.91 43.05 11.98
CA PRO C 465 -4.17 43.31 12.68
C PRO C 465 -4.07 43.87 14.10
N TYR C 466 -2.87 43.84 14.67
CA TYR C 466 -2.67 44.37 16.02
C TYR C 466 -2.47 45.88 16.05
N CYS C 467 -2.37 46.52 14.90
CA CYS C 467 -2.14 47.96 14.93
C CYS C 467 -2.83 48.86 13.93
N GLY C 468 -2.62 50.16 14.16
CA GLY C 468 -3.20 51.18 13.33
C GLY C 468 -2.48 52.49 13.58
N TRP C 469 -2.83 53.50 12.81
CA TRP C 469 -2.20 54.81 12.91
C TRP C 469 -2.97 55.76 13.82
N ASP C 470 -2.23 56.45 14.69
CA ASP C 470 -2.85 57.40 15.60
C ASP C 470 -1.80 58.28 16.26
N GLN C 471 -2.17 59.53 16.53
CA GLN C 471 -1.26 60.49 17.16
C GLN C 471 0.05 60.55 16.42
N GLY C 472 -0.03 60.51 15.10
CA GLY C 472 1.18 60.56 14.28
C GLY C 472 2.13 59.38 14.43
N ARG C 473 1.60 58.20 14.73
CA ARG C 473 2.44 57.01 14.86
C ARG C 473 1.68 55.71 14.74
N CYS C 474 2.42 54.63 14.49
CA CYS C 474 1.84 53.30 14.34
C CYS C 474 1.92 52.65 15.71
N ILE C 475 0.77 52.42 16.32
CA ILE C 475 0.75 51.86 17.66
C ILE C 475 -0.21 50.68 17.87
N SER C 476 -0.06 49.98 18.99
CA SER C 476 -0.89 48.85 19.33
C SER C 476 -2.34 49.23 19.62
N ILE C 477 -3.28 48.47 19.07
CA ILE C 477 -4.70 48.74 19.28
C ILE C 477 -5.12 48.52 20.73
N TYR C 478 -4.26 47.91 21.54
CA TYR C 478 -4.56 47.66 22.94
C TYR C 478 -3.89 48.75 23.78
N SER C 479 -3.41 49.80 23.13
CA SER C 479 -2.70 50.89 23.81
C SER C 479 -3.48 51.64 24.91
N SER C 480 -4.45 52.46 24.51
CA SER C 480 -5.22 53.23 25.48
C SER C 480 -6.48 53.77 24.84
N GLU C 481 -6.31 54.78 24.00
CA GLU C 481 -7.43 55.39 23.30
C GLU C 481 -8.10 54.27 22.54
N ARG C 482 -9.30 53.91 22.97
CA ARG C 482 -10.05 52.83 22.35
C ARG C 482 -10.41 53.04 20.88
N SER C 483 -9.56 53.77 20.14
CA SER C 483 -9.83 54.02 18.73
C SER C 483 -8.62 54.50 17.95
N VAL C 484 -8.31 53.78 16.86
CA VAL C 484 -7.18 54.13 16.00
C VAL C 484 -7.56 53.90 14.54
N LEU C 485 -6.82 54.55 13.65
CA LEU C 485 -7.07 54.39 12.23
C LEU C 485 -6.42 53.10 11.79
N GLN C 486 -7.24 52.10 11.55
CA GLN C 486 -6.76 50.80 11.13
C GLN C 486 -7.43 50.53 9.80
N SER C 487 -6.92 49.58 9.04
CA SER C 487 -7.45 49.34 7.71
C SER C 487 -8.48 48.27 7.39
N ILE C 488 -8.87 48.31 6.12
CA ILE C 488 -9.84 47.40 5.54
C ILE C 488 -9.21 46.37 4.62
N ASN C 489 -9.37 45.12 5.05
CA ASN C 489 -8.88 43.92 4.38
C ASN C 489 -8.50 43.94 2.89
N PRO C 490 -9.42 44.36 2.02
CA PRO C 490 -9.07 44.38 0.59
C PRO C 490 -7.80 45.13 0.21
N ALA C 491 -7.47 45.06 -1.08
CA ALA C 491 -6.30 45.72 -1.61
C ALA C 491 -6.35 47.21 -1.27
N GLU C 492 -5.20 47.86 -1.38
CA GLU C 492 -5.10 49.28 -1.09
C GLU C 492 -5.70 49.65 0.26
N PRO C 493 -5.14 49.09 1.35
CA PRO C 493 -5.60 49.35 2.71
C PRO C 493 -5.03 50.66 3.25
N HIS C 494 -4.46 51.46 2.35
CA HIS C 494 -3.85 52.73 2.72
C HIS C 494 -4.85 53.87 2.52
N LYS C 495 -5.92 53.58 1.79
CA LYS C 495 -6.95 54.56 1.47
C LYS C 495 -7.45 55.36 2.67
N GLU C 496 -7.47 54.75 3.84
CA GLU C 496 -7.96 55.43 5.03
C GLU C 496 -6.97 56.33 5.77
N CYS C 497 -5.94 56.80 5.09
CA CYS C 497 -4.98 57.69 5.75
C CYS C 497 -5.32 59.13 5.34
N PRO C 498 -4.87 60.12 6.14
CA PRO C 498 -5.13 61.53 5.82
C PRO C 498 -4.77 61.85 4.38
N ASN C 499 -3.51 61.59 4.02
CA ASN C 499 -3.03 61.83 2.67
C ASN C 499 -3.30 60.59 1.81
N PRO C 500 -4.20 60.71 0.83
CA PRO C 500 -4.55 59.60 -0.05
C PRO C 500 -3.35 59.01 -0.80
N LYS C 501 -2.28 59.80 -0.90
CA LYS C 501 -1.07 59.34 -1.57
C LYS C 501 0.17 59.58 -0.72
N PRO C 502 1.08 58.59 -0.68
CA PRO C 502 2.34 58.57 0.07
C PRO C 502 3.24 59.78 -0.04
N ASP C 503 4.11 59.94 0.95
CA ASP C 503 5.04 61.06 1.01
C ASP C 503 6.18 60.85 0.02
N LYS C 504 6.58 61.93 -0.64
CA LYS C 504 7.67 61.84 -1.60
C LYS C 504 8.98 61.69 -0.84
N ALA C 505 9.96 61.09 -1.50
CA ALA C 505 11.26 60.88 -0.89
C ALA C 505 12.04 62.17 -0.76
N PRO C 506 12.87 62.28 0.28
CA PRO C 506 13.66 63.51 0.43
C PRO C 506 14.70 63.54 -0.69
N LEU C 507 14.87 64.70 -1.33
CA LEU C 507 15.84 64.81 -2.41
C LEU C 507 17.27 64.79 -1.90
N GLN C 508 18.11 63.95 -2.50
CA GLN C 508 19.51 63.82 -2.11
C GLN C 508 20.39 64.23 -3.28
N LYS C 509 21.31 65.16 -3.04
CA LYS C 509 22.18 65.65 -4.08
C LYS C 509 23.64 65.23 -3.92
N VAL C 510 24.31 65.05 -5.03
CA VAL C 510 25.71 64.66 -5.05
C VAL C 510 26.37 65.22 -6.31
N SER C 511 27.57 65.78 -6.15
CA SER C 511 28.28 66.34 -7.29
C SER C 511 29.45 65.44 -7.65
N LEU C 512 29.51 65.06 -8.92
CA LEU C 512 30.56 64.16 -9.36
C LEU C 512 31.18 64.54 -10.70
N ALA C 513 32.45 64.21 -10.85
CA ALA C 513 33.20 64.49 -12.07
C ALA C 513 32.96 63.36 -13.07
N PRO C 514 33.07 63.65 -14.36
CA PRO C 514 32.85 62.60 -15.38
C PRO C 514 33.81 61.41 -15.28
N ASN C 515 33.31 60.26 -15.74
CA ASN C 515 34.07 59.01 -15.73
C ASN C 515 34.28 58.39 -14.35
N SER C 516 33.81 59.09 -13.32
CA SER C 516 33.95 58.59 -11.95
C SER C 516 33.03 57.39 -11.73
N ARG C 517 33.45 56.49 -10.86
CA ARG C 517 32.70 55.28 -10.55
C ARG C 517 31.83 55.56 -9.32
N TYR C 518 30.56 55.16 -9.39
CA TYR C 518 29.63 55.41 -8.29
C TYR C 518 28.56 54.32 -8.17
N TYR C 519 27.67 54.48 -7.19
CA TYR C 519 26.55 53.54 -7.01
C TYR C 519 25.47 54.17 -6.13
N LEU C 520 24.22 53.80 -6.40
CA LEU C 520 23.06 54.27 -5.66
C LEU C 520 22.36 53.08 -5.01
N SER C 521 22.21 53.14 -3.69
CA SER C 521 21.58 52.06 -2.95
C SER C 521 20.24 52.38 -2.34
N CYS C 522 19.28 51.49 -2.58
CA CYS C 522 17.93 51.65 -2.09
C CYS C 522 17.56 50.46 -1.21
N PRO C 523 17.64 50.63 0.12
CA PRO C 523 17.28 49.50 0.99
C PRO C 523 15.81 49.15 0.83
N MET C 524 15.55 47.87 0.55
CA MET C 524 14.19 47.40 0.33
C MET C 524 13.50 47.01 1.64
N GLU C 525 12.64 47.87 2.15
CA GLU C 525 11.92 47.59 3.39
C GLU C 525 10.89 46.48 3.23
N SER C 526 10.00 46.62 2.25
CA SER C 526 8.97 45.63 1.99
C SER C 526 9.50 44.54 1.08
N ARG C 527 9.45 43.30 1.54
CA ARG C 527 9.93 42.19 0.76
C ARG C 527 8.89 41.62 -0.18
N HIS C 528 7.75 42.29 -0.31
CA HIS C 528 6.72 41.84 -1.23
C HIS C 528 6.71 42.79 -2.43
N ALA C 529 7.47 43.87 -2.30
CA ALA C 529 7.56 44.90 -3.34
C ALA C 529 8.66 44.68 -4.37
N THR C 530 8.47 45.30 -5.53
CA THR C 530 9.43 45.26 -6.61
C THR C 530 10.03 46.67 -6.63
N TYR C 531 11.34 46.76 -6.67
CA TYR C 531 12.04 48.03 -6.67
C TYR C 531 12.74 48.38 -8.00
N SER C 532 12.46 49.57 -8.52
CA SER C 532 13.04 49.99 -9.80
C SER C 532 13.77 51.32 -9.76
N TRP C 533 14.99 51.34 -10.26
CA TRP C 533 15.76 52.58 -10.34
C TRP C 533 15.44 53.15 -11.71
N ARG C 534 15.00 54.40 -11.74
CA ARG C 534 14.61 55.04 -12.99
C ARG C 534 15.38 56.32 -13.27
N HIS C 535 15.77 56.49 -14.53
CA HIS C 535 16.51 57.67 -14.99
C HIS C 535 16.04 58.06 -16.39
N LYS C 536 15.57 59.30 -16.54
CA LYS C 536 15.05 59.77 -17.83
C LYS C 536 13.90 58.88 -18.24
N GLU C 537 13.12 58.42 -17.26
CA GLU C 537 11.97 57.57 -17.52
C GLU C 537 12.30 56.16 -18.05
N ASN C 538 13.54 55.72 -17.86
CA ASN C 538 13.97 54.38 -18.28
C ASN C 538 14.41 53.59 -17.04
N VAL C 539 13.92 52.38 -16.89
CA VAL C 539 14.34 51.57 -15.76
C VAL C 539 15.76 51.11 -16.05
N GLU C 540 16.68 51.43 -15.14
CA GLU C 540 18.07 51.06 -15.30
C GLU C 540 18.42 49.79 -14.53
N GLN C 541 17.66 49.52 -13.47
CA GLN C 541 17.87 48.36 -12.59
C GLN C 541 16.53 47.98 -11.98
N SER C 542 16.29 46.69 -11.84
CA SER C 542 15.03 46.22 -11.27
C SER C 542 15.32 45.09 -10.29
N CYS C 543 14.71 45.15 -9.11
CA CYS C 543 14.91 44.12 -8.09
C CYS C 543 13.59 43.51 -7.64
N GLU C 544 13.44 42.20 -7.87
CA GLU C 544 12.22 41.47 -7.52
C GLU C 544 12.26 40.91 -6.09
N PRO C 545 11.08 40.65 -5.50
CA PRO C 545 10.88 40.10 -4.15
C PRO C 545 11.78 38.94 -3.72
N GLY C 546 12.17 38.08 -4.65
CA GLY C 546 13.04 36.97 -4.30
C GLY C 546 14.49 37.40 -4.29
N HIS C 547 14.72 38.70 -4.12
CA HIS C 547 16.06 39.27 -4.11
C HIS C 547 16.77 38.91 -2.80
N GLN C 548 18.01 38.37 -2.93
CA GLN C 548 18.80 37.95 -1.79
C GLN C 548 19.29 39.11 -0.92
N SER C 549 19.99 40.05 -1.52
CA SER C 549 20.49 41.22 -0.83
C SER C 549 19.34 42.13 -0.41
N PRO C 550 19.50 42.83 0.72
CA PRO C 550 18.47 43.73 1.23
C PRO C 550 18.47 45.09 0.52
N ASN C 551 19.33 45.27 -0.46
CA ASN C 551 19.39 46.55 -1.19
C ASN C 551 19.31 46.41 -2.70
N CYS C 552 18.66 47.36 -3.35
CA CYS C 552 18.55 47.37 -4.80
C CYS C 552 19.57 48.44 -5.20
N ILE C 553 20.61 48.01 -5.91
CA ILE C 553 21.68 48.89 -6.29
C ILE C 553 21.86 49.17 -7.76
N LEU C 554 22.02 50.44 -8.08
CA LEU C 554 22.27 50.84 -9.46
C LEU C 554 23.75 51.20 -9.49
N PHE C 555 24.51 50.54 -10.34
CA PHE C 555 25.94 50.81 -10.45
C PHE C 555 26.23 51.77 -11.59
N ILE C 556 27.08 52.75 -11.34
CA ILE C 556 27.46 53.68 -12.38
C ILE C 556 28.96 53.53 -12.57
N GLU C 557 29.31 52.92 -13.68
CA GLU C 557 30.70 52.70 -14.04
C GLU C 557 31.70 53.84 -14.21
N ASN C 558 31.57 54.60 -15.29
CA ASN C 558 32.47 55.72 -15.56
C ASN C 558 31.30 56.62 -15.94
N LEU C 559 31.00 57.59 -15.09
CA LEU C 559 29.91 58.51 -15.32
C LEU C 559 30.02 59.33 -16.61
N THR C 560 29.04 59.19 -17.50
CA THR C 560 29.01 59.91 -18.76
C THR C 560 27.99 61.04 -18.66
N ALA C 561 28.10 62.02 -19.54
CA ALA C 561 27.20 63.16 -19.53
C ALA C 561 25.72 62.75 -19.58
N GLN C 562 25.43 61.77 -20.43
CA GLN C 562 24.06 61.27 -20.57
C GLN C 562 23.48 60.72 -19.28
N GLN C 563 24.34 60.28 -18.38
CA GLN C 563 23.85 59.74 -17.13
C GLN C 563 23.98 60.68 -15.94
N TYR C 564 23.56 61.92 -16.15
CA TYR C 564 23.54 62.98 -15.14
C TYR C 564 22.07 63.27 -14.91
N GLY C 565 21.72 63.79 -13.74
CA GLY C 565 20.32 64.10 -13.48
C GLY C 565 19.63 63.40 -12.33
N HIS C 566 18.32 63.23 -12.46
CA HIS C 566 17.48 62.62 -11.45
C HIS C 566 17.36 61.10 -11.53
N TYR C 567 17.44 60.45 -10.38
CA TYR C 567 17.35 59.01 -10.26
C TYR C 567 16.33 58.70 -9.17
N PHE C 568 15.32 57.92 -9.51
CA PHE C 568 14.30 57.53 -8.55
C PHE C 568 14.34 56.03 -8.34
N CYS C 569 14.08 55.58 -7.11
CA CYS C 569 13.99 54.17 -6.81
C CYS C 569 12.54 54.09 -6.39
N GLU C 570 11.75 53.38 -7.16
CA GLU C 570 10.33 53.26 -6.86
C GLU C 570 9.96 51.84 -6.41
N ALA C 571 9.07 51.75 -5.44
CA ALA C 571 8.63 50.46 -4.95
C ALA C 571 7.18 50.21 -5.38
N GLN C 572 6.91 49.01 -5.90
CA GLN C 572 5.55 48.68 -6.30
C GLN C 572 5.14 47.34 -5.70
N GLU C 573 4.15 47.34 -4.82
CA GLU C 573 3.70 46.07 -4.26
C GLU C 573 2.61 45.51 -5.14
N GLY C 574 1.39 46.02 -4.99
CA GLY C 574 0.31 45.54 -5.82
C GLY C 574 0.04 46.60 -6.85
N SER C 575 -0.93 47.45 -6.53
CA SER C 575 -1.29 48.55 -7.40
C SER C 575 -0.76 49.78 -6.67
N TYR C 576 -0.11 49.53 -5.54
CA TYR C 576 0.46 50.59 -4.72
C TYR C 576 1.85 51.00 -5.20
N PHE C 577 2.11 52.30 -5.20
CA PHE C 577 3.40 52.83 -5.64
C PHE C 577 3.97 53.75 -4.59
N ARG C 578 5.29 53.78 -4.51
CA ARG C 578 5.92 54.61 -3.51
C ARG C 578 7.33 54.97 -3.94
N GLU C 579 7.68 56.24 -3.73
CA GLU C 579 9.00 56.74 -4.07
C GLU C 579 9.90 56.46 -2.87
N ALA C 580 10.81 55.51 -3.01
CA ALA C 580 11.68 55.16 -1.91
C ALA C 580 12.96 55.99 -1.87
N GLN C 581 13.41 56.43 -3.03
CA GLN C 581 14.64 57.18 -3.11
C GLN C 581 14.59 58.18 -4.25
N HIS C 582 15.26 59.31 -4.07
CA HIS C 582 15.30 60.34 -5.10
C HIS C 582 16.65 61.03 -5.05
N TRP C 583 17.48 60.77 -6.05
CA TRP C 583 18.78 61.37 -6.12
C TRP C 583 18.91 62.25 -7.35
N GLN C 584 19.85 63.18 -7.30
CA GLN C 584 20.14 64.05 -8.42
C GLN C 584 21.63 64.13 -8.55
N LEU C 585 22.14 63.68 -9.69
CA LEU C 585 23.58 63.70 -9.95
C LEU C 585 23.89 65.00 -10.66
N LEU C 586 24.60 65.89 -9.97
CA LEU C 586 24.98 67.18 -10.52
C LEU C 586 26.45 67.18 -10.92
N PRO C 587 26.78 67.81 -12.05
CA PRO C 587 28.15 67.91 -12.56
C PRO C 587 29.02 68.87 -11.77
N GLU C 588 30.22 68.42 -11.42
CA GLU C 588 31.17 69.22 -10.65
C GLU C 588 32.57 68.66 -10.79
N ASP C 589 33.42 69.38 -11.52
CA ASP C 589 34.80 68.98 -11.73
C ASP C 589 35.75 70.14 -11.44
N ALA D 1 -0.92 -53.01 53.40
CA ALA D 1 -0.08 -51.85 52.97
C ALA D 1 -0.21 -51.60 51.48
N ASP D 2 -0.55 -52.64 50.73
CA ASP D 2 -0.69 -52.54 49.27
C ASP D 2 -2.13 -52.68 48.76
N GLU D 3 -2.33 -52.36 47.48
CA GLU D 3 -3.63 -52.44 46.82
C GLU D 3 -4.73 -51.49 47.29
N PRO D 4 -4.38 -50.23 47.62
CA PRO D 4 -5.39 -49.29 48.08
C PRO D 4 -5.78 -48.43 46.87
N VAL D 5 -5.84 -49.08 45.70
CA VAL D 5 -6.16 -48.42 44.45
C VAL D 5 -7.44 -47.60 44.39
N TRP D 6 -7.35 -46.44 43.75
CA TRP D 6 -8.49 -45.54 43.56
C TRP D 6 -8.75 -45.53 42.06
N ARG D 7 -10.02 -45.57 41.65
CA ARG D 7 -10.33 -45.57 40.23
C ARG D 7 -11.08 -44.34 39.78
N SER D 8 -10.91 -44.00 38.51
CA SER D 8 -11.56 -42.84 37.93
C SER D 8 -12.16 -43.19 36.57
N GLU D 9 -13.34 -42.65 36.29
CA GLU D 9 -14.02 -42.92 35.03
C GLU D 9 -13.32 -42.26 33.84
N GLN D 10 -12.50 -41.26 34.11
CA GLN D 10 -11.77 -40.58 33.04
C GLN D 10 -10.28 -40.65 33.37
N ALA D 11 -9.44 -40.49 32.37
CA ALA D 11 -8.00 -40.53 32.58
C ALA D 11 -7.58 -39.40 33.51
N ILE D 12 -6.52 -39.63 34.27
CA ILE D 12 -6.03 -38.62 35.20
C ILE D 12 -5.09 -37.63 34.51
N GLY D 13 -5.43 -36.35 34.61
CA GLY D 13 -4.64 -35.31 33.98
C GLY D 13 -3.64 -34.64 34.90
N ALA D 14 -3.78 -34.84 36.21
CA ALA D 14 -2.85 -34.23 37.16
C ALA D 14 -2.96 -34.84 38.55
N ILE D 15 -1.98 -34.54 39.39
CA ILE D 15 -1.97 -35.02 40.75
C ILE D 15 -0.94 -34.30 41.61
N ALA D 16 -1.38 -33.85 42.77
CA ALA D 16 -0.52 -33.18 43.70
C ALA D 16 -0.85 -33.75 45.07
N ALA D 17 0.15 -33.90 45.92
CA ALA D 17 -0.05 -34.44 47.25
C ALA D 17 0.18 -33.34 48.26
N SER D 18 -0.81 -33.12 49.10
CA SER D 18 -0.74 -32.10 50.14
C SER D 18 -0.04 -32.65 51.39
N GLN D 19 0.48 -31.76 52.23
CA GLN D 19 1.15 -32.15 53.45
C GLN D 19 0.17 -32.57 54.54
N GLU D 20 -0.80 -31.70 54.84
CA GLU D 20 -1.79 -31.99 55.88
C GLU D 20 -3.20 -32.19 55.35
N ASP D 21 -3.36 -32.12 54.04
CA ASP D 21 -4.68 -32.31 53.44
C ASP D 21 -4.60 -33.44 52.41
N GLY D 22 -5.76 -33.85 51.90
CA GLY D 22 -5.80 -34.95 50.96
C GLY D 22 -4.81 -34.98 49.81
N VAL D 23 -5.14 -35.84 48.84
CA VAL D 23 -4.36 -36.03 47.65
C VAL D 23 -5.28 -35.58 46.55
N PHE D 24 -4.89 -34.54 45.81
CA PHE D 24 -5.72 -34.02 44.74
C PHE D 24 -5.38 -34.62 43.40
N VAL D 25 -6.40 -34.97 42.63
CA VAL D 25 -6.19 -35.56 41.33
C VAL D 25 -7.35 -35.18 40.41
N ALA D 26 -6.99 -34.63 39.25
CA ALA D 26 -7.95 -34.18 38.27
C ALA D 26 -8.17 -35.24 37.21
N SER D 27 -9.42 -35.62 37.01
CA SER D 27 -9.75 -36.63 36.01
C SER D 27 -10.17 -35.95 34.73
N GLY D 28 -11.44 -35.61 34.63
CA GLY D 28 -11.91 -34.96 33.42
C GLY D 28 -12.03 -33.46 33.70
N SER D 29 -13.25 -33.01 33.92
CA SER D 29 -13.48 -31.61 34.22
C SER D 29 -13.69 -31.51 35.72
N CYS D 30 -13.13 -32.47 36.47
CA CYS D 30 -13.26 -32.49 37.92
C CYS D 30 -11.92 -32.64 38.65
N LEU D 31 -11.95 -32.33 39.95
CA LEU D 31 -10.79 -32.46 40.80
C LEU D 31 -11.27 -33.11 42.10
N ASP D 32 -10.60 -34.18 42.52
CA ASP D 32 -10.98 -34.87 43.75
C ASP D 32 -9.97 -34.70 44.86
N GLN D 33 -10.45 -34.61 46.09
CA GLN D 33 -9.59 -34.50 47.26
C GLN D 33 -9.69 -35.87 47.90
N LEU D 34 -8.65 -36.67 47.76
CA LEU D 34 -8.67 -38.02 48.30
C LEU D 34 -7.93 -38.16 49.61
N ASP D 35 -8.38 -39.13 50.40
CA ASP D 35 -7.75 -39.44 51.68
C ASP D 35 -6.38 -39.99 51.27
N TYR D 36 -5.38 -39.84 52.13
CA TYR D 36 -4.05 -40.35 51.81
C TYR D 36 -4.05 -41.85 51.45
N SER D 37 -4.88 -42.63 52.12
CA SER D 37 -4.94 -44.06 51.86
C SER D 37 -5.76 -44.35 50.60
N LEU D 38 -6.17 -43.29 49.91
CA LEU D 38 -6.96 -43.40 48.69
C LEU D 38 -8.26 -44.15 48.92
N GLU D 39 -8.78 -44.05 50.14
CA GLU D 39 -10.02 -44.73 50.49
C GLU D 39 -11.23 -43.89 50.09
N HIS D 40 -11.32 -42.71 50.68
CA HIS D 40 -12.46 -41.84 50.44
C HIS D 40 -12.20 -40.58 49.63
N SER D 41 -13.24 -40.15 48.90
CA SER D 41 -13.20 -38.94 48.08
C SER D 41 -13.85 -37.84 48.92
N LEU D 42 -13.07 -37.26 49.82
CA LEU D 42 -13.55 -36.20 50.70
C LEU D 42 -14.40 -35.14 49.99
N SER D 43 -13.78 -34.31 49.16
CA SER D 43 -14.53 -33.29 48.44
C SER D 43 -14.25 -33.36 46.94
N ARG D 44 -15.23 -32.97 46.15
CA ARG D 44 -15.08 -33.01 44.70
C ARG D 44 -15.42 -31.66 44.08
N LEU D 45 -14.69 -31.30 43.03
CA LEU D 45 -14.90 -30.04 42.32
C LEU D 45 -15.37 -30.26 40.88
N TYR D 46 -16.51 -29.68 40.57
CA TYR D 46 -17.07 -29.76 39.23
C TYR D 46 -16.74 -28.44 38.57
N ARG D 47 -15.81 -28.48 37.63
CA ARG D 47 -15.35 -27.28 36.94
C ARG D 47 -16.21 -26.83 35.77
N ASP D 48 -16.53 -27.76 34.87
CA ASP D 48 -17.34 -27.39 33.70
C ASP D 48 -18.83 -27.59 33.94
N GLN D 49 -19.35 -28.77 33.60
CA GLN D 49 -20.77 -29.06 33.80
C GLN D 49 -21.07 -29.20 35.29
N ALA D 50 -22.34 -29.13 35.66
CA ALA D 50 -22.76 -29.23 37.05
C ALA D 50 -22.52 -30.61 37.67
N GLY D 51 -22.86 -31.67 36.94
CA GLY D 51 -22.69 -33.01 37.47
C GLY D 51 -21.79 -33.92 36.64
N ASN D 52 -21.52 -33.51 35.40
CA ASN D 52 -20.68 -34.28 34.49
C ASN D 52 -19.19 -34.02 34.67
N CYS D 53 -18.40 -35.08 34.73
CA CYS D 53 -16.95 -34.95 34.82
C CYS D 53 -16.45 -35.46 33.48
N THR D 54 -17.40 -35.93 32.67
CA THR D 54 -17.10 -36.46 31.36
C THR D 54 -16.40 -35.42 30.50
N GLU D 55 -15.43 -35.87 29.72
CA GLU D 55 -14.66 -34.98 28.85
C GLU D 55 -15.56 -34.31 27.82
N PRO D 56 -15.71 -32.97 27.90
CA PRO D 56 -16.54 -32.21 26.97
C PRO D 56 -16.11 -32.47 25.53
N VAL D 57 -14.84 -32.79 25.35
CA VAL D 57 -14.27 -33.08 24.04
C VAL D 57 -13.44 -34.36 24.16
N SER D 58 -13.45 -35.19 23.13
CA SER D 58 -12.69 -36.43 23.13
C SER D 58 -11.24 -36.22 22.70
N LEU D 59 -10.32 -36.60 23.57
CA LEU D 59 -8.89 -36.46 23.29
C LEU D 59 -8.33 -37.82 22.86
N ALA D 60 -7.64 -37.85 21.71
CA ALA D 60 -7.06 -39.09 21.20
C ALA D 60 -5.56 -39.18 21.49
N PRO D 61 -5.17 -39.95 22.52
CA PRO D 61 -3.77 -40.13 22.92
C PRO D 61 -2.87 -40.64 21.79
N PRO D 62 -1.91 -39.81 21.34
CA PRO D 62 -0.99 -40.20 20.26
C PRO D 62 0.05 -41.22 20.74
N ALA D 63 1.21 -41.23 20.09
CA ALA D 63 2.29 -42.14 20.45
C ALA D 63 2.74 -41.85 21.87
N ARG D 64 3.29 -42.85 22.55
CA ARG D 64 3.76 -42.67 23.92
C ARG D 64 4.71 -41.49 24.03
N PRO D 65 5.76 -41.46 23.19
CA PRO D 65 6.68 -40.33 23.31
C PRO D 65 5.91 -38.99 23.22
N ARG D 66 4.96 -38.91 22.29
CA ARG D 66 4.16 -37.69 22.11
C ARG D 66 3.39 -37.33 23.38
N PRO D 67 3.41 -36.04 23.76
CA PRO D 67 2.69 -35.58 24.97
C PRO D 67 1.19 -35.72 24.76
N GLY D 68 0.46 -35.94 25.86
CA GLY D 68 -0.98 -36.09 25.76
C GLY D 68 -1.75 -34.81 26.03
N SER D 69 -3.08 -34.93 25.98
CA SER D 69 -3.96 -33.80 26.20
C SER D 69 -4.55 -33.87 27.62
N SER D 70 -5.10 -32.75 28.08
CA SER D 70 -5.69 -32.67 29.41
C SER D 70 -6.45 -31.36 29.54
N PHE D 71 -7.41 -31.33 30.45
CA PHE D 71 -8.19 -30.13 30.69
C PHE D 71 -7.60 -29.39 31.87
N SER D 72 -6.95 -30.13 32.76
CA SER D 72 -6.31 -29.48 33.90
C SER D 72 -4.90 -29.13 33.44
N LYS D 73 -4.38 -28.01 33.92
CA LYS D 73 -3.05 -27.58 33.51
C LYS D 73 -2.15 -27.23 34.69
N LEU D 74 -2.76 -26.94 35.82
CA LEU D 74 -2.00 -26.57 37.00
C LEU D 74 -2.71 -26.98 38.29
N LEU D 75 -1.93 -27.52 39.22
CA LEU D 75 -2.44 -28.00 40.49
C LEU D 75 -1.33 -27.79 41.49
N LEU D 76 -1.26 -26.60 42.06
CA LEU D 76 -0.18 -26.28 42.98
C LEU D 76 -0.57 -25.82 44.38
N PRO D 77 -0.38 -26.70 45.38
CA PRO D 77 -0.72 -26.31 46.75
C PRO D 77 0.44 -25.47 47.25
N TYR D 78 0.19 -24.55 48.18
CA TYR D 78 1.27 -23.72 48.68
C TYR D 78 0.84 -22.99 49.93
N ARG D 79 1.81 -22.31 50.57
CA ARG D 79 1.53 -21.56 51.79
C ARG D 79 0.95 -22.59 52.78
N GLU D 80 1.61 -23.76 52.86
CA GLU D 80 1.15 -24.84 53.74
C GLU D 80 1.56 -24.76 55.21
N GLY D 81 2.86 -24.79 55.48
CA GLY D 81 3.31 -24.70 56.86
C GLY D 81 3.23 -23.26 57.36
N ALA D 82 2.01 -22.79 57.62
CA ALA D 82 1.80 -21.42 58.06
C ALA D 82 1.50 -21.28 59.56
N ALA D 83 0.70 -22.20 60.09
CA ALA D 83 0.31 -22.15 61.50
C ALA D 83 -0.50 -20.86 61.68
N GLY D 84 -1.82 -20.98 61.49
CA GLY D 84 -2.69 -19.83 61.60
C GLY D 84 -3.44 -19.67 60.29
N LEU D 85 -2.71 -19.34 59.24
CA LEU D 85 -3.28 -19.18 57.91
C LEU D 85 -3.34 -20.54 57.23
N GLY D 86 -4.50 -20.89 56.70
CA GLY D 86 -4.65 -22.16 56.02
C GLY D 86 -3.76 -22.21 54.79
N GLY D 87 -3.70 -23.37 54.15
CA GLY D 87 -2.88 -23.50 52.95
C GLY D 87 -3.71 -23.02 51.78
N LEU D 88 -3.07 -22.88 50.62
CA LEU D 88 -3.77 -22.44 49.41
C LEU D 88 -3.48 -23.37 48.25
N LEU D 89 -4.33 -23.32 47.22
CA LEU D 89 -4.16 -24.17 46.05
C LEU D 89 -4.42 -23.49 44.70
N LEU D 90 -3.47 -23.59 43.79
CA LEU D 90 -3.65 -23.03 42.44
C LEU D 90 -4.19 -24.12 41.54
N THR D 91 -5.32 -23.85 40.90
CA THR D 91 -5.93 -24.82 40.02
C THR D 91 -6.20 -24.22 38.63
N GLY D 92 -5.46 -24.67 37.62
CA GLY D 92 -5.63 -24.15 36.28
C GLY D 92 -6.22 -25.13 35.29
N TRP D 93 -6.99 -24.60 34.34
CA TRP D 93 -7.66 -25.38 33.29
C TRP D 93 -7.62 -24.68 31.94
N THR D 94 -8.13 -25.37 30.93
CA THR D 94 -8.18 -24.82 29.59
C THR D 94 -9.48 -24.03 29.44
N PHE D 95 -10.40 -24.27 30.36
CA PHE D 95 -11.69 -23.61 30.34
C PHE D 95 -11.54 -22.11 30.57
N ASP D 96 -12.42 -21.36 29.95
CA ASP D 96 -12.40 -19.91 30.10
C ASP D 96 -11.07 -19.32 29.70
N ARG D 97 -10.62 -19.66 28.50
CA ARG D 97 -9.37 -19.15 27.97
C ARG D 97 -8.15 -19.40 28.87
N GLY D 98 -8.03 -20.62 29.38
CA GLY D 98 -6.90 -20.96 30.22
C GLY D 98 -6.91 -20.29 31.58
N ALA D 99 -8.02 -20.40 32.27
CA ALA D 99 -8.19 -19.81 33.60
C ALA D 99 -7.57 -20.59 34.73
N CYS D 100 -7.24 -19.89 35.80
CA CYS D 100 -6.65 -20.49 36.97
C CYS D 100 -7.22 -19.78 38.20
N GLU D 101 -7.58 -20.53 39.24
CA GLU D 101 -8.13 -19.89 40.42
C GLU D 101 -7.35 -20.20 41.68
N VAL D 102 -7.40 -19.29 42.64
CA VAL D 102 -6.74 -19.47 43.93
C VAL D 102 -7.80 -20.02 44.86
N ARG D 103 -7.56 -21.20 45.41
CA ARG D 103 -8.51 -21.85 46.29
C ARG D 103 -7.92 -22.22 47.62
N PRO D 104 -8.77 -22.40 48.63
CA PRO D 104 -8.27 -22.79 49.96
C PRO D 104 -7.87 -24.27 49.86
N LEU D 105 -6.71 -24.59 50.41
CA LEU D 105 -6.23 -25.97 50.35
C LEU D 105 -7.08 -26.83 51.27
N GLY D 106 -7.97 -27.63 50.67
CA GLY D 106 -8.83 -28.48 51.48
C GLY D 106 -10.19 -28.75 50.83
N ASN D 107 -11.25 -28.43 51.56
CA ASN D 107 -12.61 -28.64 51.08
C ASN D 107 -12.82 -28.02 49.70
N LEU D 108 -13.04 -28.86 48.70
CA LEU D 108 -13.26 -28.41 47.34
C LEU D 108 -14.66 -27.85 47.11
N SER D 109 -15.47 -27.79 48.16
CA SER D 109 -16.81 -27.25 48.03
C SER D 109 -16.76 -25.77 48.39
N ARG D 110 -15.62 -25.35 48.93
CA ARG D 110 -15.44 -23.96 49.28
C ARG D 110 -15.30 -23.14 48.00
N ASN D 111 -15.40 -21.82 48.12
CA ASN D 111 -15.29 -20.95 46.95
C ASN D 111 -13.87 -20.44 46.77
N SER D 112 -13.53 -20.15 45.53
CA SER D 112 -12.21 -19.63 45.21
C SER D 112 -12.13 -18.17 45.65
N LEU D 113 -10.92 -17.72 45.98
CA LEU D 113 -10.71 -16.35 46.41
C LEU D 113 -10.59 -15.44 45.19
N ARG D 114 -9.58 -15.72 44.35
CA ARG D 114 -9.31 -14.94 43.15
C ARG D 114 -9.23 -15.84 41.92
N ASN D 115 -9.04 -15.23 40.75
CA ASN D 115 -8.93 -15.99 39.52
C ASN D 115 -8.57 -15.08 38.34
N GLY D 116 -8.07 -15.69 37.27
CA GLY D 116 -7.72 -14.94 36.10
C GLY D 116 -7.65 -15.83 34.87
N THR D 117 -7.93 -15.26 33.70
CA THR D 117 -7.88 -16.05 32.49
C THR D 117 -6.52 -15.85 31.81
N GLU D 118 -6.26 -16.62 30.76
CA GLU D 118 -5.01 -16.55 30.02
C GLU D 118 -3.81 -16.78 30.92
N VAL D 119 -4.02 -17.59 31.96
CA VAL D 119 -2.97 -17.91 32.92
C VAL D 119 -2.21 -19.15 32.45
N VAL D 120 -2.95 -20.11 31.90
CA VAL D 120 -2.37 -21.37 31.43
C VAL D 120 -2.85 -21.62 30.01
N SER D 121 -2.34 -22.65 29.37
CA SER D 121 -2.75 -22.92 28.00
C SER D 121 -4.22 -23.26 27.93
N CYS D 122 -4.92 -22.74 26.92
CA CYS D 122 -6.33 -23.04 26.77
C CYS D 122 -6.47 -24.20 25.79
N HIS D 123 -5.34 -24.78 25.44
CA HIS D 123 -5.31 -25.90 24.50
C HIS D 123 -5.07 -27.23 25.21
N PRO D 124 -6.02 -28.16 25.09
CA PRO D 124 -5.96 -29.50 25.69
C PRO D 124 -4.59 -30.14 25.53
N GLN D 125 -4.04 -30.02 24.33
CA GLN D 125 -2.73 -30.56 24.00
C GLN D 125 -1.58 -29.65 24.43
N GLY D 126 -1.85 -28.35 24.50
CA GLY D 126 -0.81 -27.40 24.88
C GLY D 126 -0.18 -27.64 26.24
N SER D 127 1.14 -27.48 26.32
CA SER D 127 1.86 -27.67 27.57
C SER D 127 1.60 -26.54 28.55
N THR D 128 1.89 -26.84 29.83
CA THR D 128 1.76 -25.89 30.91
C THR D 128 2.51 -26.49 32.09
N ALA D 129 3.30 -25.65 32.76
CA ALA D 129 4.05 -26.06 33.92
C ALA D 129 4.29 -24.77 34.69
N GLY D 130 4.25 -24.84 36.02
CA GLY D 130 4.46 -23.65 36.79
C GLY D 130 4.92 -23.92 38.20
N VAL D 131 5.37 -22.87 38.87
CA VAL D 131 5.84 -23.01 40.23
C VAL D 131 5.58 -21.73 41.01
N VAL D 132 5.34 -21.88 42.31
CA VAL D 132 5.07 -20.77 43.18
C VAL D 132 6.33 -20.44 43.98
N TYR D 133 6.54 -19.15 44.23
CA TYR D 133 7.69 -18.70 44.97
C TYR D 133 7.34 -17.34 45.55
N ARG D 134 8.23 -16.80 46.37
CA ARG D 134 7.96 -15.50 46.97
C ARG D 134 9.06 -14.49 46.63
N ALA D 135 8.65 -13.31 46.21
CA ALA D 135 9.61 -12.28 45.84
C ALA D 135 9.13 -10.89 46.22
N GLY D 136 10.05 -9.92 46.08
CA GLY D 136 9.72 -8.54 46.39
C GLY D 136 9.89 -8.17 47.85
N ARG D 137 9.68 -6.90 48.15
CA ARG D 137 9.79 -6.39 49.51
C ARG D 137 8.66 -6.95 50.37
N ASN D 138 7.48 -7.09 49.77
CA ASN D 138 6.32 -7.63 50.47
C ASN D 138 6.51 -9.13 50.59
N ASN D 139 7.34 -9.68 49.71
CA ASN D 139 7.59 -11.11 49.72
C ASN D 139 6.27 -11.82 49.42
N ARG D 140 5.51 -11.25 48.49
CA ARG D 140 4.21 -11.81 48.09
C ARG D 140 4.34 -13.16 47.42
N TRP D 141 3.21 -13.84 47.25
CA TRP D 141 3.21 -15.13 46.59
C TRP D 141 3.03 -14.96 45.09
N TYR D 142 3.95 -15.52 44.32
CA TYR D 142 3.92 -15.44 42.87
C TYR D 142 3.93 -16.76 42.16
N LEU D 143 3.39 -16.76 40.96
CA LEU D 143 3.37 -17.94 40.13
C LEU D 143 4.11 -17.66 38.83
N ALA D 144 5.12 -18.47 38.52
CA ALA D 144 5.85 -18.33 37.26
C ALA D 144 5.28 -19.43 36.39
N VAL D 145 4.60 -19.06 35.31
CA VAL D 145 3.99 -20.05 34.42
C VAL D 145 4.63 -20.11 33.03
N ALA D 146 4.64 -21.32 32.46
CA ALA D 146 5.18 -21.56 31.12
C ALA D 146 4.15 -22.42 30.39
N ALA D 147 3.75 -22.03 29.18
CA ALA D 147 2.76 -22.80 28.47
C ALA D 147 2.71 -22.50 26.98
N THR D 148 2.10 -23.41 26.24
CA THR D 148 1.94 -23.24 24.80
C THR D 148 0.59 -22.56 24.61
N TYR D 149 0.58 -21.24 24.75
CA TYR D 149 -0.64 -20.43 24.63
C TYR D 149 -1.23 -20.31 23.23
N VAL D 150 -0.38 -20.36 22.23
CA VAL D 150 -0.79 -20.22 20.85
C VAL D 150 -0.65 -21.51 20.05
N LEU D 151 -1.72 -21.86 19.35
CA LEU D 151 -1.78 -23.03 18.50
C LEU D 151 -2.87 -22.70 17.49
N PRO D 152 -2.69 -23.12 16.23
CA PRO D 152 -3.68 -22.85 15.19
C PRO D 152 -5.08 -23.28 15.62
N GLU D 153 -6.02 -22.36 15.52
CA GLU D 153 -7.40 -22.64 15.91
C GLU D 153 -8.30 -22.75 14.68
N PRO D 154 -8.61 -23.98 14.27
CA PRO D 154 -9.47 -24.21 13.11
C PRO D 154 -10.89 -23.74 13.39
N GLU D 155 -11.42 -24.19 14.52
CA GLU D 155 -12.77 -23.81 14.95
C GLU D 155 -12.80 -22.29 14.98
N THR D 156 -13.80 -21.71 14.33
CA THR D 156 -13.92 -20.25 14.25
C THR D 156 -14.72 -19.61 15.39
N ALA D 157 -15.24 -20.42 16.30
CA ALA D 157 -16.02 -19.89 17.42
C ALA D 157 -15.41 -20.15 18.79
N SER D 158 -14.68 -21.26 18.90
CA SER D 158 -14.06 -21.66 20.15
C SER D 158 -12.67 -21.06 20.38
N ARG D 159 -12.27 -20.13 19.52
CA ARG D 159 -10.95 -19.50 19.62
C ARG D 159 -10.70 -18.95 21.01
N CYS D 160 -9.51 -19.27 21.54
CA CYS D 160 -9.13 -18.83 22.88
C CYS D 160 -7.69 -18.32 22.95
N ASN D 161 -7.01 -18.27 21.81
CA ASN D 161 -5.64 -17.77 21.77
C ASN D 161 -5.61 -16.36 22.32
N PRO D 162 -4.53 -15.98 23.00
CA PRO D 162 -4.41 -14.63 23.57
C PRO D 162 -4.34 -13.55 22.49
N ALA D 163 -4.29 -12.29 22.91
CA ALA D 163 -4.23 -11.18 21.96
C ALA D 163 -2.91 -11.16 21.18
N ALA D 164 -2.93 -10.50 20.03
CA ALA D 164 -1.74 -10.39 19.19
C ALA D 164 -0.49 -9.92 19.97
N SER D 165 -0.65 -8.96 20.86
CA SER D 165 0.51 -8.47 21.59
C SER D 165 0.98 -9.45 22.64
N ASP D 166 0.26 -10.57 22.76
CA ASP D 166 0.61 -11.61 23.73
C ASP D 166 0.94 -12.92 23.06
N HIS D 167 0.87 -12.95 21.74
CA HIS D 167 1.16 -14.14 20.97
C HIS D 167 2.54 -14.76 21.16
N ASP D 168 3.49 -13.94 21.56
CA ASP D 168 4.86 -14.41 21.78
C ASP D 168 5.18 -14.70 23.24
N THR D 169 4.15 -14.74 24.10
CA THR D 169 4.42 -15.02 25.52
C THR D 169 4.84 -16.48 25.72
N ALA D 170 5.96 -16.67 26.40
CA ALA D 170 6.48 -18.00 26.69
C ALA D 170 6.26 -18.30 28.17
N ILE D 171 6.74 -17.39 29.01
CA ILE D 171 6.61 -17.52 30.43
C ILE D 171 6.06 -16.23 31.03
N ALA D 172 5.17 -16.36 32.01
CA ALA D 172 4.59 -15.20 32.63
C ALA D 172 4.60 -15.32 34.15
N LEU D 173 4.76 -14.19 34.83
CA LEU D 173 4.74 -14.18 36.29
C LEU D 173 3.35 -13.69 36.63
N LYS D 174 2.72 -14.31 37.63
CA LYS D 174 1.37 -13.96 38.05
C LYS D 174 1.33 -13.60 39.52
N ASP D 175 0.76 -12.44 39.84
CA ASP D 175 0.62 -12.00 41.22
C ASP D 175 -0.59 -12.75 41.78
N THR D 176 -0.35 -13.74 42.64
CA THR D 176 -1.44 -14.53 43.20
C THR D 176 -2.41 -13.75 44.08
N GLU D 177 -2.01 -12.55 44.50
CA GLU D 177 -2.87 -11.75 45.36
C GLU D 177 -3.41 -10.51 44.65
N GLY D 178 -3.37 -10.49 43.32
CA GLY D 178 -3.85 -9.32 42.61
C GLY D 178 -5.00 -9.52 41.64
N ARG D 179 -5.49 -8.41 41.09
CA ARG D 179 -6.57 -8.39 40.11
C ARG D 179 -6.27 -9.47 39.07
N SER D 180 -7.12 -10.48 39.01
CA SER D 180 -6.99 -11.61 38.09
C SER D 180 -5.55 -12.11 37.88
N LEU D 181 -4.83 -12.28 38.99
CA LEU D 181 -3.47 -12.78 38.96
C LEU D 181 -2.67 -12.10 37.87
N ALA D 182 -2.76 -10.77 37.84
CA ALA D 182 -2.10 -9.94 36.83
C ALA D 182 -0.63 -10.09 36.56
N THR D 183 -0.29 -10.00 35.29
CA THR D 183 1.10 -10.04 34.84
C THR D 183 1.40 -8.57 34.52
N GLN D 184 2.49 -8.03 35.04
CA GLN D 184 2.83 -6.62 34.79
C GLN D 184 3.62 -6.46 33.50
N GLU D 185 4.07 -5.24 33.23
CA GLU D 185 4.83 -4.94 32.01
C GLU D 185 6.06 -5.82 31.83
N LEU D 186 6.87 -5.94 32.87
CA LEU D 186 8.08 -6.72 32.79
C LEU D 186 7.91 -8.16 33.30
N GLY D 187 6.67 -8.63 33.26
CA GLY D 187 6.37 -9.95 33.76
C GLY D 187 6.38 -11.14 32.82
N ARG D 188 6.91 -11.00 31.61
CA ARG D 188 6.96 -12.15 30.71
C ARG D 188 8.20 -12.29 29.85
N LEU D 189 8.49 -13.54 29.47
CA LEU D 189 9.62 -13.87 28.62
C LEU D 189 9.02 -14.22 27.27
N LYS D 190 9.47 -13.55 26.22
CA LYS D 190 8.92 -13.76 24.89
C LYS D 190 9.63 -14.75 23.98
N LEU D 191 8.86 -15.33 23.07
CA LEU D 191 9.37 -16.29 22.11
C LEU D 191 9.97 -15.58 20.90
N CYS D 192 10.82 -16.30 20.18
CA CYS D 192 11.42 -15.75 18.98
C CYS D 192 10.59 -16.29 17.82
N GLU D 193 10.25 -15.43 16.87
CA GLU D 193 9.45 -15.87 15.74
C GLU D 193 10.10 -17.02 15.00
N GLY D 194 9.28 -17.88 14.42
CA GLY D 194 9.81 -19.01 13.68
C GLY D 194 10.31 -20.14 14.55
N ALA D 195 10.48 -19.87 15.84
CA ALA D 195 10.96 -20.90 16.76
C ALA D 195 9.92 -22.02 16.88
N GLY D 196 8.78 -21.84 16.23
CA GLY D 196 7.73 -22.84 16.28
C GLY D 196 7.17 -22.91 17.68
N SER D 197 6.71 -24.09 18.09
CA SER D 197 6.14 -24.25 19.42
C SER D 197 7.18 -24.79 20.39
N LEU D 198 7.02 -24.43 21.66
CA LEU D 198 7.91 -24.89 22.72
C LEU D 198 7.06 -25.64 23.73
N HIS D 199 7.36 -26.92 23.93
CA HIS D 199 6.60 -27.72 24.89
C HIS D 199 7.30 -27.75 26.23
N PHE D 200 6.79 -26.98 27.18
CA PHE D 200 7.37 -26.96 28.52
C PHE D 200 6.97 -28.22 29.26
N VAL D 201 7.92 -28.77 30.01
CA VAL D 201 7.69 -30.01 30.73
C VAL D 201 7.57 -29.90 32.23
N ASP D 202 8.28 -28.95 32.83
CA ASP D 202 8.24 -28.84 34.28
C ASP D 202 8.69 -27.44 34.66
N ALA D 203 8.69 -27.11 35.95
CA ALA D 203 9.11 -25.79 36.40
C ALA D 203 9.48 -25.89 37.88
N PHE D 204 10.73 -25.62 38.19
CA PHE D 204 11.17 -25.74 39.57
C PHE D 204 12.18 -24.69 40.01
N LEU D 205 12.35 -24.58 41.32
CA LEU D 205 13.28 -23.63 41.90
C LEU D 205 14.62 -24.31 42.18
N TRP D 206 15.68 -23.52 42.15
CA TRP D 206 17.03 -24.01 42.43
C TRP D 206 18.02 -22.87 42.41
N ASN D 207 18.83 -22.79 43.46
CA ASN D 207 19.84 -21.75 43.59
C ASN D 207 19.34 -20.38 43.14
N GLY D 208 18.33 -19.88 43.85
CA GLY D 208 17.77 -18.56 43.55
C GLY D 208 17.18 -18.31 42.18
N SER D 209 16.94 -19.36 41.40
CA SER D 209 16.37 -19.15 40.08
C SER D 209 15.24 -20.14 39.82
N ILE D 210 14.61 -20.03 38.66
CA ILE D 210 13.52 -20.91 38.27
C ILE D 210 13.91 -21.54 36.94
N TYR D 211 13.72 -22.85 36.82
CA TYR D 211 14.10 -23.57 35.62
C TYR D 211 12.92 -24.17 34.89
N PHE D 212 12.92 -24.04 33.57
CA PHE D 212 11.84 -24.56 32.74
C PHE D 212 12.27 -25.55 31.67
N PRO D 213 12.29 -26.85 32.03
CA PRO D 213 12.69 -27.85 31.03
C PRO D 213 11.67 -27.77 29.90
N TYR D 214 12.12 -27.95 28.66
CA TYR D 214 11.20 -27.88 27.51
C TYR D 214 11.88 -28.41 26.27
N TYR D 215 11.15 -28.38 25.16
CA TYR D 215 11.73 -28.82 23.91
C TYR D 215 10.85 -28.39 22.75
N PRO D 216 11.46 -27.81 21.71
CA PRO D 216 10.68 -27.37 20.55
C PRO D 216 9.91 -28.56 20.04
N TYR D 217 8.70 -28.33 19.58
CA TYR D 217 7.87 -29.42 19.12
C TYR D 217 6.80 -28.91 18.17
N ASN D 218 6.49 -29.71 17.16
CA ASN D 218 5.46 -29.34 16.20
C ASN D 218 4.22 -30.15 16.55
N TYR D 219 3.28 -29.50 17.24
CA TYR D 219 2.04 -30.14 17.64
C TYR D 219 1.21 -30.63 16.46
N THR D 220 1.36 -29.99 15.31
CA THR D 220 0.59 -30.40 14.13
C THR D 220 1.23 -31.63 13.52
N SER D 221 2.52 -31.51 13.24
CA SER D 221 3.32 -32.59 12.66
C SER D 221 3.44 -33.74 13.66
N GLY D 222 3.48 -33.39 14.94
CA GLY D 222 3.62 -34.39 15.98
C GLY D 222 5.07 -34.84 16.07
N ALA D 223 5.98 -33.94 15.74
CA ALA D 223 7.40 -34.26 15.78
C ALA D 223 8.25 -33.21 16.48
N ALA D 224 9.33 -33.68 17.10
CA ALA D 224 10.25 -32.81 17.82
C ALA D 224 11.12 -32.03 16.83
N THR D 225 11.48 -30.80 17.20
CA THR D 225 12.31 -29.95 16.35
C THR D 225 13.77 -30.01 16.78
N GLY D 226 14.15 -29.09 17.65
CA GLY D 226 15.53 -29.04 18.11
C GLY D 226 15.83 -29.92 19.29
N TRP D 227 16.77 -29.47 20.10
CA TRP D 227 17.20 -30.22 21.28
C TRP D 227 16.42 -29.88 22.53
N PRO D 228 16.19 -30.88 23.40
CA PRO D 228 15.46 -30.61 24.64
C PRO D 228 16.37 -29.61 25.34
N SER D 229 15.81 -28.62 26.00
CA SER D 229 16.62 -27.62 26.67
C SER D 229 16.01 -27.23 28.00
N MET D 230 16.57 -26.19 28.61
CA MET D 230 16.10 -25.68 29.87
C MET D 230 16.28 -24.16 29.83
N ALA D 231 15.30 -23.43 30.34
CA ALA D 231 15.38 -21.97 30.36
C ALA D 231 15.51 -21.57 31.82
N ARG D 232 16.38 -20.60 32.11
CA ARG D 232 16.59 -20.16 33.48
C ARG D 232 16.15 -18.72 33.65
N ILE D 233 15.42 -18.47 34.73
CA ILE D 233 14.90 -17.14 35.04
C ILE D 233 15.14 -16.83 36.50
N ALA D 234 15.40 -15.58 36.83
CA ALA D 234 15.65 -15.21 38.21
C ALA D 234 14.36 -15.23 39.00
N GLN D 235 14.47 -15.45 40.31
CA GLN D 235 13.31 -15.45 41.19
C GLN D 235 13.12 -14.01 41.62
N SER D 236 12.37 -13.27 40.81
CA SER D 236 12.13 -11.87 41.06
C SER D 236 10.68 -11.54 40.74
N THR D 237 10.29 -10.28 40.90
CA THR D 237 8.93 -9.84 40.61
C THR D 237 8.83 -9.51 39.13
N GLU D 238 10.00 -9.46 38.47
CA GLU D 238 10.08 -9.17 37.05
C GLU D 238 10.79 -10.34 36.39
N VAL D 239 10.66 -10.45 35.08
CA VAL D 239 11.31 -11.51 34.34
C VAL D 239 12.73 -11.09 33.94
N LEU D 240 13.73 -11.74 34.51
CA LEU D 240 15.13 -11.47 34.20
C LEU D 240 15.77 -12.74 33.64
N PHE D 241 15.78 -12.84 32.31
CA PHE D 241 16.33 -13.99 31.64
C PHE D 241 17.76 -14.26 32.14
N GLN D 242 18.13 -15.52 32.30
CA GLN D 242 19.48 -15.83 32.78
C GLN D 242 20.19 -16.86 31.91
N GLY D 243 19.51 -17.36 30.87
CA GLY D 243 20.13 -18.33 30.01
C GLY D 243 19.25 -19.42 29.42
N GLN D 244 19.80 -20.11 28.43
CA GLN D 244 19.15 -21.21 27.74
C GLN D 244 20.24 -22.24 27.47
N ALA D 245 19.91 -23.53 27.57
CA ALA D 245 20.89 -24.58 27.36
C ALA D 245 20.28 -25.90 26.88
N SER D 246 20.92 -26.51 25.89
CA SER D 246 20.45 -27.78 25.35
C SER D 246 20.93 -28.92 26.24
N LEU D 247 20.16 -30.00 26.27
CA LEU D 247 20.48 -31.17 27.09
C LEU D 247 20.64 -32.41 26.19
N ASP D 248 21.85 -32.96 26.15
CA ASP D 248 22.13 -34.12 25.33
C ASP D 248 21.90 -35.42 26.08
N CYS D 249 21.12 -36.31 25.46
CA CYS D 249 20.83 -37.61 26.04
C CYS D 249 20.41 -38.52 24.90
N GLY D 250 21.23 -38.52 23.85
CA GLY D 250 20.98 -39.36 22.69
C GLY D 250 22.16 -40.29 22.49
N HIS D 251 22.69 -40.77 23.61
CA HIS D 251 23.85 -41.66 23.65
C HIS D 251 23.77 -42.91 22.77
N GLY D 252 22.98 -43.89 23.19
CA GLY D 252 22.88 -45.12 22.43
C GLY D 252 21.90 -45.12 21.28
N HIS D 253 21.53 -43.95 20.79
CA HIS D 253 20.58 -43.85 19.70
C HIS D 253 21.15 -43.01 18.55
N PRO D 254 20.91 -43.45 17.30
CA PRO D 254 21.41 -42.74 16.11
C PRO D 254 21.08 -41.26 16.15
N ASP D 255 19.88 -40.93 15.72
CA ASP D 255 19.37 -39.56 15.68
C ASP D 255 19.21 -38.90 17.05
N GLY D 256 19.51 -39.65 18.11
CA GLY D 256 19.39 -39.12 19.45
C GLY D 256 17.97 -39.10 19.98
N ARG D 257 17.79 -38.53 21.16
CA ARG D 257 16.47 -38.44 21.79
C ARG D 257 16.12 -36.97 21.99
N ARG D 258 15.25 -36.45 21.14
CA ARG D 258 14.84 -35.05 21.22
C ARG D 258 13.44 -34.85 21.77
N LEU D 259 13.07 -35.68 22.75
CA LEU D 259 11.76 -35.61 23.40
C LEU D 259 11.93 -35.82 24.90
N LEU D 260 11.45 -34.88 25.70
CA LEU D 260 11.54 -35.01 27.15
C LEU D 260 10.17 -35.45 27.69
N LEU D 261 10.14 -36.60 28.36
CA LEU D 261 8.90 -37.16 28.90
C LEU D 261 8.64 -36.87 30.38
N SER D 262 9.69 -36.85 31.18
CA SER D 262 9.54 -36.63 32.61
C SER D 262 10.72 -35.87 33.18
N SER D 263 10.49 -35.17 34.28
CA SER D 263 11.51 -34.37 34.94
C SER D 263 11.38 -34.39 36.46
N SER D 264 12.50 -34.26 37.16
CA SER D 264 12.51 -34.26 38.62
C SER D 264 13.85 -33.73 39.14
N LEU D 265 13.77 -32.88 40.15
CA LEU D 265 14.95 -32.29 40.76
C LEU D 265 15.25 -32.98 42.08
N VAL D 266 16.35 -33.73 42.13
CA VAL D 266 16.73 -34.39 43.36
C VAL D 266 17.11 -33.30 44.35
N GLU D 267 16.24 -33.07 45.32
CA GLU D 267 16.42 -32.03 46.33
C GLU D 267 17.85 -31.81 46.81
N ALA D 268 18.22 -32.47 47.90
CA ALA D 268 19.55 -32.32 48.46
C ALA D 268 20.67 -33.00 47.66
N LEU D 269 20.79 -32.65 46.39
CA LEU D 269 21.82 -33.25 45.55
C LEU D 269 22.24 -32.33 44.41
N ASP D 270 21.43 -31.31 44.15
CA ASP D 270 21.73 -30.35 43.10
C ASP D 270 21.91 -31.05 41.76
N VAL D 271 21.13 -32.11 41.55
CA VAL D 271 21.17 -32.87 40.31
C VAL D 271 19.77 -33.03 39.76
N TRP D 272 19.63 -32.95 38.44
CA TRP D 272 18.32 -33.08 37.81
C TRP D 272 18.18 -34.36 36.99
N ALA D 273 17.04 -35.02 37.16
CA ALA D 273 16.77 -36.26 36.44
C ALA D 273 15.72 -36.03 35.36
N GLY D 274 15.82 -36.79 34.27
CA GLY D 274 14.87 -36.63 33.19
C GLY D 274 14.81 -37.84 32.29
N VAL D 275 13.63 -38.12 31.76
CA VAL D 275 13.46 -39.25 30.87
C VAL D 275 13.36 -38.73 29.44
N PHE D 276 14.31 -39.12 28.60
CA PHE D 276 14.34 -38.69 27.22
C PHE D 276 13.98 -39.85 26.31
N SER D 277 13.67 -39.55 25.07
CA SER D 277 13.30 -40.59 24.11
C SER D 277 13.30 -40.06 22.69
N ALA D 278 13.28 -40.96 21.72
CA ALA D 278 13.26 -40.59 20.31
C ALA D 278 11.91 -41.03 19.75
N ALA D 279 11.58 -40.58 18.55
CA ALA D 279 10.30 -40.95 17.94
C ALA D 279 10.13 -42.47 17.78
N ALA D 280 9.01 -43.00 18.24
CA ALA D 280 8.75 -44.42 18.11
C ALA D 280 7.75 -44.60 16.96
N GLY D 281 8.10 -44.04 15.80
CA GLY D 281 7.23 -44.13 14.65
C GLY D 281 5.97 -43.32 14.88
N GLU D 282 5.09 -43.27 13.89
CA GLU D 282 3.84 -42.52 14.03
C GLU D 282 2.89 -43.33 14.92
N GLY D 283 3.12 -44.64 14.96
CA GLY D 283 2.30 -45.51 15.78
C GLY D 283 3.17 -46.04 16.92
N GLN D 284 3.95 -47.07 16.63
CA GLN D 284 4.84 -47.67 17.62
C GLN D 284 5.67 -48.75 16.92
N GLU D 285 6.22 -48.39 15.76
CA GLU D 285 7.03 -49.31 14.97
C GLU D 285 8.52 -49.24 15.29
N ARG D 286 9.08 -48.03 15.24
CA ARG D 286 10.50 -47.84 15.52
C ARG D 286 10.87 -48.10 16.97
N ARG D 287 10.20 -49.03 17.62
CA ARG D 287 10.51 -49.32 19.02
C ARG D 287 11.83 -50.08 19.12
N SER D 288 12.68 -49.64 20.04
CA SER D 288 13.99 -50.25 20.25
C SER D 288 14.36 -50.29 21.73
N PRO D 289 15.13 -51.31 22.14
CA PRO D 289 15.52 -51.42 23.55
C PRO D 289 16.41 -50.25 23.97
N THR D 290 16.54 -49.28 23.07
CA THR D 290 17.35 -48.10 23.32
C THR D 290 16.60 -46.79 23.04
N THR D 291 15.34 -46.90 22.61
CA THR D 291 14.54 -45.73 22.30
C THR D 291 14.43 -44.69 23.41
N THR D 292 14.44 -45.13 24.66
CA THR D 292 14.35 -44.22 25.80
C THR D 292 15.56 -44.32 26.71
N ALA D 293 15.74 -43.34 27.57
CA ALA D 293 16.88 -43.34 28.48
C ALA D 293 16.69 -42.37 29.64
N LEU D 294 17.44 -42.62 30.71
CA LEU D 294 17.41 -41.77 31.88
C LEU D 294 18.75 -41.08 31.93
N CYS D 295 18.73 -39.77 32.12
CA CYS D 295 19.96 -39.00 32.20
C CYS D 295 19.92 -38.13 33.44
N LEU D 296 21.08 -37.88 34.01
CA LEU D 296 21.19 -37.04 35.18
C LEU D 296 22.14 -35.90 34.83
N PHE D 297 21.77 -34.69 35.23
CA PHE D 297 22.60 -33.56 34.94
C PHE D 297 22.91 -32.82 36.22
N ARG D 298 24.12 -32.25 36.29
CA ARG D 298 24.52 -31.48 37.45
C ARG D 298 23.91 -30.09 37.25
N MET D 299 23.15 -29.62 38.21
CA MET D 299 22.54 -28.30 38.07
C MET D 299 23.61 -27.24 37.91
N SER D 300 24.76 -27.46 38.56
CA SER D 300 25.88 -26.53 38.51
C SER D 300 26.33 -26.31 37.07
N GLU D 301 26.56 -27.39 36.34
CA GLU D 301 27.00 -27.32 34.97
C GLU D 301 25.90 -26.76 34.07
N ILE D 302 24.65 -27.00 34.43
CA ILE D 302 23.52 -26.49 33.65
C ILE D 302 23.49 -24.97 33.75
N GLN D 303 23.66 -24.46 34.97
CA GLN D 303 23.65 -23.02 35.16
C GLN D 303 24.77 -22.39 34.34
N ALA D 304 25.98 -22.93 34.52
CA ALA D 304 27.16 -22.42 33.86
C ALA D 304 27.07 -22.37 32.33
N ARG D 305 26.54 -23.42 31.73
CA ARG D 305 26.44 -23.45 30.27
C ARG D 305 25.19 -22.84 29.66
N ALA D 306 24.32 -22.27 30.50
CA ALA D 306 23.11 -21.63 29.99
C ALA D 306 23.40 -20.15 29.89
N LYS D 307 23.61 -19.68 28.67
CA LYS D 307 23.95 -18.27 28.42
C LYS D 307 22.78 -17.40 27.96
N ARG D 308 22.86 -16.11 28.28
CA ARG D 308 21.83 -15.14 27.90
C ARG D 308 21.80 -14.86 26.41
N VAL D 309 21.72 -15.91 25.60
CA VAL D 309 21.68 -15.73 24.15
C VAL D 309 20.24 -15.71 23.63
N SER D 310 20.03 -15.03 22.51
CA SER D 310 18.71 -14.96 21.91
C SER D 310 18.54 -16.01 20.84
N TRP D 311 17.90 -17.11 21.20
CA TRP D 311 17.69 -18.20 20.25
C TRP D 311 16.21 -18.54 20.21
N ASP D 312 15.67 -18.99 21.34
CA ASP D 312 14.26 -19.33 21.44
C ASP D 312 13.51 -18.12 21.98
N PHE D 313 14.19 -17.33 22.81
CA PHE D 313 13.60 -16.17 23.44
C PHE D 313 14.24 -14.84 23.06
N LYS D 314 13.44 -13.77 23.14
CA LYS D 314 13.90 -12.44 22.81
C LYS D 314 14.71 -11.82 23.95
N THR D 315 15.65 -10.96 23.57
CA THR D 315 16.48 -10.22 24.52
C THR D 315 16.60 -8.83 23.96
N ALA D 316 17.06 -7.89 24.77
CA ALA D 316 17.18 -6.51 24.32
C ALA D 316 18.54 -6.18 23.72
N GLU D 317 19.50 -7.07 23.91
CA GLU D 317 20.86 -6.84 23.40
C GLU D 317 21.18 -7.56 22.09
N SER D 318 20.37 -8.55 21.71
CA SER D 318 20.60 -9.30 20.49
C SER D 318 19.34 -9.55 19.67
N HIS D 319 19.52 -9.98 18.42
CA HIS D 319 18.40 -10.30 17.54
C HIS D 319 18.27 -11.81 17.49
N CYS D 320 17.04 -12.28 17.43
CA CYS D 320 16.74 -13.70 17.42
C CYS D 320 17.55 -14.57 16.46
N LYS D 321 18.22 -15.58 17.02
CA LYS D 321 19.01 -16.52 16.23
C LYS D 321 20.04 -15.84 15.33
N GLU D 322 20.74 -14.84 15.87
CA GLU D 322 21.74 -14.12 15.10
C GLU D 322 23.08 -14.07 15.80
N GLY D 323 23.11 -14.51 17.05
CA GLY D 323 24.35 -14.52 17.79
C GLY D 323 24.83 -15.96 17.91
N ASP D 324 25.39 -16.30 19.06
CA ASP D 324 25.89 -17.66 19.30
C ASP D 324 24.73 -18.63 19.54
N GLN D 325 24.96 -19.91 19.26
CA GLN D 325 23.93 -20.92 19.49
C GLN D 325 24.04 -21.37 20.95
N PRO D 326 22.98 -22.01 21.47
CA PRO D 326 22.94 -22.50 22.86
C PRO D 326 23.86 -23.68 23.06
N GLU D 327 24.67 -23.63 24.12
CA GLU D 327 25.60 -24.72 24.43
C GLU D 327 24.89 -25.99 24.90
N ARG D 328 25.40 -27.14 24.49
CA ARG D 328 24.79 -28.40 24.89
C ARG D 328 25.42 -28.80 26.21
N VAL D 329 24.64 -29.48 27.05
CA VAL D 329 25.13 -29.93 28.33
C VAL D 329 25.15 -31.45 28.32
N GLN D 330 26.22 -32.00 28.89
CA GLN D 330 26.35 -33.45 28.96
C GLN D 330 25.99 -33.94 30.34
N PRO D 331 25.23 -35.03 30.40
CA PRO D 331 24.80 -35.62 31.68
C PRO D 331 25.96 -36.35 32.34
N ILE D 332 25.74 -36.81 33.57
CA ILE D 332 26.78 -37.55 34.29
C ILE D 332 26.81 -38.94 33.69
N ALA D 333 27.72 -39.13 32.72
CA ALA D 333 27.87 -40.39 31.98
C ALA D 333 27.62 -41.67 32.76
N SER D 334 28.03 -41.69 34.03
CA SER D 334 27.88 -42.86 34.86
C SER D 334 26.43 -43.23 35.15
N SER D 335 25.63 -42.22 35.51
CA SER D 335 24.21 -42.40 35.86
C SER D 335 23.28 -42.84 34.74
N THR D 336 23.65 -42.51 33.50
CA THR D 336 22.81 -42.85 32.37
C THR D 336 22.29 -44.27 32.36
N LEU D 337 20.99 -44.41 32.10
CA LEU D 337 20.35 -45.70 32.05
C LEU D 337 19.48 -45.82 30.79
N ILE D 338 19.91 -46.64 29.84
CA ILE D 338 19.15 -46.81 28.62
C ILE D 338 18.08 -47.86 28.85
N HIS D 339 16.90 -47.64 28.28
CA HIS D 339 15.78 -48.55 28.43
C HIS D 339 14.92 -48.44 27.18
N SER D 340 13.93 -49.31 27.03
CA SER D 340 13.09 -49.28 25.85
C SER D 340 11.77 -48.53 26.02
N ASP D 341 11.41 -48.22 27.25
CA ASP D 341 10.13 -47.55 27.44
C ASP D 341 9.94 -46.89 28.79
N LEU D 342 10.89 -46.05 29.19
CA LEU D 342 10.76 -45.33 30.46
C LEU D 342 9.79 -44.18 30.21
N THR D 343 9.06 -43.77 31.25
CA THR D 343 8.10 -42.69 31.08
C THR D 343 8.02 -41.72 32.25
N SER D 344 8.47 -42.13 33.42
CA SER D 344 8.42 -41.26 34.59
C SER D 344 9.65 -41.40 35.46
N VAL D 345 9.89 -40.41 36.31
CA VAL D 345 11.03 -40.45 37.20
C VAL D 345 10.87 -39.50 38.37
N TYR D 346 11.42 -39.91 39.51
CA TYR D 346 11.40 -39.10 40.70
C TYR D 346 12.59 -39.55 41.51
N GLY D 347 13.18 -38.63 42.27
CA GLY D 347 14.33 -38.99 43.05
C GLY D 347 14.55 -38.14 44.27
N THR D 348 15.17 -38.76 45.27
CA THR D 348 15.49 -38.09 46.51
C THR D 348 16.70 -38.81 47.09
N VAL D 349 17.05 -38.55 48.26
CA VAL D 349 18.14 -39.22 48.97
C VAL D 349 17.61 -39.71 50.30
N VAL D 350 17.98 -40.94 50.67
CA VAL D 350 17.51 -41.51 51.93
C VAL D 350 18.54 -41.35 53.05
N MET D 351 19.53 -42.24 53.09
CA MET D 351 20.57 -42.13 54.11
C MET D 351 21.56 -41.10 53.58
N ASN D 352 22.09 -41.39 52.40
CA ASN D 352 23.01 -40.49 51.73
C ASN D 352 23.13 -41.04 50.34
N ARG D 353 22.29 -42.03 50.04
CA ARG D 353 22.26 -42.65 48.74
C ARG D 353 21.11 -42.03 47.95
N THR D 354 21.31 -41.87 46.65
CA THR D 354 20.28 -41.28 45.80
C THR D 354 19.40 -42.35 45.18
N VAL D 355 18.05 -42.19 45.47
CA VAL D 355 17.09 -43.13 44.98
C VAL D 355 16.30 -42.54 43.84
N LEU D 356 16.06 -43.35 42.81
CA LEU D 356 15.32 -42.92 41.65
C LEU D 356 14.23 -43.94 41.36
N PHE D 357 13.01 -43.45 41.20
CA PHE D 357 11.88 -44.31 40.89
C PHE D 357 11.52 -44.02 39.45
N LEU D 358 11.43 -45.07 38.65
CA LEU D 358 11.12 -44.90 37.24
C LEU D 358 9.87 -45.66 36.85
N GLY D 359 9.09 -45.09 35.95
CA GLY D 359 7.88 -45.72 35.50
C GLY D 359 8.04 -46.10 34.04
N THR D 360 7.35 -47.14 33.60
CA THR D 360 7.47 -47.58 32.21
C THR D 360 6.14 -47.61 31.48
N GLY D 361 6.21 -47.78 30.16
CA GLY D 361 5.01 -47.82 29.35
C GLY D 361 4.27 -49.13 29.46
N ASP D 362 4.90 -50.12 30.10
CA ASP D 362 4.30 -51.43 30.27
C ASP D 362 3.71 -51.58 31.68
N GLY D 363 3.69 -50.47 32.42
CA GLY D 363 3.13 -50.46 33.76
C GLY D 363 4.02 -50.96 34.88
N GLN D 364 5.31 -50.69 34.80
CA GLN D 364 6.25 -51.13 35.83
C GLN D 364 6.86 -49.97 36.62
N LEU D 365 7.16 -50.20 37.89
CA LEU D 365 7.77 -49.18 38.72
C LEU D 365 9.15 -49.68 39.13
N LEU D 366 10.18 -49.21 38.43
CA LEU D 366 11.55 -49.62 38.69
C LEU D 366 12.20 -48.78 39.77
N LYS D 367 13.37 -49.21 40.21
CA LYS D 367 14.10 -48.51 41.25
C LYS D 367 15.59 -48.79 41.16
N VAL D 368 16.38 -47.71 41.09
CA VAL D 368 17.83 -47.83 41.01
C VAL D 368 18.47 -47.06 42.15
N ILE D 369 19.60 -47.58 42.63
CA ILE D 369 20.33 -46.92 43.70
C ILE D 369 21.71 -46.64 43.13
N LEU D 370 22.11 -45.37 43.18
CA LEU D 370 23.41 -44.98 42.63
C LEU D 370 24.58 -45.22 43.58
N GLY D 371 25.65 -45.77 43.04
CA GLY D 371 26.84 -46.07 43.83
C GLY D 371 27.65 -44.87 44.24
N GLU D 372 28.93 -45.11 44.52
CA GLU D 372 29.85 -44.07 44.95
C GLU D 372 30.18 -43.12 43.80
N ASN D 373 30.32 -43.70 42.60
CA ASN D 373 30.63 -42.92 41.41
C ASN D 373 29.33 -42.54 40.71
N LEU D 374 28.24 -42.49 41.47
CA LEU D 374 26.94 -42.13 40.93
C LEU D 374 26.53 -43.05 39.78
N THR D 375 27.14 -44.22 39.71
CA THR D 375 26.84 -45.19 38.66
C THR D 375 25.47 -45.82 38.90
N SER D 376 24.72 -46.02 37.81
CA SER D 376 23.40 -46.60 37.91
C SER D 376 23.44 -48.13 37.90
N ASN D 377 23.02 -48.74 39.00
CA ASN D 377 23.01 -50.19 39.11
C ASN D 377 21.80 -50.77 38.40
N CYS D 378 21.73 -52.10 38.34
CA CYS D 378 20.61 -52.77 37.69
C CYS D 378 19.31 -52.39 38.40
N PRO D 379 18.28 -52.02 37.63
CA PRO D 379 16.96 -51.62 38.14
C PRO D 379 16.09 -52.74 38.69
N GLU D 380 15.64 -52.57 39.94
CA GLU D 380 14.79 -53.56 40.58
C GLU D 380 13.33 -53.23 40.33
N VAL D 381 12.48 -54.25 40.35
CA VAL D 381 11.06 -54.05 40.13
C VAL D 381 10.31 -54.15 41.47
N ILE D 382 9.56 -53.10 41.80
CA ILE D 382 8.82 -53.03 43.06
C ILE D 382 7.34 -53.35 42.89
N TYR D 383 6.79 -53.01 41.74
CA TYR D 383 5.38 -53.28 41.47
C TYR D 383 5.18 -53.41 39.97
N GLU D 384 4.07 -54.02 39.58
CA GLU D 384 3.75 -54.19 38.18
C GLU D 384 2.25 -54.08 37.99
N ILE D 385 1.83 -53.32 37.00
CA ILE D 385 0.42 -53.14 36.69
C ILE D 385 -0.02 -54.26 35.78
N LYS D 386 -0.91 -55.10 36.30
CA LYS D 386 -1.44 -56.26 35.58
C LYS D 386 -1.98 -55.95 34.19
N GLU D 387 -2.49 -54.74 33.99
CA GLU D 387 -3.04 -54.36 32.69
C GLU D 387 -1.99 -53.72 31.79
N GLU D 388 -0.79 -53.54 32.33
CA GLU D 388 0.32 -52.93 31.60
C GLU D 388 0.01 -51.49 31.18
N THR D 389 -0.63 -50.74 32.08
CA THR D 389 -0.99 -49.36 31.81
C THR D 389 0.22 -48.44 32.00
N PRO D 390 0.63 -47.73 30.94
CA PRO D 390 1.77 -46.81 31.00
C PRO D 390 1.69 -45.81 32.17
N VAL D 391 2.80 -45.64 32.88
CA VAL D 391 2.87 -44.75 34.03
C VAL D 391 2.88 -43.25 33.70
N PHE D 392 2.08 -42.50 34.45
CA PHE D 392 1.96 -41.05 34.30
C PHE D 392 3.35 -40.43 34.51
N TYR D 393 3.65 -39.40 33.73
CA TYR D 393 4.96 -38.73 33.79
C TYR D 393 5.29 -38.08 35.13
N LYS D 394 4.40 -38.21 36.12
CA LYS D 394 4.66 -37.64 37.43
C LYS D 394 4.47 -38.68 38.53
N LEU D 395 5.50 -38.87 39.34
CA LEU D 395 5.45 -39.81 40.46
C LEU D 395 5.57 -38.94 41.69
N VAL D 396 4.54 -38.99 42.54
CA VAL D 396 4.50 -38.17 43.74
C VAL D 396 4.78 -38.92 45.04
N PRO D 397 5.76 -38.44 45.81
CA PRO D 397 6.13 -39.06 47.09
C PRO D 397 5.09 -38.78 48.18
N ASP D 398 4.85 -39.76 49.04
CA ASP D 398 3.89 -39.59 50.11
C ASP D 398 4.53 -38.70 51.17
N PRO D 399 3.99 -37.50 51.38
CA PRO D 399 4.52 -36.55 52.36
C PRO D 399 4.26 -36.98 53.82
N VAL D 400 3.34 -37.91 54.01
CA VAL D 400 3.02 -38.41 55.35
C VAL D 400 3.84 -39.65 55.71
N LYS D 401 3.66 -40.72 54.93
CA LYS D 401 4.40 -41.96 55.15
C LYS D 401 5.60 -42.07 54.22
N ASN D 402 6.79 -41.81 54.79
CA ASN D 402 8.04 -41.86 54.03
C ASN D 402 8.30 -43.14 53.26
N ILE D 403 7.56 -44.20 53.60
CA ILE D 403 7.74 -45.49 52.94
C ILE D 403 6.83 -45.70 51.73
N TYR D 404 6.02 -44.71 51.41
CA TYR D 404 5.10 -44.83 50.27
C TYR D 404 5.39 -43.85 49.12
N ILE D 405 4.84 -44.18 47.96
CA ILE D 405 4.98 -43.35 46.77
C ILE D 405 3.74 -43.58 45.93
N TYR D 406 3.13 -42.50 45.46
CA TYR D 406 1.92 -42.59 44.66
C TYR D 406 2.24 -42.83 43.21
N LEU D 407 1.68 -43.90 42.66
CA LEU D 407 1.90 -44.22 41.26
C LEU D 407 0.61 -43.99 40.53
N THR D 408 0.69 -43.21 39.45
CA THR D 408 -0.47 -42.89 38.63
C THR D 408 -0.28 -43.47 37.24
N ALA D 409 -1.36 -44.00 36.67
CA ALA D 409 -1.32 -44.58 35.34
C ALA D 409 -2.74 -44.70 34.79
N GLY D 410 -2.96 -44.19 33.59
CA GLY D 410 -4.28 -44.26 32.99
C GLY D 410 -5.35 -43.60 33.84
N LYS D 411 -6.13 -44.41 34.55
CA LYS D 411 -7.21 -43.90 35.39
C LYS D 411 -7.08 -44.32 36.84
N GLU D 412 -5.90 -44.75 37.27
CA GLU D 412 -5.75 -45.19 38.64
C GLU D 412 -4.53 -44.68 39.39
N VAL D 413 -4.71 -44.41 40.68
CA VAL D 413 -3.63 -43.97 41.54
C VAL D 413 -3.43 -45.06 42.56
N ARG D 414 -2.18 -45.45 42.80
CA ARG D 414 -1.90 -46.49 43.77
C ARG D 414 -0.86 -46.01 44.77
N ARG D 415 -0.92 -46.58 45.98
CA ARG D 415 0.01 -46.20 47.04
C ARG D 415 0.99 -47.37 47.26
N ILE D 416 2.04 -47.40 46.46
CA ILE D 416 3.03 -48.47 46.54
C ILE D 416 4.12 -48.28 47.59
N ARG D 417 4.63 -49.39 48.11
CA ARG D 417 5.69 -49.35 49.10
C ARG D 417 6.99 -49.09 48.35
N VAL D 418 7.82 -48.21 48.90
CA VAL D 418 9.09 -47.85 48.25
C VAL D 418 10.03 -49.03 47.98
N ALA D 419 9.84 -50.13 48.68
CA ALA D 419 10.70 -51.30 48.50
C ALA D 419 10.14 -52.53 49.22
N ASN D 420 10.27 -53.69 48.58
CA ASN D 420 9.81 -54.93 49.18
C ASN D 420 10.98 -55.66 49.82
N CYS D 421 11.20 -55.37 51.11
CA CYS D 421 12.30 -55.97 51.87
C CYS D 421 12.02 -57.41 52.29
N ASN D 422 10.77 -57.83 52.13
CA ASN D 422 10.36 -59.19 52.49
C ASN D 422 11.00 -60.22 51.56
N LYS D 423 11.54 -59.74 50.44
CA LYS D 423 12.16 -60.63 49.46
C LYS D 423 13.49 -61.18 49.95
N HIS D 424 13.98 -60.66 51.08
CA HIS D 424 15.24 -61.12 51.65
C HIS D 424 15.05 -61.73 53.03
N LYS D 425 15.58 -62.94 53.21
CA LYS D 425 15.47 -63.64 54.49
C LYS D 425 16.76 -63.56 55.31
N SER D 426 17.90 -63.73 54.65
CA SER D 426 19.19 -63.69 55.32
C SER D 426 19.67 -62.26 55.54
N CYS D 427 20.28 -62.02 56.70
CA CYS D 427 20.80 -60.71 57.06
C CYS D 427 21.77 -60.18 56.01
N SER D 428 22.74 -61.02 55.64
CA SER D 428 23.74 -60.64 54.64
C SER D 428 23.10 -60.48 53.28
N GLU D 429 22.13 -61.37 53.00
CA GLU D 429 21.41 -61.37 51.74
C GLU D 429 20.70 -60.03 51.50
N CYS D 430 20.28 -59.40 52.59
CA CYS D 430 19.57 -58.13 52.52
C CYS D 430 20.44 -56.88 52.53
N LEU D 431 21.35 -56.79 53.49
CA LEU D 431 22.23 -55.63 53.61
C LEU D 431 23.24 -55.48 52.47
N THR D 432 23.24 -56.42 51.54
CA THR D 432 24.17 -56.35 50.42
C THR D 432 23.47 -55.78 49.18
N ALA D 433 22.14 -55.77 49.22
CA ALA D 433 21.34 -55.25 48.11
C ALA D 433 21.45 -53.73 48.06
N THR D 434 21.97 -53.14 49.13
CA THR D 434 22.16 -51.70 49.23
C THR D 434 20.86 -50.92 49.02
N ASP D 435 19.95 -51.03 49.98
CA ASP D 435 18.67 -50.32 49.90
C ASP D 435 18.48 -49.57 51.20
N PRO D 436 18.63 -48.25 51.17
CA PRO D 436 18.48 -47.37 52.34
C PRO D 436 17.15 -47.50 53.07
N HIS D 437 16.17 -48.10 52.40
CA HIS D 437 14.85 -48.29 52.99
C HIS D 437 14.80 -49.60 53.77
N CYS D 438 15.55 -50.59 53.29
CA CYS D 438 15.60 -51.90 53.93
C CYS D 438 16.74 -52.04 54.92
N GLY D 439 16.44 -52.70 56.05
CA GLY D 439 17.43 -52.92 57.08
C GLY D 439 17.03 -54.13 57.92
N TRP D 440 17.97 -55.03 58.15
CA TRP D 440 17.68 -56.23 58.93
C TRP D 440 17.23 -55.91 60.37
N CYS D 441 16.26 -56.68 60.86
CA CYS D 441 15.70 -56.51 62.19
C CYS D 441 16.10 -57.66 63.12
N HIS D 442 16.83 -57.32 64.17
CA HIS D 442 17.29 -58.31 65.15
C HIS D 442 16.21 -58.48 66.22
N SER D 443 14.99 -58.77 65.77
CA SER D 443 13.85 -58.97 66.65
C SER D 443 13.02 -60.16 66.19
N LEU D 444 12.60 -60.13 64.93
CA LEU D 444 11.82 -61.22 64.37
C LEU D 444 12.54 -61.87 63.21
N GLN D 445 13.85 -61.66 63.17
CA GLN D 445 14.70 -62.24 62.12
C GLN D 445 14.18 -62.03 60.70
N ARG D 446 13.98 -60.76 60.34
CA ARG D 446 13.51 -60.42 59.01
C ARG D 446 13.97 -59.02 58.63
N CYS D 447 13.98 -58.73 57.33
CA CYS D 447 14.42 -57.43 56.82
C CYS D 447 13.25 -56.53 56.49
N THR D 448 13.18 -55.37 57.14
CA THR D 448 12.09 -54.43 56.92
C THR D 448 12.50 -52.97 57.12
N PHE D 449 11.50 -52.11 57.33
CA PHE D 449 11.71 -50.68 57.54
C PHE D 449 11.89 -50.38 59.03
N GLN D 450 12.25 -49.15 59.35
CA GLN D 450 12.43 -48.75 60.74
C GLN D 450 11.11 -48.71 61.48
N GLY D 451 10.02 -48.58 60.74
CA GLY D 451 8.70 -48.52 61.35
C GLY D 451 8.12 -49.89 61.63
N ASP D 452 8.43 -50.86 60.77
CA ASP D 452 7.93 -52.22 60.93
C ASP D 452 8.70 -52.94 62.04
N CYS D 453 9.92 -52.49 62.29
CA CYS D 453 10.79 -53.07 63.32
C CYS D 453 10.87 -52.19 64.56
N VAL D 454 10.77 -52.81 65.73
CA VAL D 454 10.84 -52.08 66.99
C VAL D 454 12.22 -51.44 67.15
N HIS D 455 12.36 -50.22 66.64
CA HIS D 455 13.62 -49.49 66.71
C HIS D 455 13.91 -49.03 68.14
N SER D 456 14.15 -49.99 69.02
CA SER D 456 14.44 -49.70 70.43
C SER D 456 15.80 -49.02 70.56
N GLU D 457 16.06 -48.43 71.72
CA GLU D 457 17.32 -47.75 71.96
C GLU D 457 18.30 -48.63 72.75
N ASN D 458 17.75 -49.45 73.65
CA ASN D 458 18.57 -50.36 74.46
C ASN D 458 19.17 -51.47 73.61
N LEU D 459 18.35 -52.07 72.74
CA LEU D 459 18.79 -53.13 71.85
C LEU D 459 18.59 -52.63 70.42
N GLU D 460 19.67 -52.33 69.73
CA GLU D 460 19.60 -51.83 68.36
C GLU D 460 19.19 -52.94 67.39
N ASN D 461 17.89 -53.19 67.29
CA ASN D 461 17.35 -54.23 66.43
C ASN D 461 17.58 -53.95 64.95
N TRP D 462 17.20 -52.75 64.51
CA TRP D 462 17.35 -52.36 63.11
C TRP D 462 18.80 -52.05 62.73
N LEU D 463 19.28 -52.72 61.69
CA LEU D 463 20.65 -52.52 61.20
C LEU D 463 20.62 -51.89 59.81
N ASP D 464 21.19 -50.71 59.68
CA ASP D 464 21.23 -49.99 58.41
C ASP D 464 22.29 -50.49 57.43
N ILE D 465 22.39 -49.80 56.30
CA ILE D 465 23.35 -50.14 55.26
C ILE D 465 24.68 -49.43 55.48
N SER D 466 24.66 -48.41 56.33
CA SER D 466 25.86 -47.63 56.65
C SER D 466 27.00 -48.52 57.12
N SER D 467 26.65 -49.61 57.78
CA SER D 467 27.64 -50.55 58.30
C SER D 467 27.95 -51.65 57.28
N GLY D 468 26.93 -52.10 56.56
CA GLY D 468 27.13 -53.13 55.57
C GLY D 468 26.86 -54.51 56.14
N ALA D 469 27.10 -55.54 55.34
CA ALA D 469 26.90 -56.92 55.76
C ALA D 469 27.94 -57.32 56.79
N LYS D 470 28.99 -56.51 56.91
CA LYS D 470 30.06 -56.78 57.86
C LYS D 470 29.68 -56.36 59.28
N LYS D 471 28.51 -56.80 59.72
CA LYS D 471 28.03 -56.46 61.06
C LYS D 471 26.96 -57.46 61.48
N CYS D 472 26.44 -58.21 60.51
CA CYS D 472 25.41 -59.21 60.77
C CYS D 472 25.90 -60.19 61.84
N PRO D 473 24.95 -60.85 62.54
CA PRO D 473 25.30 -61.82 63.60
C PRO D 473 26.19 -62.95 63.10
N GLY D 474 26.05 -63.29 61.81
CA GLY D 474 26.84 -64.35 61.22
C GLY D 474 28.26 -63.94 60.89
C1 NAG E . 30.09 31.58 -42.70
C2 NAG E . 30.86 32.31 -43.80
C3 NAG E . 31.37 33.67 -43.29
C4 NAG E . 30.22 34.48 -42.70
C5 NAG E . 29.52 33.65 -41.62
C6 NAG E . 28.33 34.37 -41.00
C7 NAG E . 32.38 31.55 -45.52
C8 NAG E . 33.88 31.59 -45.77
N2 NAG E . 31.98 31.50 -44.25
O3 NAG E . 31.99 34.39 -44.35
O4 NAG E . 30.71 35.69 -42.14
O5 NAG E . 29.04 32.41 -42.19
O6 NAG E . 27.11 34.02 -41.64
O7 NAG E . 31.60 31.58 -46.48
C1 NAG F . 16.92 6.28 -55.78
C2 NAG F . 16.19 5.96 -57.10
C3 NAG F . 15.80 4.48 -57.14
C4 NAG F . 17.03 3.60 -56.90
C5 NAG F . 17.69 4.01 -55.58
C6 NAG F . 18.94 3.22 -55.27
C7 NAG F . 14.57 7.18 -58.40
C8 NAG F . 13.07 7.12 -58.66
N2 NAG F . 15.00 6.78 -57.21
O3 NAG F . 15.22 4.16 -58.39
O4 NAG F . 16.65 2.24 -56.84
O5 NAG F . 18.05 5.41 -55.62
O6 NAG F . 20.11 3.90 -55.72
O7 NAG F . 15.33 7.60 -59.29
C1 NAG G . -0.84 12.89 -13.22
C2 NAG G . -2.22 13.33 -13.74
C3 NAG G . -2.17 13.54 -15.25
C4 NAG G . -1.04 14.51 -15.61
C5 NAG G . 0.27 13.98 -15.03
C6 NAG G . 1.46 14.90 -15.31
C7 NAG G . -4.48 12.68 -13.16
C8 NAG G . -5.57 11.82 -13.79
N2 NAG G . -3.22 12.32 -13.42
O3 NAG G . -3.41 14.05 -15.72
O4 NAG G . -0.93 14.64 -17.02
O5 NAG G . 0.16 13.84 -13.60
O6 NAG G . 1.69 15.80 -14.22
O7 NAG G . -4.77 13.65 -12.47
C1 NDG H . 6.99 22.62 -12.60
C2 NDG H . 6.70 23.24 -13.98
C3 NDG H . 6.20 24.71 -13.98
C4 NDG H . 5.51 25.15 -12.68
C5 NDG H . 6.28 24.58 -11.50
C6 NDG H . 5.84 25.01 -10.11
C7 NDG H . 7.84 23.46 -16.09
C8 NDG H . 8.51 24.74 -16.53
O5 NDG H . 6.19 23.17 -11.55
O3 NDG H . 5.30 24.88 -15.06
O4 NDG H . 5.47 26.57 -12.60
O6 NDG H . 6.46 24.18 -9.13
O7 NDG H . 7.26 22.74 -16.91
N2 NDG H . 7.89 23.16 -14.79
C1 NAG I . -23.33 -41.18 -17.69
C2 NAG I . -23.55 -40.09 -16.63
C3 NAG I . -23.12 -40.59 -15.25
C4 NAG I . -23.72 -41.97 -14.93
C5 NAG I . -23.49 -42.95 -16.09
C6 NAG I . -24.20 -44.28 -15.88
C7 NAG I . -22.89 -37.80 -16.28
C8 NAG I . -21.59 -37.22 -15.71
N2 NAG I . -22.80 -38.91 -17.00
O3 NAG I . -23.54 -39.66 -14.26
O4 NAG I . -23.11 -42.49 -13.76
O5 NAG I . -24.01 -42.38 -17.31
O6 NAG I . -24.23 -45.03 -17.09
O7 NAG I . -23.96 -37.24 -16.05
C1 NAG J . -21.79 -40.53 -40.87
C2 NAG J . -22.65 -41.60 -41.56
C3 NAG J . -22.27 -42.99 -41.03
C4 NAG J . -20.77 -43.23 -41.18
C5 NAG J . -20.01 -42.10 -40.47
C6 NAG J . -18.51 -42.23 -40.58
C7 NAG J . -24.97 -41.65 -42.23
C8 NAG J . -26.24 -42.30 -41.73
N2 NAG J . -24.06 -41.33 -41.31
O3 NAG J . -22.99 -43.98 -41.75
O4 NAG J . -20.42 -44.48 -40.61
O5 NAG J . -20.39 -40.82 -41.04
O6 NAG J . -18.01 -41.48 -41.68
O7 NAG J . -24.80 -41.44 -43.44
C1 NAG K . -9.59 -26.35 -31.92
C2 NAG K . -9.12 -27.82 -31.82
C3 NAG K . -7.58 -27.86 -31.74
C4 NAG K . -6.96 -27.06 -32.87
C5 NAG K . -7.50 -25.63 -32.83
C6 NAG K . -6.94 -24.74 -33.93
C7 NAG K . -10.75 -29.24 -30.75
C8 NAG K . -11.99 -28.84 -29.94
N2 NAG K . -9.68 -28.46 -30.65
O3 NAG K . -7.14 -29.21 -31.79
O4 NAG K . -5.54 -27.04 -32.72
O5 NAG K . -8.94 -25.66 -32.99
O6 NAG K . -7.07 -23.37 -33.61
O7 NAG K . -10.78 -30.24 -31.47
C1 NAG L . -33.11 1.75 -43.10
C2 NAG L . -34.38 2.59 -42.87
C3 NAG L . -34.23 3.98 -43.50
C4 NAG L . -32.95 4.66 -43.04
C5 NAG L . -31.74 3.74 -43.21
C6 NAG L . -30.56 4.36 -42.45
C7 NAG L . -36.66 1.86 -42.68
C8 NAG L . -37.87 1.13 -43.26
N2 NAG L . -35.54 1.92 -43.41
O3 NAG L . -35.34 4.79 -43.12
O4 NAG L . -32.75 5.84 -43.80
O5 NAG L . -31.97 2.45 -42.59
O6 NAG L . -29.33 3.98 -43.03
O7 NAG L . -36.73 2.35 -41.55
C1 NAG M . -28.91 -9.87 -7.62
C2 NAG M . -28.47 -8.57 -6.99
C3 NAG M . -27.57 -8.83 -5.77
C4 NAG M . -28.15 -9.91 -4.84
C5 NAG M . -28.68 -11.12 -5.62
C6 NAG M . -29.45 -12.08 -4.73
C7 NAG M . -27.98 -6.48 -8.08
C8 NAG M . -26.98 -5.53 -7.43
N2 NAG M . -27.75 -7.77 -7.97
O3 NAG M . -27.41 -7.62 -5.05
O4 NAG M . -27.13 -10.36 -3.95
O5 NAG M . -29.58 -10.68 -6.65
O6 NAG M . -30.65 -11.48 -4.26
O7 NAG M . -28.97 -6.02 -8.66
C1 NAG N . -51.05 -6.41 -48.36
C2 NAG N . -51.38 -5.20 -49.27
C3 NAG N . -50.65 -3.95 -48.78
C4 NAG N . -50.97 -3.70 -47.30
C5 NAG N . -50.62 -4.95 -46.50
C6 NAG N . -50.94 -4.81 -45.02
C7 NAG N . -51.67 -4.99 -51.66
C8 NAG N . -50.87 -4.45 -52.82
N2 NAG N . -50.98 -5.50 -50.64
O3 NAG N . -51.04 -2.83 -49.55
O4 NAG N . -50.22 -2.60 -46.82
O5 NAG N . -51.36 -6.09 -47.00
O6 NAG N . -52.22 -5.33 -44.70
O7 NAG N . -52.90 -4.95 -51.69
C1 NAG O . -57.66 -0.01 -41.46
C2 NAG O . -56.78 0.63 -42.54
C3 NAG O . -57.57 1.69 -43.31
C4 NAG O . -58.86 1.07 -43.87
C5 NAG O . -59.65 0.46 -42.71
C6 NAG O . -60.94 -0.21 -43.17
C7 NAG O . -54.45 1.30 -42.58
C8 NAG O . -53.68 2.60 -42.51
N2 NAG O . -55.61 1.25 -41.92
O3 NAG O . -56.79 2.20 -44.38
O4 NAG O . -59.65 2.07 -44.50
O5 NAG O . -58.85 -0.55 -42.04
O6 NAG O . -60.75 -1.61 -43.39
O7 NAG O . -54.00 0.34 -43.22
C1 NAG P . 16.83 48.89 33.40
C2 NAG P . 16.93 49.98 34.48
C3 NAG P . 18.00 51.05 34.15
C4 NAG P . 19.29 50.47 33.55
C5 NAG P . 18.97 49.43 32.49
C6 NAG P . 20.21 48.74 31.95
C7 NAG P . 15.39 51.48 35.59
C8 NAG P . 15.28 52.95 35.22
N2 NAG P . 15.64 50.62 34.60
O3 NAG P . 18.33 51.73 35.35
O4 NAG P . 20.06 51.50 32.96
O5 NAG P . 18.13 48.40 33.05
O6 NAG P . 20.33 48.94 30.54
O7 NAG P . 15.27 51.13 36.76
C1 NAG Q . 3.00 28.23 52.50
C2 NAG Q . 2.27 26.90 52.74
C3 NAG Q . 0.97 27.15 53.53
C4 NAG Q . 1.28 27.91 54.82
C5 NAG Q . 2.03 29.21 54.46
C6 NAG Q . 2.41 30.02 55.69
C7 NAG Q . 1.92 24.95 51.36
C8 NAG Q . 0.78 24.34 50.56
N2 NAG Q . 1.95 26.27 51.47
O3 NAG Q . 0.35 25.91 53.84
O4 NAG Q . 0.07 28.22 55.49
O5 NAG Q . 3.24 28.89 53.75
O6 NAG Q . 3.73 29.73 56.12
O7 NAG Q . 2.77 24.21 51.88
C1 NAG R . 12.20 8.00 11.18
C2 NAG R . 13.41 7.06 11.23
C3 NAG R . 13.85 6.82 12.68
C4 NAG R . 14.08 8.15 13.38
C5 NAG R . 12.82 9.01 13.26
C6 NAG R . 12.97 10.39 13.91
C7 NAG R . 14.02 5.09 9.95
C8 NAG R . 14.03 3.59 10.18
N2 NAG R . 13.08 5.79 10.60
O3 NAG R . 15.04 6.04 12.70
O4 NAG R . 14.39 7.94 14.75
O5 NAG R . 12.49 9.22 11.86
O6 NAG R . 13.37 11.37 12.96
O7 NAG R . 14.83 5.61 9.19
C1 NAG S . 17.05 20.49 7.34
C2 NAG S . 17.76 20.29 8.69
C3 NAG S . 19.20 19.78 8.48
C4 NAG S . 19.21 18.57 7.54
C5 NAG S . 18.49 18.94 6.25
C6 NAG S . 18.44 17.82 5.22
C7 NAG S . 17.97 21.61 10.70
C8 NAG S . 19.24 22.28 11.18
N2 NAG S . 17.77 21.57 9.39
O3 NAG S . 19.78 19.43 9.73
O4 NAG S . 20.56 18.18 7.28
O5 NAG S . 17.14 19.29 6.55
O6 NAG S . 17.94 18.29 3.98
O7 NAG S . 17.17 21.14 11.51
C1 NAG T . -22.79 -34.98 30.17
C2 NAG T . -22.09 -35.03 28.81
C3 NAG T . -23.08 -34.82 27.64
C4 NAG T . -24.38 -35.62 27.82
C5 NAG T . -24.93 -35.39 29.22
C6 NAG T . -26.22 -36.15 29.51
C7 NAG T . -20.02 -34.12 27.95
C8 NAG T . -20.06 -33.39 26.63
N2 NAG T . -21.07 -34.01 28.76
O3 NAG T . -22.47 -35.21 26.42
O4 NAG T . -25.33 -35.20 26.85
O5 NAG T . -23.96 -35.81 30.20
O6 NAG T . -27.17 -35.30 30.12
O7 NAG T . -19.03 -34.79 28.25
C1 NAG U . -16.95 -28.40 53.11
C2 NAG U . -18.20 -29.13 53.64
C3 NAG U . -19.47 -28.51 53.04
C4 NAG U . -19.48 -27.00 53.31
C5 NAG U . -18.19 -26.38 52.75
C6 NAG U . -18.10 -24.88 53.00
C7 NAG U . -18.67 -31.45 54.10
C8 NAG U . -19.46 -32.57 53.43
N2 NAG U . -18.14 -30.54 53.30
O3 NAG U . -20.61 -29.10 53.61
O4 NAG U . -20.61 -26.40 52.67
O5 NAG U . -17.04 -27.00 53.38
O6 NAG U . -17.39 -24.59 54.19
O7 NAG U . -18.55 -31.43 55.32
C1 NAG V . -13.13 -14.33 39.21
C2 NAG V . -14.55 -14.91 39.11
C3 NAG V . -15.59 -13.79 38.92
C4 NAG V . -15.41 -12.71 40.00
C5 NAG V . -13.97 -12.20 39.98
C6 NAG V . -13.73 -11.18 41.09
C7 NAG V . -15.27 -16.97 38.08
C8 NAG V . -16.74 -16.97 37.68
N2 NAG V . -14.62 -15.82 37.98
O3 NAG V . -16.89 -14.33 39.00
O4 NAG V . -16.31 -11.66 39.77
O5 NAG V . -13.05 -13.29 40.20
O6 NAG V . -13.71 -9.85 40.60
O7 NAG V . -14.75 -18.02 38.47
C1 NAG W . 24.29 -20.10 42.59
C2 NAG W . 25.66 -20.72 42.30
C3 NAG W . 26.77 -19.72 42.66
C4 NAG W . 26.53 -18.33 42.05
C5 NAG W . 25.08 -17.87 42.27
C6 NAG W . 24.76 -16.60 41.50
C7 NAG W . 26.65 -22.88 42.62
C8 NAG W . 27.99 -23.03 43.33
N2 NAG W . 25.83 -21.94 43.06
O3 NAG W . 28.02 -20.21 42.18
O4 NAG W . 27.42 -17.39 42.64
O5 NAG W . 24.15 -18.89 41.84
O6 NAG W . 25.30 -15.45 42.13
O7 NAG W . 26.38 -23.61 41.66
C1 NAG X . 4.72 -28.08 11.57
C2 NAG X . 5.54 -27.21 10.62
C3 NAG X . 4.67 -26.79 9.43
C4 NAG X . 4.03 -28.01 8.77
C5 NAG X . 3.32 -28.89 9.80
C6 NAG X . 2.84 -30.19 9.20
C7 NAG X . 7.32 -25.98 11.70
C8 NAG X . 8.29 -25.23 10.79
N2 NAG X . 6.05 -26.03 11.31
O3 NAG X . 5.48 -26.10 8.48
O4 NAG X . 3.08 -27.58 7.80
O5 NAG X . 4.24 -29.23 10.88
O6 NAG X . 3.87 -30.83 8.46
O7 NAG X . 7.73 -26.52 12.72
C1 NAG Y . 27.67 -38.27 52.32
C2 NAG Y . 29.01 -37.81 51.72
C3 NAG Y . 29.98 -37.40 52.84
C4 NAG Y . 29.32 -36.35 53.74
C5 NAG Y . 28.00 -36.90 54.27
C6 NAG Y . 27.25 -35.91 55.15
C7 NAG Y . 30.33 -38.62 49.87
C8 NAG Y . 31.59 -39.42 49.68
N2 NAG Y . 29.58 -38.89 50.94
O3 NAG Y . 31.17 -36.87 52.27
O4 NAG Y . 30.19 -36.03 54.82
O5 NAG Y . 27.12 -37.24 53.17
O6 NAG Y . 26.30 -35.16 54.41
O7 NAG Y . 30.01 -37.75 49.04
C1 NAG Z . 34.16 -43.30 43.39
C2 NAG Z . 35.59 -43.72 43.76
C3 NAG Z . 35.90 -43.31 45.21
C4 NAG Z . 35.62 -41.82 45.40
C5 NAG Z . 34.18 -41.53 45.00
C6 NAG Z . 33.82 -40.05 45.13
C7 NAG Z . 36.93 -45.67 43.24
C8 NAG Z . 37.38 -46.92 43.98
N2 NAG Z . 35.75 -45.16 43.61
O3 NAG Z . 37.26 -43.60 45.50
O4 NAG Z . 35.82 -41.46 46.77
O5 NAG Z . 33.97 -41.90 43.61
O6 NAG Z . 34.00 -39.36 43.90
O7 NAG Z . 37.62 -45.18 42.36
#